data_8UY1
#
_entry.id   8UY1
#
_cell.length_a   117.972
_cell.length_b   151.380
_cell.length_c   188.048
_cell.angle_alpha   90.00
_cell.angle_beta   90.00
_cell.angle_gamma   90.00
#
_symmetry.space_group_name_H-M   'P 21 21 21'
#
loop_
_entity.id
_entity.type
_entity.pdbx_description
1 polymer 'Methylenetetrahydrofolate reductase-like protein'
2 non-polymer 'FLAVIN-ADENINE DINUCLEOTIDE'
3 water water
#
_entity_poly.entity_id   1
_entity_poly.type   'polypeptide(L)'
_entity_poly.pdbx_seq_one_letter_code
;SNAMHIRDMLAEAERTGEPSFSFQYFPPKTAQGVQNLYDRMERMYNYGPKFIDITWGAGGRVAELTCEMVVQAQAYLGLE
TCMHLTCTDMGVERINDALRKAYKAGCTNILALRGDPPRDKEKWEAAKDGFRYAKDLVAHIRKEYGDHFDIGVAGYPEGC
DDNKDEDLLLDHLKEKVDMGAGFIVTQMFYDVDNFLRWVKKVRERGISVPIVPGIMPIATYASFLRRANHMKCKIPEEWM
AKLEPVKNDDVAVREIGKTLVADMCRKILDAGIRHLHFYTMNLAQATRMVLEELNWLPSPDRPLKHALPWKQSLGFGRRG
EDVRPIFWRNRNKSYVARTQDWDEFPNGRWGDSRSPAFGELDAYGVGLTGSNEQNRERWGEPKCIRDIANLFIRYMRKEI
DYLPWSEAPVADEADLIKDELIDLNRRGLITVNSQPAVNGAKSNHPVHGWGPSNGYVYQKAYLEFFVSPELYPEIKRRIE
SHPDLTYHAVTKSGNLETNAQSDGPNAVTWGVFPGKEIFQPTIVERISFLAWKDEAYHLGMEWARCYDAGSPSRVLLEEM
MNTWWLVNIVNNDFHQGNTLFEILKGLEVTDLDKVPETQANGTNGVSNGVKASETSV
;
_entity_poly.pdbx_strand_id   D,A,B,C
#
# COMPACT_ATOMS: atom_id res chain seq x y z
N ASN A 2 -43.77 -0.81 -0.93
CA ASN A 2 -45.10 -0.76 -0.25
C ASN A 2 -45.21 0.55 0.54
N ALA A 3 -46.38 1.20 0.47
CA ALA A 3 -46.59 2.49 1.17
C ALA A 3 -46.65 2.27 2.68
N MET A 4 -45.96 3.10 3.45
CA MET A 4 -45.88 2.97 4.90
C MET A 4 -47.24 2.99 5.53
N HIS A 5 -48.20 3.75 4.99
CA HIS A 5 -49.49 3.86 5.61
C HIS A 5 -50.36 2.69 5.20
N ILE A 6 -50.95 2.00 6.17
CA ILE A 6 -51.76 0.83 5.91
C ILE A 6 -52.96 1.16 5.02
N ARG A 7 -53.52 2.36 5.14
CA ARG A 7 -54.66 2.69 4.34
C ARG A 7 -54.32 2.65 2.86
N ASP A 8 -53.08 3.03 2.51
CA ASP A 8 -52.63 3.05 1.14
C ASP A 8 -52.41 1.62 0.65
N MET A 9 -51.84 0.75 1.50
CA MET A 9 -51.61 -0.64 1.18
C MET A 9 -52.92 -1.36 0.90
N LEU A 10 -53.91 -1.18 1.81
CA LEU A 10 -55.23 -1.76 1.65
C LEU A 10 -55.87 -1.30 0.36
N ALA A 11 -55.62 -0.06 -0.04
CA ALA A 11 -56.29 0.52 -1.18
C ALA A 11 -55.74 -0.05 -2.45
N GLU A 12 -54.43 -0.26 -2.50
CA GLU A 12 -53.79 -0.73 -3.71
C GLU A 12 -53.93 -2.23 -3.80
N ALA A 13 -54.13 -2.88 -2.65
CA ALA A 13 -54.50 -4.29 -2.60
C ALA A 13 -55.90 -4.51 -3.20
N GLU A 14 -56.84 -3.67 -2.76
CA GLU A 14 -58.19 -3.69 -3.31
C GLU A 14 -58.15 -3.42 -4.82
N ARG A 15 -57.13 -2.66 -5.30
CA ARG A 15 -57.03 -2.31 -6.70
C ARG A 15 -56.40 -3.40 -7.55
N THR A 16 -55.19 -3.86 -7.21
CA THR A 16 -54.51 -4.89 -7.98
C THR A 16 -55.20 -6.24 -7.84
N GLY A 17 -55.69 -6.54 -6.63
CA GLY A 17 -56.29 -7.82 -6.30
C GLY A 17 -55.26 -8.81 -5.79
N GLU A 18 -53.97 -8.45 -5.73
CA GLU A 18 -52.91 -9.31 -5.26
C GLU A 18 -53.17 -9.91 -3.88
N PRO A 19 -52.35 -10.91 -3.47
CA PRO A 19 -52.40 -11.46 -2.11
C PRO A 19 -51.86 -10.49 -1.07
N SER A 20 -52.74 -10.00 -0.18
CA SER A 20 -52.36 -9.02 0.80
C SER A 20 -52.82 -9.54 2.15
N PHE A 21 -51.90 -9.72 3.09
CA PHE A 21 -52.29 -10.22 4.41
C PHE A 21 -51.31 -9.79 5.49
N SER A 22 -51.79 -9.82 6.73
CA SER A 22 -51.06 -9.34 7.90
C SER A 22 -51.15 -10.36 9.02
N PHE A 23 -50.24 -10.23 9.99
CA PHE A 23 -50.14 -11.13 11.13
C PHE A 23 -50.21 -10.34 12.42
N GLN A 24 -51.12 -10.74 13.31
CA GLN A 24 -51.21 -10.13 14.62
C GLN A 24 -50.48 -11.01 15.62
N TYR A 25 -49.59 -10.39 16.39
CA TYR A 25 -48.96 -11.08 17.50
C TYR A 25 -49.20 -10.34 18.80
N PHE A 26 -48.96 -11.03 19.93
CA PHE A 26 -49.11 -10.47 21.27
C PHE A 26 -47.80 -10.60 22.05
N PRO A 27 -47.51 -9.69 23.01
CA PRO A 27 -46.33 -9.79 23.88
C PRO A 27 -46.41 -10.99 24.86
N PRO A 28 -45.50 -11.99 24.80
CA PRO A 28 -45.40 -13.04 25.82
C PRO A 28 -44.75 -12.56 27.13
N LYS A 29 -44.99 -13.32 28.21
CA LYS A 29 -44.55 -12.95 29.55
C LYS A 29 -43.11 -13.36 29.77
N THR A 30 -42.73 -14.58 29.38
CA THR A 30 -41.33 -15.00 29.44
C THR A 30 -40.54 -14.22 28.39
N ALA A 31 -39.31 -13.81 28.75
CA ALA A 31 -38.38 -13.22 27.79
C ALA A 31 -37.97 -14.28 26.78
N GLN A 32 -38.06 -15.57 27.16
CA GLN A 32 -37.85 -16.69 26.27
C GLN A 32 -38.90 -16.74 25.17
N GLY A 33 -40.17 -16.69 25.59
CA GLY A 33 -41.29 -16.66 24.66
C GLY A 33 -41.17 -15.50 23.68
N VAL A 34 -40.53 -14.40 24.14
CA VAL A 34 -40.28 -13.23 23.32
C VAL A 34 -39.25 -13.54 22.25
N GLN A 35 -38.18 -14.23 22.64
CA GLN A 35 -37.19 -14.64 21.67
C GLN A 35 -37.74 -15.65 20.66
N ASN A 36 -38.57 -16.59 21.15
CA ASN A 36 -39.21 -17.56 20.28
C ASN A 36 -40.10 -16.86 19.26
N LEU A 37 -40.75 -15.79 19.72
CA LEU A 37 -41.69 -15.04 18.91
C LEU A 37 -40.93 -14.26 17.85
N TYR A 38 -39.79 -13.69 18.22
CA TYR A 38 -38.95 -12.97 17.26
C TYR A 38 -38.44 -13.86 16.16
N ASP A 39 -38.14 -15.12 16.54
CA ASP A 39 -37.72 -16.13 15.58
C ASP A 39 -38.88 -16.52 14.67
N ARG A 40 -40.08 -16.67 15.28
CA ARG A 40 -41.27 -17.07 14.56
C ARG A 40 -41.72 -15.99 13.58
N MET A 41 -41.68 -14.73 14.07
CA MET A 41 -41.89 -13.55 13.26
C MET A 41 -41.00 -13.56 12.02
N GLU A 42 -39.71 -13.84 12.25
CA GLU A 42 -38.71 -13.78 11.19
C GLU A 42 -38.92 -14.92 10.18
N ARG A 43 -39.50 -16.05 10.60
CA ARG A 43 -39.80 -17.13 9.67
C ARG A 43 -41.03 -16.78 8.85
N MET A 44 -42.04 -16.26 9.54
CA MET A 44 -43.31 -15.89 8.93
C MET A 44 -43.13 -14.73 7.95
N TYR A 45 -42.10 -13.89 8.19
CA TYR A 45 -41.67 -12.87 7.25
C TYR A 45 -41.55 -13.38 5.82
N ASN A 46 -41.14 -14.63 5.66
CA ASN A 46 -40.91 -15.18 4.35
C ASN A 46 -42.18 -15.61 3.65
N TYR A 47 -43.28 -15.74 4.39
CA TYR A 47 -44.59 -15.88 3.79
C TYR A 47 -44.94 -14.61 3.00
N GLY A 48 -44.44 -13.46 3.47
CA GLY A 48 -44.61 -12.19 2.81
C GLY A 48 -45.91 -11.49 3.23
N PRO A 49 -46.04 -11.05 4.50
CA PRO A 49 -47.15 -10.20 4.91
C PRO A 49 -46.85 -8.78 4.43
N LYS A 50 -47.87 -7.94 4.41
CA LYS A 50 -47.75 -6.52 4.11
C LYS A 50 -47.43 -5.77 5.41
N PHE A 51 -47.99 -6.23 6.54
CA PHE A 51 -47.65 -5.67 7.83
C PHE A 51 -47.94 -6.68 8.95
N ILE A 52 -47.60 -6.31 10.18
CA ILE A 52 -47.95 -7.09 11.35
C ILE A 52 -48.55 -6.17 12.40
N ASP A 53 -49.28 -6.74 13.34
CA ASP A 53 -49.84 -5.99 14.46
C ASP A 53 -49.17 -6.48 15.72
N ILE A 54 -49.09 -5.61 16.74
CA ILE A 54 -48.67 -6.03 18.07
C ILE A 54 -49.66 -5.46 19.08
N THR A 55 -50.29 -6.34 19.88
CA THR A 55 -51.38 -5.96 20.76
C THR A 55 -50.82 -5.26 21.99
N TRP A 56 -51.70 -4.55 22.69
CA TRP A 56 -51.33 -3.70 23.81
C TRP A 56 -52.13 -4.06 25.05
N GLY A 57 -51.52 -4.73 26.04
CA GLY A 57 -52.16 -5.02 27.31
C GLY A 57 -52.06 -3.86 28.30
N ALA A 58 -52.77 -3.95 29.43
CA ALA A 58 -52.92 -2.85 30.37
C ALA A 58 -51.65 -2.60 31.20
N GLY A 59 -50.89 -3.67 31.52
CA GLY A 59 -49.85 -3.61 32.54
C GLY A 59 -48.60 -2.85 32.07
N GLY A 60 -47.82 -2.39 33.07
CA GLY A 60 -46.69 -1.50 32.87
C GLY A 60 -45.55 -2.08 32.03
N ARG A 61 -45.07 -3.29 32.40
CA ARG A 61 -44.06 -4.02 31.65
C ARG A 61 -44.60 -4.45 30.28
N VAL A 62 -45.90 -4.71 30.14
CA VAL A 62 -46.51 -5.02 28.86
C VAL A 62 -46.30 -3.81 27.93
N ALA A 63 -46.52 -2.60 28.47
CA ALA A 63 -46.42 -1.35 27.71
C ALA A 63 -44.99 -1.14 27.21
N GLU A 64 -44.00 -1.49 28.07
CA GLU A 64 -42.61 -1.31 27.72
C GLU A 64 -42.17 -2.38 26.72
N LEU A 65 -42.56 -3.64 26.97
CA LEU A 65 -42.22 -4.77 26.10
C LEU A 65 -42.75 -4.55 24.68
N THR A 66 -43.99 -4.03 24.60
CA THR A 66 -44.62 -3.76 23.32
C THR A 66 -43.76 -2.80 22.52
N CYS A 67 -43.35 -1.71 23.15
CA CYS A 67 -42.54 -0.68 22.53
C CYS A 67 -41.18 -1.24 22.09
N GLU A 68 -40.57 -2.11 22.90
CA GLU A 68 -39.31 -2.75 22.53
C GLU A 68 -39.50 -3.67 21.32
N MET A 69 -40.65 -4.36 21.28
CA MET A 69 -40.96 -5.35 20.24
C MET A 69 -41.16 -4.65 18.90
N VAL A 70 -41.75 -3.44 18.94
CA VAL A 70 -41.99 -2.63 17.75
C VAL A 70 -40.65 -2.25 17.11
N VAL A 71 -39.70 -1.86 17.96
CA VAL A 71 -38.40 -1.43 17.47
C VAL A 71 -37.72 -2.60 16.74
N GLN A 72 -37.69 -3.73 17.44
CA GLN A 72 -37.17 -4.98 16.92
C GLN A 72 -37.77 -5.31 15.56
N ALA A 73 -39.09 -5.22 15.47
CA ALA A 73 -39.76 -5.64 14.25
C ALA A 73 -39.44 -4.71 13.08
N GLN A 74 -39.41 -3.39 13.35
CA GLN A 74 -39.21 -2.39 12.29
C GLN A 74 -37.76 -2.33 11.80
N ALA A 75 -36.81 -2.29 12.74
CA ALA A 75 -35.42 -2.02 12.45
C ALA A 75 -34.71 -3.29 11.96
N TYR A 76 -34.87 -4.40 12.71
CA TYR A 76 -34.05 -5.60 12.53
C TYR A 76 -34.76 -6.66 11.68
N LEU A 77 -36.00 -7.03 12.05
CA LEU A 77 -36.77 -8.03 11.29
C LEU A 77 -37.28 -7.47 9.96
N GLY A 78 -37.33 -6.12 9.84
CA GLY A 78 -37.67 -5.45 8.60
C GLY A 78 -39.15 -5.59 8.25
N LEU A 79 -40.01 -5.64 9.29
CA LEU A 79 -41.44 -5.89 9.18
C LEU A 79 -42.19 -4.59 9.52
N GLU A 80 -43.02 -4.12 8.58
CA GLU A 80 -43.85 -2.93 8.81
C GLU A 80 -44.88 -3.24 9.90
N THR A 81 -44.77 -2.58 11.06
CA THR A 81 -45.62 -2.89 12.21
C THR A 81 -46.69 -1.83 12.45
N CYS A 82 -47.80 -2.31 13.05
CA CYS A 82 -48.90 -1.50 13.51
C CYS A 82 -49.05 -1.76 15.00
N MET A 83 -48.75 -0.76 15.84
CA MET A 83 -48.79 -0.93 17.29
C MET A 83 -50.20 -0.58 17.74
N HIS A 84 -50.80 -1.47 18.53
CA HIS A 84 -52.07 -1.21 19.18
C HIS A 84 -51.85 -0.26 20.35
N LEU A 85 -52.86 0.57 20.70
CA LEU A 85 -52.78 1.46 21.85
C LEU A 85 -54.16 1.72 22.45
N THR A 86 -54.33 1.49 23.77
CA THR A 86 -55.61 1.62 24.46
C THR A 86 -55.61 2.84 25.38
N CYS A 87 -56.76 3.08 26.03
CA CYS A 87 -56.96 4.11 27.05
C CYS A 87 -57.23 3.48 28.42
N THR A 88 -56.78 2.22 28.58
CA THR A 88 -57.00 1.38 29.76
C THR A 88 -55.83 1.65 30.72
N ASP A 89 -56.12 2.34 31.85
CA ASP A 89 -55.14 2.63 32.90
C ASP A 89 -54.18 3.71 32.39
N MET A 90 -54.63 4.58 31.46
CA MET A 90 -53.70 5.38 30.66
C MET A 90 -53.91 6.86 30.91
N GLY A 91 -52.98 7.46 31.68
CA GLY A 91 -52.68 8.88 31.65
C GLY A 91 -52.25 9.35 30.28
N VAL A 92 -52.39 10.64 30.00
CA VAL A 92 -52.00 11.24 28.72
C VAL A 92 -50.48 11.23 28.59
N GLU A 93 -49.77 11.34 29.72
CA GLU A 93 -48.31 11.24 29.75
C GLU A 93 -47.87 9.85 29.25
N ARG A 94 -48.61 8.83 29.68
CA ARG A 94 -48.31 7.45 29.33
C ARG A 94 -48.56 7.26 27.83
N ILE A 95 -49.63 7.88 27.32
CA ILE A 95 -50.02 7.78 25.92
C ILE A 95 -48.98 8.47 25.06
N ASN A 96 -48.60 9.70 25.42
CA ASN A 96 -47.61 10.48 24.68
C ASN A 96 -46.26 9.78 24.67
N ASP A 97 -45.92 9.08 25.77
CA ASP A 97 -44.73 8.26 25.84
C ASP A 97 -44.80 7.09 24.86
N ALA A 98 -45.88 6.31 24.94
CA ALA A 98 -46.11 5.20 24.02
C ALA A 98 -45.96 5.61 22.54
N LEU A 99 -46.60 6.75 22.21
CA LEU A 99 -46.59 7.28 20.86
C LEU A 99 -45.19 7.74 20.45
N ARG A 100 -44.48 8.40 21.36
CA ARG A 100 -43.11 8.84 21.08
C ARG A 100 -42.19 7.64 20.83
N LYS A 101 -42.41 6.53 21.55
CA LYS A 101 -41.60 5.33 21.37
C LYS A 101 -41.81 4.78 19.97
N ALA A 102 -43.09 4.65 19.59
CA ALA A 102 -43.47 4.10 18.28
C ALA A 102 -42.96 4.99 17.17
N TYR A 103 -42.96 6.30 17.47
CA TYR A 103 -42.49 7.29 16.52
C TYR A 103 -41.02 7.00 16.22
N LYS A 104 -40.23 6.91 17.29
CA LYS A 104 -38.79 6.74 17.16
C LYS A 104 -38.42 5.36 16.67
N ALA A 105 -39.34 4.39 16.77
CA ALA A 105 -39.12 3.08 16.16
C ALA A 105 -39.03 3.19 14.64
N GLY A 106 -39.77 4.12 14.05
CA GLY A 106 -39.95 4.26 12.62
C GLY A 106 -41.37 3.89 12.23
N CYS A 107 -42.26 3.64 13.24
CA CYS A 107 -43.59 3.16 13.00
C CYS A 107 -44.44 4.29 12.43
N THR A 108 -45.40 3.93 11.54
CA THR A 108 -46.28 4.87 10.86
C THR A 108 -47.72 4.40 10.89
N ASN A 109 -48.06 3.44 11.78
CA ASN A 109 -49.36 2.83 11.84
C ASN A 109 -49.75 2.51 13.27
N ILE A 110 -50.91 3.01 13.72
CA ILE A 110 -51.42 2.75 15.07
C ILE A 110 -52.85 2.25 14.99
N LEU A 111 -53.23 1.34 15.89
CA LEU A 111 -54.62 0.93 16.03
C LEU A 111 -55.15 1.55 17.31
N ALA A 112 -56.13 2.47 17.17
CA ALA A 112 -56.63 3.27 18.30
C ALA A 112 -57.83 2.56 18.93
N LEU A 113 -57.62 2.15 20.18
CA LEU A 113 -58.62 1.40 20.92
C LEU A 113 -58.96 2.13 22.23
N ARG A 114 -60.13 1.82 22.78
CA ARG A 114 -60.50 2.26 24.10
C ARG A 114 -59.93 1.28 25.10
N GLY A 115 -60.10 -0.01 24.81
CA GLY A 115 -59.44 -1.09 25.50
C GLY A 115 -60.41 -1.82 26.44
N ASP A 116 -60.27 -3.18 26.45
CA ASP A 116 -60.88 -4.03 27.44
C ASP A 116 -60.30 -3.69 28.80
N PRO A 117 -61.09 -3.77 29.89
CA PRO A 117 -60.56 -3.57 31.24
C PRO A 117 -59.50 -4.59 31.65
N PRO A 118 -58.67 -4.32 32.70
CA PRO A 118 -57.70 -5.29 33.22
C PRO A 118 -58.34 -6.52 33.89
N GLU A 125 -64.72 3.74 30.34
CA GLU A 125 -64.00 2.92 31.37
C GLU A 125 -62.89 3.78 32.02
N ALA A 126 -63.27 4.83 32.77
CA ALA A 126 -62.42 6.02 32.91
C ALA A 126 -61.26 5.77 33.86
N ALA A 127 -60.01 5.94 33.37
CA ALA A 127 -58.80 5.59 34.11
C ALA A 127 -57.85 6.80 34.16
N LYS A 128 -57.56 7.26 35.39
CA LYS A 128 -56.62 8.32 35.66
C LYS A 128 -56.89 9.62 34.91
N ASP A 129 -58.18 9.88 34.61
CA ASP A 129 -58.69 10.94 33.77
C ASP A 129 -57.95 11.01 32.44
N GLY A 130 -57.87 9.86 31.77
CA GLY A 130 -57.41 9.77 30.39
C GLY A 130 -58.54 10.14 29.41
N PHE A 131 -58.74 9.31 28.39
CA PHE A 131 -59.79 9.45 27.41
C PHE A 131 -60.93 8.46 27.71
N ARG A 132 -62.15 8.84 27.32
CA ARG A 132 -63.35 8.05 27.57
C ARG A 132 -63.58 7.05 26.45
N TYR A 133 -63.46 7.51 25.21
CA TYR A 133 -63.74 6.71 24.02
C TYR A 133 -62.49 6.66 23.14
N ALA A 134 -62.49 5.72 22.18
CA ALA A 134 -61.35 5.59 21.28
C ALA A 134 -61.37 6.72 20.25
N LYS A 135 -62.57 7.24 19.93
CA LYS A 135 -62.66 8.43 19.09
C LYS A 135 -61.79 9.57 19.65
N ASP A 136 -61.67 9.68 20.98
CA ASP A 136 -60.91 10.75 21.61
C ASP A 136 -59.40 10.56 21.39
N LEU A 137 -58.97 9.30 21.38
CA LEU A 137 -57.57 8.94 21.15
C LEU A 137 -57.20 9.09 19.67
N VAL A 138 -58.15 8.81 18.74
CA VAL A 138 -57.87 8.97 17.32
C VAL A 138 -57.60 10.44 17.02
N ALA A 139 -58.45 11.30 17.59
CA ALA A 139 -58.33 12.73 17.46
C ALA A 139 -57.07 13.25 18.16
N HIS A 140 -56.72 12.62 19.31
CA HIS A 140 -55.50 12.96 20.03
C HIS A 140 -54.27 12.72 19.15
N ILE A 141 -54.17 11.55 18.53
CA ILE A 141 -53.03 11.17 17.69
C ILE A 141 -52.93 12.11 16.49
N ARG A 142 -54.09 12.37 15.90
CA ARG A 142 -54.16 13.26 14.77
C ARG A 142 -53.66 14.66 15.13
N LYS A 143 -53.99 15.14 16.32
CA LYS A 143 -53.59 16.47 16.76
C LYS A 143 -52.11 16.48 17.12
N GLU A 144 -51.65 15.46 17.83
CA GLU A 144 -50.27 15.39 18.29
C GLU A 144 -49.31 15.24 17.09
N TYR A 145 -49.41 14.14 16.35
CA TYR A 145 -48.44 13.79 15.31
C TYR A 145 -48.94 14.14 13.92
N GLY A 146 -50.01 14.94 13.78
CA GLY A 146 -50.47 15.33 12.46
C GLY A 146 -50.93 14.11 11.65
N ASP A 147 -50.32 13.89 10.46
CA ASP A 147 -50.63 12.73 9.63
C ASP A 147 -49.43 11.79 9.50
N HIS A 148 -48.73 11.56 10.62
CA HIS A 148 -47.55 10.73 10.61
C HIS A 148 -47.99 9.29 10.76
N PHE A 149 -48.82 9.08 11.79
CA PHE A 149 -49.47 7.82 12.04
C PHE A 149 -50.76 7.74 11.24
N ASP A 150 -50.89 6.68 10.44
CA ASP A 150 -52.17 6.23 9.95
C ASP A 150 -52.87 5.44 11.08
N ILE A 151 -54.13 5.78 11.35
CA ILE A 151 -54.85 5.23 12.50
C ILE A 151 -55.90 4.23 12.01
N GLY A 152 -55.93 3.05 12.62
CA GLY A 152 -57.03 2.10 12.40
C GLY A 152 -57.87 1.98 13.66
N VAL A 153 -59.08 1.41 13.53
CA VAL A 153 -59.99 1.26 14.66
C VAL A 153 -60.69 -0.09 14.62
N ALA A 154 -61.24 -0.50 15.77
CA ALA A 154 -61.92 -1.78 15.92
C ALA A 154 -63.29 -1.72 15.26
N GLY A 155 -63.79 -2.88 14.83
CA GLY A 155 -65.15 -3.03 14.34
C GLY A 155 -65.75 -4.37 14.78
N TYR A 156 -67.11 -4.45 14.83
CA TYR A 156 -67.83 -5.56 15.45
C TYR A 156 -69.00 -6.02 14.59
N PRO A 157 -68.79 -6.89 13.57
CA PRO A 157 -69.89 -7.39 12.73
C PRO A 157 -70.97 -8.21 13.41
N GLU A 158 -70.67 -8.83 14.56
CA GLU A 158 -71.67 -9.56 15.33
C GLU A 158 -72.14 -8.78 16.55
N GLY A 159 -71.93 -7.45 16.59
CA GLY A 159 -72.21 -6.63 17.75
C GLY A 159 -71.06 -6.66 18.76
N CYS A 160 -71.06 -5.68 19.68
CA CYS A 160 -70.16 -5.70 20.83
C CYS A 160 -70.75 -6.68 21.84
N ASP A 161 -69.93 -7.21 22.77
CA ASP A 161 -70.36 -8.18 23.77
C ASP A 161 -71.50 -7.57 24.61
N ASP A 162 -71.28 -6.37 25.15
CA ASP A 162 -72.21 -5.66 26.02
C ASP A 162 -73.25 -4.89 25.19
N ASN A 163 -72.80 -4.26 24.07
CA ASN A 163 -73.57 -3.34 23.23
C ASN A 163 -74.19 -4.12 22.05
N LYS A 164 -75.54 -4.29 22.06
CA LYS A 164 -76.32 -4.96 21.04
C LYS A 164 -77.43 -3.98 20.63
N ASP A 165 -76.99 -2.88 20.03
CA ASP A 165 -77.83 -2.04 19.17
C ASP A 165 -77.00 -1.70 17.93
N GLU A 166 -77.26 -2.39 16.82
CA GLU A 166 -76.39 -2.31 15.63
C GLU A 166 -76.39 -0.88 15.07
N ASP A 167 -77.49 -0.13 15.23
CA ASP A 167 -77.63 1.17 14.60
C ASP A 167 -76.80 2.26 15.27
N LEU A 168 -76.77 2.23 16.61
CA LEU A 168 -75.96 3.15 17.40
C LEU A 168 -74.49 2.79 17.33
N LEU A 169 -74.20 1.50 17.20
CA LEU A 169 -72.83 1.03 17.09
C LEU A 169 -72.21 1.59 15.81
N LEU A 170 -72.93 1.51 14.68
CA LEU A 170 -72.46 2.03 13.41
C LEU A 170 -72.33 3.55 13.47
N ASP A 171 -73.13 4.23 14.33
CA ASP A 171 -72.98 5.65 14.59
C ASP A 171 -71.69 5.97 15.31
N HIS A 172 -71.34 5.19 16.31
CA HIS A 172 -70.07 5.36 17.01
C HIS A 172 -68.88 5.05 16.11
N LEU A 173 -69.06 4.06 15.19
CA LEU A 173 -68.06 3.72 14.19
C LEU A 173 -67.83 4.93 13.30
N LYS A 174 -68.94 5.58 12.90
CA LYS A 174 -68.86 6.76 12.08
C LYS A 174 -68.08 7.86 12.80
N GLU A 175 -68.29 7.99 14.12
CA GLU A 175 -67.55 8.95 14.95
C GLU A 175 -66.04 8.69 14.94
N LYS A 176 -65.66 7.45 15.29
CA LYS A 176 -64.26 7.05 15.36
C LYS A 176 -63.54 7.25 14.02
N VAL A 177 -64.23 6.89 12.93
CA VAL A 177 -63.72 7.04 11.57
C VAL A 177 -63.58 8.52 11.22
N ASP A 178 -64.62 9.30 11.54
CA ASP A 178 -64.65 10.72 11.22
C ASP A 178 -63.61 11.53 11.99
N MET A 179 -63.11 11.02 13.12
CA MET A 179 -61.99 11.65 13.84
C MET A 179 -60.66 11.56 13.08
N GLY A 180 -60.59 10.68 12.08
CA GLY A 180 -59.48 10.61 11.15
C GLY A 180 -58.82 9.24 11.12
N ALA A 181 -59.62 8.15 11.21
CA ALA A 181 -59.14 6.80 11.04
C ALA A 181 -59.06 6.51 9.54
N GLY A 182 -58.05 5.73 9.12
CA GLY A 182 -57.84 5.36 7.72
C GLY A 182 -58.43 4.01 7.36
N PHE A 183 -58.72 3.16 8.38
CA PHE A 183 -59.18 1.81 8.15
C PHE A 183 -59.81 1.19 9.41
N ILE A 184 -60.60 0.13 9.19
CA ILE A 184 -61.28 -0.61 10.25
C ILE A 184 -60.77 -2.05 10.25
N VAL A 185 -60.39 -2.56 11.41
CA VAL A 185 -60.04 -3.95 11.59
C VAL A 185 -61.13 -4.56 12.46
N THR A 186 -61.67 -5.71 12.02
CA THR A 186 -62.83 -6.29 12.70
C THR A 186 -62.39 -7.36 13.72
N GLN A 187 -63.32 -7.70 14.61
CA GLN A 187 -63.16 -8.87 15.48
C GLN A 187 -63.25 -10.11 14.62
N MET A 188 -62.78 -11.26 15.14
CA MET A 188 -62.97 -12.57 14.54
C MET A 188 -64.47 -12.87 14.39
N PHE A 189 -64.84 -13.48 13.27
CA PHE A 189 -66.21 -13.97 13.04
C PHE A 189 -66.09 -15.32 12.36
N TYR A 190 -67.18 -16.11 12.40
CA TYR A 190 -67.31 -17.34 11.63
C TYR A 190 -68.59 -17.38 10.79
N ASP A 191 -69.49 -16.37 10.92
CA ASP A 191 -70.66 -16.26 10.07
C ASP A 191 -70.36 -15.25 8.96
N VAL A 192 -70.21 -15.75 7.73
CA VAL A 192 -69.65 -14.95 6.66
C VAL A 192 -70.76 -14.09 6.09
N ASP A 193 -71.93 -14.68 5.83
CA ASP A 193 -73.09 -13.98 5.31
C ASP A 193 -73.41 -12.74 6.16
N ASN A 194 -73.33 -12.91 7.48
CA ASN A 194 -73.53 -11.84 8.43
C ASN A 194 -72.54 -10.70 8.22
N PHE A 195 -71.27 -11.11 7.99
CA PHE A 195 -70.17 -10.16 7.78
C PHE A 195 -70.43 -9.31 6.51
N LEU A 196 -70.71 -9.96 5.38
CA LEU A 196 -70.80 -9.26 4.10
C LEU A 196 -72.06 -8.40 4.06
N ARG A 197 -73.05 -8.79 4.87
CA ARG A 197 -74.22 -7.98 5.13
C ARG A 197 -73.83 -6.73 5.91
N TRP A 198 -73.09 -6.96 6.99
CA TRP A 198 -72.63 -5.90 7.86
C TRP A 198 -71.85 -4.84 7.07
N VAL A 199 -71.02 -5.31 6.12
CA VAL A 199 -70.16 -4.45 5.34
C VAL A 199 -70.99 -3.41 4.56
N LYS A 200 -72.13 -3.88 4.02
CA LYS A 200 -73.00 -3.01 3.28
C LYS A 200 -73.68 -2.01 4.21
N LYS A 201 -73.99 -2.45 5.44
CA LYS A 201 -74.59 -1.59 6.44
C LYS A 201 -73.65 -0.51 6.97
N VAL A 202 -72.35 -0.82 6.95
CA VAL A 202 -71.33 0.15 7.28
C VAL A 202 -71.27 1.20 6.19
N ARG A 203 -71.19 0.78 4.93
CA ARG A 203 -71.16 1.68 3.79
C ARG A 203 -72.42 2.53 3.68
N GLU A 204 -73.55 1.91 4.04
CA GLU A 204 -74.85 2.56 4.13
C GLU A 204 -74.80 3.76 5.08
N ARG A 205 -74.00 3.68 6.15
CA ARG A 205 -73.89 4.78 7.10
C ARG A 205 -72.89 5.86 6.69
N GLY A 206 -72.33 5.77 5.44
CA GLY A 206 -71.39 6.76 4.93
C GLY A 206 -69.99 6.58 5.54
N ILE A 207 -69.59 5.33 5.78
CA ILE A 207 -68.29 4.97 6.29
C ILE A 207 -67.59 4.27 5.14
N SER A 208 -66.67 4.98 4.48
CA SER A 208 -66.09 4.55 3.22
C SER A 208 -64.76 3.82 3.38
N VAL A 209 -64.11 3.90 4.56
CA VAL A 209 -62.75 3.43 4.76
C VAL A 209 -62.60 1.95 4.42
N PRO A 210 -61.40 1.44 4.05
CA PRO A 210 -61.20 0.00 3.87
C PRO A 210 -61.50 -0.82 5.12
N ILE A 211 -62.19 -1.94 4.94
CA ILE A 211 -62.43 -2.90 6.00
C ILE A 211 -61.41 -4.03 5.88
N VAL A 212 -60.97 -4.50 7.06
CA VAL A 212 -59.99 -5.57 7.18
C VAL A 212 -60.60 -6.63 8.09
N PRO A 213 -61.05 -7.78 7.56
CA PRO A 213 -61.63 -8.84 8.39
C PRO A 213 -60.61 -9.46 9.34
N GLY A 214 -61.05 -9.74 10.57
CA GLY A 214 -60.29 -10.53 11.52
C GLY A 214 -60.50 -12.02 11.27
N ILE A 215 -59.45 -12.69 10.75
CA ILE A 215 -59.52 -14.13 10.50
C ILE A 215 -58.75 -14.78 11.62
N MET A 216 -59.40 -15.70 12.35
CA MET A 216 -58.67 -16.58 13.24
C MET A 216 -58.79 -18.01 12.73
N PRO A 217 -57.67 -18.62 12.26
CA PRO A 217 -57.69 -20.00 11.74
C PRO A 217 -57.74 -20.94 12.94
N ILE A 218 -57.94 -22.24 12.67
CA ILE A 218 -58.16 -23.27 13.69
C ILE A 218 -56.84 -24.03 13.91
N ALA A 219 -56.45 -24.23 15.19
CA ALA A 219 -55.28 -24.98 15.60
C ALA A 219 -55.71 -26.18 16.44
N THR A 220 -56.59 -26.01 17.44
CA THR A 220 -57.17 -27.14 18.16
C THR A 220 -58.69 -26.99 18.22
N TYR A 221 -59.38 -28.11 18.45
CA TYR A 221 -60.84 -28.11 18.58
C TYR A 221 -61.23 -27.35 19.85
N ALA A 222 -60.42 -27.47 20.92
CA ALA A 222 -60.69 -26.83 22.19
C ALA A 222 -60.55 -25.30 22.11
N SER A 223 -59.38 -24.85 21.66
CA SER A 223 -59.08 -23.41 21.57
C SER A 223 -60.04 -22.73 20.60
N PHE A 224 -60.45 -23.48 19.54
CA PHE A 224 -61.37 -22.99 18.54
C PHE A 224 -62.71 -22.65 19.21
N LEU A 225 -63.29 -23.66 19.88
CA LEU A 225 -64.61 -23.52 20.47
C LEU A 225 -64.57 -22.57 21.67
N ARG A 226 -63.47 -22.59 22.43
CA ARG A 226 -63.37 -21.81 23.66
C ARG A 226 -63.32 -20.32 23.35
N ARG A 227 -62.42 -19.92 22.44
CA ARG A 227 -62.28 -18.53 22.01
C ARG A 227 -63.53 -18.05 21.28
N ALA A 228 -64.10 -18.91 20.42
CA ALA A 228 -65.29 -18.60 19.65
C ALA A 228 -66.48 -18.33 20.58
N ASN A 229 -66.66 -19.15 21.61
CA ASN A 229 -67.75 -18.99 22.57
C ASN A 229 -67.54 -17.80 23.49
N HIS A 230 -66.29 -17.55 23.83
CA HIS A 230 -65.91 -16.40 24.65
C HIS A 230 -66.23 -15.09 23.92
N MET A 231 -65.97 -15.04 22.60
CA MET A 231 -66.31 -13.87 21.81
C MET A 231 -67.78 -13.88 21.37
N LYS A 232 -68.47 -15.02 21.58
CA LYS A 232 -69.85 -15.19 21.18
C LYS A 232 -69.96 -15.10 19.65
N CYS A 233 -69.18 -15.95 19.00
CA CYS A 233 -69.25 -16.19 17.57
C CYS A 233 -70.37 -17.18 17.23
N LYS A 234 -71.10 -16.84 16.17
CA LYS A 234 -71.98 -17.77 15.50
C LYS A 234 -71.09 -18.72 14.68
N ILE A 235 -71.08 -20.02 15.05
CA ILE A 235 -70.43 -21.08 14.29
C ILE A 235 -71.51 -21.83 13.49
N PRO A 236 -71.39 -21.96 12.15
CA PRO A 236 -72.34 -22.74 11.36
C PRO A 236 -72.42 -24.21 11.76
N GLU A 237 -73.65 -24.77 11.80
CA GLU A 237 -73.88 -26.17 12.10
C GLU A 237 -73.16 -27.08 11.11
N GLU A 238 -72.88 -26.59 9.90
CA GLU A 238 -72.13 -27.32 8.91
C GLU A 238 -70.66 -27.45 9.30
N TRP A 239 -70.13 -26.39 9.92
CA TRP A 239 -68.78 -26.41 10.48
C TRP A 239 -68.71 -27.43 11.62
N MET A 240 -69.70 -27.38 12.51
CA MET A 240 -69.79 -28.25 13.67
C MET A 240 -69.83 -29.71 13.25
N ALA A 241 -70.71 -29.97 12.28
CA ALA A 241 -70.98 -31.30 11.79
C ALA A 241 -69.75 -31.87 11.10
N LYS A 242 -68.95 -31.05 10.42
CA LYS A 242 -67.77 -31.54 9.71
C LYS A 242 -66.61 -31.83 10.67
N LEU A 243 -66.51 -31.07 11.77
CA LEU A 243 -65.46 -31.22 12.77
C LEU A 243 -65.80 -32.26 13.85
N GLU A 244 -67.10 -32.59 13.96
CA GLU A 244 -67.61 -33.42 15.04
C GLU A 244 -66.90 -34.78 15.02
N PRO A 245 -66.92 -35.53 13.90
CA PRO A 245 -66.38 -36.90 13.89
C PRO A 245 -64.91 -37.06 14.25
N VAL A 246 -64.06 -36.07 13.94
CA VAL A 246 -62.63 -36.16 14.24
C VAL A 246 -62.24 -35.16 15.33
N LYS A 247 -63.17 -34.78 16.22
CA LYS A 247 -62.97 -33.72 17.20
C LYS A 247 -61.75 -33.94 18.09
N ASN A 248 -61.47 -35.21 18.46
CA ASN A 248 -60.32 -35.51 19.30
C ASN A 248 -59.00 -35.33 18.55
N ASP A 249 -58.99 -35.74 17.27
CA ASP A 249 -57.81 -35.66 16.45
C ASP A 249 -57.66 -34.24 15.88
N ASP A 250 -56.71 -33.47 16.45
CA ASP A 250 -56.49 -32.08 16.08
C ASP A 250 -55.68 -31.96 14.81
N VAL A 251 -55.08 -33.06 14.31
CA VAL A 251 -54.45 -33.09 13.00
C VAL A 251 -55.56 -33.08 11.95
N ALA A 252 -56.57 -33.94 12.13
CA ALA A 252 -57.74 -33.99 11.24
C ALA A 252 -58.57 -32.70 11.31
N VAL A 253 -58.69 -32.14 12.54
CA VAL A 253 -59.42 -30.91 12.77
C VAL A 253 -58.68 -29.74 12.12
N ARG A 254 -57.35 -29.71 12.16
CA ARG A 254 -56.56 -28.65 11.55
C ARG A 254 -56.63 -28.72 10.03
N GLU A 255 -56.67 -29.92 9.45
CA GLU A 255 -56.70 -30.05 8.00
C GLU A 255 -58.13 -29.87 7.50
N ILE A 256 -59.16 -29.99 8.39
CA ILE A 256 -60.53 -29.67 8.06
C ILE A 256 -60.73 -28.15 8.19
N GLY A 257 -60.35 -27.60 9.35
CA GLY A 257 -60.51 -26.18 9.60
C GLY A 257 -59.61 -25.29 8.76
N LYS A 258 -58.58 -25.88 8.12
CA LYS A 258 -57.89 -25.23 7.02
C LYS A 258 -58.89 -24.83 5.94
N THR A 259 -59.69 -25.80 5.49
CA THR A 259 -60.56 -25.61 4.32
C THR A 259 -61.84 -24.87 4.72
N LEU A 260 -62.30 -24.99 6.00
CA LEU A 260 -63.46 -24.28 6.48
C LEU A 260 -63.21 -22.78 6.46
N VAL A 261 -62.09 -22.36 7.08
CA VAL A 261 -61.71 -20.96 7.22
C VAL A 261 -61.40 -20.37 5.84
N ALA A 262 -60.71 -21.17 5.01
CA ALA A 262 -60.27 -20.74 3.69
C ALA A 262 -61.46 -20.51 2.75
N ASP A 263 -62.50 -21.34 2.88
CA ASP A 263 -63.73 -21.12 2.14
C ASP A 263 -64.38 -19.79 2.54
N MET A 264 -64.31 -19.46 3.83
CA MET A 264 -64.86 -18.22 4.36
C MET A 264 -64.08 -17.04 3.75
N CYS A 265 -62.75 -17.17 3.74
CA CYS A 265 -61.85 -16.19 3.14
C CYS A 265 -62.13 -16.00 1.64
N ARG A 266 -62.36 -17.09 0.91
CA ARG A 266 -62.63 -17.04 -0.52
C ARG A 266 -63.88 -16.21 -0.84
N LYS A 267 -64.90 -16.27 0.04
CA LYS A 267 -66.12 -15.53 -0.18
C LYS A 267 -65.94 -14.07 0.21
N ILE A 268 -65.08 -13.79 1.19
CA ILE A 268 -64.71 -12.43 1.57
C ILE A 268 -63.94 -11.80 0.42
N LEU A 269 -62.99 -12.57 -0.14
CA LEU A 269 -62.15 -12.13 -1.24
C LEU A 269 -62.94 -11.88 -2.51
N ASP A 270 -63.85 -12.80 -2.81
CA ASP A 270 -64.75 -12.65 -3.95
C ASP A 270 -65.51 -11.34 -3.87
N ALA A 271 -65.92 -10.98 -2.64
CA ALA A 271 -66.73 -9.81 -2.42
C ALA A 271 -65.95 -8.51 -2.60
N GLY A 272 -64.65 -8.58 -2.91
CA GLY A 272 -63.83 -7.40 -3.18
C GLY A 272 -62.94 -7.01 -1.99
N ILE A 273 -63.20 -7.57 -0.79
CA ILE A 273 -62.42 -7.30 0.39
C ILE A 273 -61.10 -8.04 0.20
N ARG A 274 -59.98 -7.34 0.07
CA ARG A 274 -58.73 -7.94 -0.41
C ARG A 274 -57.67 -8.17 0.62
N HIS A 275 -57.78 -7.55 1.81
CA HIS A 275 -56.81 -7.80 2.83
C HIS A 275 -57.38 -8.72 3.91
N LEU A 276 -56.54 -9.66 4.37
CA LEU A 276 -56.89 -10.61 5.43
C LEU A 276 -55.88 -10.46 6.58
N HIS A 277 -56.41 -10.20 7.79
CA HIS A 277 -55.62 -10.03 8.99
C HIS A 277 -55.77 -11.26 9.88
N PHE A 278 -54.66 -12.00 10.04
CA PHE A 278 -54.66 -13.28 10.73
C PHE A 278 -54.25 -13.09 12.19
N TYR A 279 -55.06 -13.60 13.12
CA TYR A 279 -54.75 -13.68 14.53
C TYR A 279 -53.91 -14.92 14.78
N THR A 280 -52.58 -14.76 14.79
CA THR A 280 -51.67 -15.90 14.78
C THR A 280 -51.67 -16.57 16.14
N MET A 281 -51.93 -15.79 17.21
CA MET A 281 -51.79 -16.26 18.57
C MET A 281 -50.35 -16.70 18.85
N ASN A 282 -49.39 -16.07 18.15
CA ASN A 282 -47.97 -16.40 18.21
C ASN A 282 -47.72 -17.83 17.71
N LEU A 283 -48.45 -18.23 16.67
CA LEU A 283 -48.34 -19.56 16.07
C LEU A 283 -48.39 -19.46 14.54
N ALA A 284 -47.45 -20.11 13.87
CA ALA A 284 -47.31 -20.03 12.42
C ALA A 284 -48.30 -20.97 11.71
N GLN A 285 -48.48 -22.20 12.21
CA GLN A 285 -48.91 -23.32 11.38
C GLN A 285 -50.39 -23.18 10.97
N ALA A 286 -51.20 -22.72 11.91
CA ALA A 286 -52.64 -22.62 11.68
C ALA A 286 -52.88 -21.63 10.53
N THR A 287 -52.19 -20.48 10.59
CA THR A 287 -52.31 -19.46 9.55
C THR A 287 -51.71 -19.95 8.23
N ARG A 288 -50.52 -20.53 8.34
CA ARG A 288 -49.76 -21.03 7.21
C ARG A 288 -50.59 -22.01 6.36
N MET A 289 -51.30 -22.93 7.01
CA MET A 289 -52.08 -23.92 6.30
C MET A 289 -53.21 -23.27 5.49
N VAL A 290 -53.80 -22.17 6.02
CA VAL A 290 -54.86 -21.46 5.34
C VAL A 290 -54.30 -20.67 4.16
N LEU A 291 -53.13 -20.03 4.36
CA LEU A 291 -52.47 -19.30 3.30
C LEU A 291 -52.06 -20.22 2.16
N GLU A 292 -51.62 -21.45 2.48
CA GLU A 292 -51.34 -22.45 1.47
C GLU A 292 -52.61 -22.90 0.76
N GLU A 293 -53.70 -23.06 1.52
CA GLU A 293 -54.99 -23.42 0.95
C GLU A 293 -55.49 -22.38 -0.05
N LEU A 294 -55.08 -21.11 0.15
CA LEU A 294 -55.42 -20.01 -0.74
C LEU A 294 -54.35 -19.83 -1.82
N ASN A 295 -53.34 -20.73 -1.88
CA ASN A 295 -52.15 -20.55 -2.69
C ASN A 295 -51.61 -19.11 -2.66
N TRP A 296 -51.70 -18.50 -1.48
CA TRP A 296 -51.15 -17.19 -1.22
C TRP A 296 -49.72 -17.27 -0.71
N LEU A 297 -49.27 -18.46 -0.31
CA LEU A 297 -47.89 -18.58 0.13
C LEU A 297 -47.00 -18.57 -1.12
N PRO A 298 -45.76 -18.05 -1.04
CA PRO A 298 -44.88 -17.98 -2.20
C PRO A 298 -44.51 -19.36 -2.72
N SER A 299 -44.19 -19.45 -4.01
CA SER A 299 -43.62 -20.65 -4.60
C SER A 299 -42.34 -20.33 -5.34
N PRO A 300 -41.64 -21.33 -5.93
CA PRO A 300 -40.74 -21.10 -7.07
C PRO A 300 -41.42 -20.37 -8.22
N ASP A 301 -42.68 -20.77 -8.51
CA ASP A 301 -43.45 -20.27 -9.63
C ASP A 301 -43.81 -18.79 -9.43
N ARG A 302 -44.21 -18.41 -8.20
CA ARG A 302 -44.47 -17.03 -7.83
C ARG A 302 -43.66 -16.70 -6.57
N PRO A 303 -42.35 -16.43 -6.72
CA PRO A 303 -41.45 -16.31 -5.56
C PRO A 303 -41.74 -15.03 -4.82
N LEU A 304 -41.11 -14.87 -3.64
CA LEU A 304 -41.22 -13.66 -2.88
C LEU A 304 -40.39 -12.59 -3.58
N LYS A 305 -40.95 -11.41 -3.81
CA LYS A 305 -40.17 -10.40 -4.51
C LYS A 305 -39.24 -9.73 -3.51
N HIS A 306 -38.03 -9.38 -3.97
CA HIS A 306 -37.08 -8.63 -3.16
C HIS A 306 -36.83 -7.25 -3.75
N ALA A 307 -37.04 -6.20 -2.95
CA ALA A 307 -36.72 -4.83 -3.35
C ALA A 307 -35.24 -4.67 -3.71
N LEU A 308 -34.35 -5.26 -2.90
CA LEU A 308 -32.93 -5.09 -3.04
C LEU A 308 -32.24 -6.43 -2.83
N PRO A 309 -30.98 -6.59 -3.28
CA PRO A 309 -30.25 -7.81 -2.99
C PRO A 309 -30.01 -8.09 -1.51
N TRP A 310 -30.36 -7.17 -0.60
CA TRP A 310 -30.31 -7.45 0.82
C TRP A 310 -31.59 -7.01 1.51
N LYS A 311 -31.77 -7.53 2.74
CA LYS A 311 -32.97 -7.33 3.55
C LYS A 311 -32.94 -5.88 4.00
N GLN A 312 -33.91 -5.13 3.50
CA GLN A 312 -33.99 -3.70 3.75
C GLN A 312 -34.58 -3.47 5.15
N SER A 313 -34.02 -2.51 5.87
CA SER A 313 -34.52 -2.11 7.18
C SER A 313 -35.66 -1.12 7.00
N LEU A 314 -36.53 -1.07 8.01
CA LEU A 314 -37.56 -0.04 8.14
C LEU A 314 -37.35 0.74 9.42
N GLY A 315 -36.08 0.86 9.86
CA GLY A 315 -35.77 1.60 11.07
C GLY A 315 -35.99 3.11 10.87
N PHE A 316 -35.55 3.90 11.86
CA PHE A 316 -36.02 5.27 11.99
C PHE A 316 -35.59 6.09 10.77
N GLY A 317 -34.29 6.19 10.49
CA GLY A 317 -33.88 6.91 9.28
C GLY A 317 -33.48 5.97 8.17
N ARG A 318 -34.11 4.79 8.10
CA ARG A 318 -33.64 3.78 7.12
C ARG A 318 -34.67 3.50 6.01
N ARG A 319 -35.63 4.40 5.76
CA ARG A 319 -36.51 4.12 4.64
C ARG A 319 -35.80 4.38 3.31
N GLY A 320 -34.83 5.33 3.32
CA GLY A 320 -34.08 5.74 2.15
C GLY A 320 -32.79 4.97 1.91
N GLU A 321 -32.48 4.00 2.78
CA GLU A 321 -31.22 3.28 2.75
C GLU A 321 -31.29 2.28 1.60
N ASP A 322 -30.47 2.45 0.56
CA ASP A 322 -30.43 1.51 -0.56
C ASP A 322 -29.04 1.28 -1.13
N VAL A 323 -28.00 1.42 -0.30
CA VAL A 323 -26.68 0.94 -0.65
C VAL A 323 -25.94 0.49 0.61
N ARG A 324 -25.30 -0.69 0.51
CA ARG A 324 -24.55 -1.25 1.62
C ARG A 324 -23.27 -1.93 1.15
N PRO A 325 -22.25 -2.10 2.02
CA PRO A 325 -21.14 -3.00 1.71
C PRO A 325 -21.59 -4.45 1.61
N ILE A 326 -20.87 -5.26 0.83
CA ILE A 326 -21.21 -6.67 0.68
C ILE A 326 -20.99 -7.42 1.99
N PHE A 327 -20.23 -6.86 2.95
CA PHE A 327 -19.57 -7.67 3.97
C PHE A 327 -20.57 -8.20 5.00
N TRP A 328 -21.68 -7.48 5.19
CA TRP A 328 -22.78 -7.89 6.04
C TRP A 328 -23.93 -8.44 5.20
N ARG A 329 -23.62 -9.06 4.06
CA ARG A 329 -24.58 -9.82 3.29
C ARG A 329 -25.26 -10.88 4.17
N ASN A 330 -24.51 -11.46 5.12
CA ASN A 330 -25.02 -12.56 5.93
C ASN A 330 -25.16 -12.16 7.38
N ARG A 331 -25.01 -10.87 7.70
CA ARG A 331 -25.19 -10.38 9.04
C ARG A 331 -25.94 -9.06 8.97
N ASN A 332 -27.22 -9.16 8.59
CA ASN A 332 -28.04 -7.99 8.36
C ASN A 332 -28.28 -7.20 9.66
N LYS A 333 -28.86 -7.92 10.62
CA LYS A 333 -29.18 -7.40 11.92
C LYS A 333 -27.95 -6.71 12.50
N SER A 334 -26.79 -7.32 12.31
CA SER A 334 -25.55 -6.75 12.78
C SER A 334 -25.28 -5.35 12.18
N TYR A 335 -25.41 -5.24 10.84
CA TYR A 335 -25.12 -3.99 10.14
C TYR A 335 -26.04 -2.90 10.68
N VAL A 336 -27.30 -3.28 10.91
CA VAL A 336 -28.29 -2.36 11.44
C VAL A 336 -27.85 -1.88 12.83
N ALA A 337 -27.46 -2.84 13.67
CA ALA A 337 -27.01 -2.52 15.01
C ALA A 337 -25.83 -1.54 14.98
N ARG A 338 -24.91 -1.74 14.02
CA ARG A 338 -23.65 -1.00 14.04
C ARG A 338 -23.86 0.40 13.47
N THR A 339 -24.70 0.50 12.45
CA THR A 339 -24.95 1.77 11.77
C THR A 339 -26.12 2.55 12.36
N GLN A 340 -26.75 2.07 13.46
CA GLN A 340 -27.98 2.63 13.98
C GLN A 340 -27.87 4.11 14.34
N ASP A 341 -26.69 4.57 14.80
CA ASP A 341 -26.54 5.93 15.23
C ASP A 341 -26.10 6.81 14.09
N TRP A 342 -26.35 6.42 12.84
CA TRP A 342 -26.01 7.26 11.69
C TRP A 342 -27.10 8.32 11.50
N ASP A 343 -26.72 9.61 11.36
CA ASP A 343 -27.69 10.66 11.10
C ASP A 343 -28.14 10.64 9.63
N GLU A 344 -27.29 10.23 8.69
CA GLU A 344 -27.62 10.10 7.28
C GLU A 344 -27.32 8.67 6.83
N PHE A 345 -28.26 7.99 6.19
CA PHE A 345 -27.99 6.71 5.57
C PHE A 345 -27.56 6.94 4.13
N PRO A 346 -26.69 6.07 3.57
CA PRO A 346 -26.31 6.19 2.16
C PRO A 346 -27.50 5.89 1.23
N ASN A 347 -27.56 6.62 0.12
CA ASN A 347 -28.70 6.56 -0.78
C ASN A 347 -28.20 6.77 -2.21
N GLY A 348 -28.45 5.79 -3.09
CA GLY A 348 -28.16 5.87 -4.50
C GLY A 348 -26.71 5.55 -4.82
N ARG A 349 -25.77 6.18 -4.10
CA ARG A 349 -24.38 5.83 -4.17
C ARG A 349 -23.72 5.96 -2.81
N TRP A 350 -22.61 5.24 -2.64
CA TRP A 350 -21.86 5.35 -1.41
C TRP A 350 -21.05 6.64 -1.41
N GLY A 351 -20.37 6.91 -2.53
CA GLY A 351 -19.64 8.15 -2.72
C GLY A 351 -18.24 8.09 -2.09
N ASP A 352 -17.37 8.99 -2.56
CA ASP A 352 -15.95 8.94 -2.23
C ASP A 352 -15.73 9.64 -0.90
N SER A 353 -16.48 10.71 -0.64
CA SER A 353 -16.28 11.55 0.53
C SER A 353 -16.67 10.83 1.83
N ARG A 354 -17.68 9.94 1.72
CA ARG A 354 -18.23 9.24 2.88
C ARG A 354 -17.12 8.62 3.73
N SER A 355 -17.01 9.05 4.98
CA SER A 355 -16.15 8.43 5.99
C SER A 355 -17.07 7.96 7.11
N PRO A 356 -17.54 6.69 7.00
CA PRO A 356 -18.56 6.16 7.90
C PRO A 356 -18.02 5.67 9.26
N ALA A 357 -18.69 6.01 10.33
CA ALA A 357 -18.16 5.70 11.65
C ALA A 357 -18.90 4.49 12.14
N PHE A 358 -18.44 3.25 11.94
CA PHE A 358 -19.24 2.10 12.35
C PHE A 358 -19.24 1.89 13.86
N GLY A 359 -20.25 1.18 14.36
CA GLY A 359 -20.43 0.96 15.77
C GLY A 359 -19.39 0.03 16.37
N GLU A 360 -19.26 0.13 17.70
CA GLU A 360 -18.40 -0.77 18.48
C GLU A 360 -19.09 -2.13 18.66
N LEU A 361 -18.30 -3.20 18.70
CA LEU A 361 -18.80 -4.56 18.56
C LEU A 361 -19.63 -4.96 19.76
N ASP A 362 -19.00 -4.75 20.91
CA ASP A 362 -19.52 -5.15 22.21
C ASP A 362 -20.67 -4.24 22.58
N ALA A 363 -20.41 -2.92 22.44
CA ALA A 363 -21.33 -1.85 22.80
C ALA A 363 -22.68 -1.99 22.09
N TYR A 364 -22.74 -2.77 20.98
CA TYR A 364 -23.93 -2.91 20.13
C TYR A 364 -24.53 -4.32 20.11
N GLY A 365 -23.93 -5.25 20.87
CA GLY A 365 -24.50 -6.60 20.96
C GLY A 365 -24.48 -7.35 19.63
N VAL A 366 -23.25 -7.43 19.09
CA VAL A 366 -22.94 -8.00 17.78
C VAL A 366 -22.05 -9.21 18.05
N GLY A 367 -22.70 -10.30 18.46
CA GLY A 367 -22.09 -11.46 19.05
C GLY A 367 -22.68 -12.76 18.49
N LEU A 368 -22.24 -13.86 19.09
CA LEU A 368 -22.76 -15.19 18.77
C LEU A 368 -24.13 -15.41 19.37
N THR A 369 -24.92 -16.27 18.73
CA THR A 369 -26.31 -16.55 19.08
C THR A 369 -26.39 -17.81 19.96
N GLY A 370 -27.25 -17.78 21.00
CA GLY A 370 -27.42 -18.93 21.87
C GLY A 370 -26.27 -19.16 22.86
N SER A 371 -26.44 -20.20 23.70
CA SER A 371 -25.50 -20.56 24.76
C SER A 371 -24.20 -21.12 24.19
N ASN A 372 -23.13 -21.08 24.98
CA ASN A 372 -21.93 -21.81 24.62
C ASN A 372 -22.22 -23.29 24.55
N GLU A 373 -22.94 -23.83 25.55
CA GLU A 373 -23.28 -25.25 25.57
C GLU A 373 -23.95 -25.68 24.26
N GLN A 374 -24.84 -24.82 23.76
CA GLN A 374 -25.52 -25.08 22.50
C GLN A 374 -24.60 -24.98 21.29
N ASN A 375 -23.72 -23.97 21.26
CA ASN A 375 -22.85 -23.72 20.11
C ASN A 375 -21.79 -24.80 20.00
N ARG A 376 -21.35 -25.33 21.12
CA ARG A 376 -20.49 -26.50 21.14
C ARG A 376 -21.26 -27.72 20.61
N GLU A 377 -22.56 -27.79 20.91
CA GLU A 377 -23.37 -28.89 20.39
C GLU A 377 -23.45 -28.82 18.87
N ARG A 378 -23.65 -27.59 18.33
CA ARG A 378 -23.74 -27.36 16.90
C ARG A 378 -22.41 -27.66 16.21
N TRP A 379 -21.34 -27.04 16.72
CA TRP A 379 -20.08 -26.96 16.01
C TRP A 379 -19.09 -28.01 16.49
N GLY A 380 -19.38 -28.71 17.61
CA GLY A 380 -18.46 -29.72 18.12
C GLY A 380 -17.19 -29.09 18.72
N GLU A 381 -16.09 -29.87 18.72
CA GLU A 381 -14.84 -29.54 19.35
C GLU A 381 -13.72 -29.72 18.34
N PRO A 382 -13.36 -28.67 17.57
CA PRO A 382 -12.30 -28.78 16.56
C PRO A 382 -10.92 -28.82 17.23
N LYS A 383 -10.08 -29.71 16.80
CA LYS A 383 -8.73 -29.87 17.33
C LYS A 383 -7.70 -29.42 16.32
N CYS A 384 -8.06 -29.45 15.02
CA CYS A 384 -7.18 -29.05 13.94
C CYS A 384 -7.96 -28.26 12.90
N ILE A 385 -7.25 -27.71 11.90
CA ILE A 385 -7.86 -26.84 10.89
C ILE A 385 -8.80 -27.60 9.97
N ARG A 386 -8.53 -28.91 9.79
CA ARG A 386 -9.37 -29.76 8.96
C ARG A 386 -10.78 -29.93 9.50
N ASP A 387 -10.92 -29.89 10.83
CA ASP A 387 -12.20 -30.01 11.48
C ASP A 387 -13.08 -28.79 11.16
N ILE A 388 -12.43 -27.62 11.13
CA ILE A 388 -13.11 -26.38 10.78
C ILE A 388 -13.55 -26.47 9.33
N ALA A 389 -12.63 -26.90 8.46
CA ALA A 389 -12.94 -27.10 7.05
C ALA A 389 -14.20 -27.95 6.87
N ASN A 390 -14.25 -29.07 7.59
CA ASN A 390 -15.37 -30.01 7.53
C ASN A 390 -16.69 -29.36 7.89
N LEU A 391 -16.64 -28.50 8.92
CA LEU A 391 -17.81 -27.84 9.44
C LEU A 391 -18.39 -26.90 8.38
N PHE A 392 -17.48 -26.18 7.70
CA PHE A 392 -17.86 -25.26 6.61
C PHE A 392 -18.45 -26.03 5.43
N ILE A 393 -17.88 -27.20 5.12
CA ILE A 393 -18.38 -28.02 4.03
C ILE A 393 -19.79 -28.51 4.36
N ARG A 394 -20.00 -28.87 5.64
CA ARG A 394 -21.30 -29.30 6.11
C ARG A 394 -22.35 -28.19 6.00
N TYR A 395 -21.94 -26.94 6.26
CA TYR A 395 -22.84 -25.80 6.14
C TYR A 395 -23.28 -25.62 4.67
N MET A 396 -22.27 -25.73 3.77
CA MET A 396 -22.42 -25.60 2.32
C MET A 396 -23.33 -26.65 1.74
N ARG A 397 -23.34 -27.84 2.38
CA ARG A 397 -24.21 -28.92 1.94
C ARG A 397 -25.52 -28.92 2.72
N LYS A 398 -25.85 -27.82 3.42
CA LYS A 398 -27.08 -27.66 4.14
C LYS A 398 -27.21 -28.65 5.31
N GLU A 399 -26.12 -29.23 5.80
CA GLU A 399 -26.18 -30.26 6.82
C GLU A 399 -26.27 -29.65 8.22
N ILE A 400 -25.55 -28.54 8.42
CA ILE A 400 -25.74 -27.69 9.58
C ILE A 400 -26.23 -26.34 9.10
N ASP A 401 -26.90 -25.60 9.99
CA ASP A 401 -27.68 -24.44 9.62
C ASP A 401 -27.07 -23.10 10.03
N TYR A 402 -26.02 -23.11 10.86
CA TYR A 402 -25.41 -21.88 11.33
C TYR A 402 -23.88 -22.03 11.43
N LEU A 403 -23.20 -20.94 11.07
CA LEU A 403 -21.81 -20.73 11.35
C LEU A 403 -21.66 -19.35 11.96
N PRO A 404 -20.58 -19.10 12.72
CA PRO A 404 -20.35 -17.80 13.35
C PRO A 404 -20.54 -16.56 12.48
N TRP A 405 -20.19 -16.69 11.20
CA TRP A 405 -20.15 -15.57 10.27
C TRP A 405 -21.45 -15.42 9.48
N SER A 406 -22.49 -16.24 9.77
CA SER A 406 -23.76 -16.17 9.06
C SER A 406 -24.93 -16.23 10.02
N GLU A 407 -25.79 -15.18 10.00
CA GLU A 407 -27.06 -15.15 10.71
C GLU A 407 -27.97 -16.31 10.30
N ALA A 408 -27.85 -16.82 9.05
CA ALA A 408 -28.75 -17.80 8.48
C ALA A 408 -28.02 -18.98 7.83
N PRO A 409 -28.77 -20.02 7.40
CA PRO A 409 -28.20 -21.08 6.55
C PRO A 409 -27.77 -20.68 5.13
N VAL A 410 -27.07 -21.60 4.49
CA VAL A 410 -26.44 -21.43 3.20
C VAL A 410 -27.47 -20.97 2.16
N ALA A 411 -27.09 -19.99 1.33
CA ALA A 411 -27.91 -19.49 0.23
C ALA A 411 -28.07 -20.49 -0.94
N ASP A 412 -29.06 -20.20 -1.78
CA ASP A 412 -29.25 -20.87 -3.07
C ASP A 412 -28.34 -20.26 -4.13
N GLU A 413 -28.04 -18.95 -4.00
CA GLU A 413 -27.06 -18.25 -4.82
C GLU A 413 -25.69 -18.93 -4.75
N ALA A 414 -25.34 -19.45 -3.56
CA ALA A 414 -24.19 -20.31 -3.32
C ALA A 414 -24.24 -21.69 -4.03
N ASP A 415 -25.47 -22.19 -4.23
CA ASP A 415 -25.67 -23.53 -4.77
C ASP A 415 -25.25 -23.63 -6.24
N LEU A 416 -24.95 -22.48 -6.83
CA LEU A 416 -24.33 -22.35 -8.12
C LEU A 416 -22.87 -22.77 -8.01
N ILE A 417 -22.14 -22.07 -7.12
CA ILE A 417 -20.70 -22.23 -6.98
C ILE A 417 -20.34 -23.10 -5.76
N LYS A 418 -21.24 -24.04 -5.44
CA LYS A 418 -21.20 -24.78 -4.17
C LYS A 418 -19.91 -25.61 -4.06
N ASP A 419 -19.63 -26.34 -5.13
CA ASP A 419 -18.51 -27.25 -5.15
C ASP A 419 -17.18 -26.49 -5.20
N GLU A 420 -17.15 -25.27 -5.69
CA GLU A 420 -15.92 -24.50 -5.78
C GLU A 420 -15.53 -24.03 -4.38
N LEU A 421 -16.54 -23.64 -3.59
CA LEU A 421 -16.36 -23.14 -2.24
C LEU A 421 -16.01 -24.30 -1.30
N ILE A 422 -16.64 -25.47 -1.53
CA ILE A 422 -16.30 -26.67 -0.77
C ILE A 422 -14.83 -27.02 -0.96
N ASP A 423 -14.34 -26.89 -2.21
CA ASP A 423 -12.97 -27.23 -2.52
C ASP A 423 -11.96 -26.26 -1.85
N LEU A 424 -12.35 -24.98 -1.81
CA LEU A 424 -11.55 -23.98 -1.12
C LEU A 424 -11.45 -24.32 0.36
N ASN A 425 -12.56 -24.72 0.98
CA ASN A 425 -12.59 -24.99 2.41
C ASN A 425 -11.76 -26.23 2.71
N ARG A 426 -11.86 -27.26 1.87
CA ARG A 426 -11.15 -28.50 2.15
C ARG A 426 -9.65 -28.31 2.03
N ARG A 427 -9.22 -27.25 1.33
CA ARG A 427 -7.82 -26.90 1.20
C ARG A 427 -7.33 -25.95 2.30
N GLY A 428 -8.24 -25.56 3.21
CA GLY A 428 -7.93 -24.70 4.35
C GLY A 428 -8.17 -23.23 4.10
N LEU A 429 -8.68 -22.87 2.93
CA LEU A 429 -9.08 -21.50 2.65
C LEU A 429 -10.52 -21.37 3.14
N ILE A 430 -10.70 -20.97 4.40
CA ILE A 430 -11.98 -20.98 5.08
C ILE A 430 -12.80 -19.78 4.60
N THR A 431 -13.85 -20.04 3.80
CA THR A 431 -14.61 -19.02 3.08
C THR A 431 -15.74 -18.48 3.97
N VAL A 432 -15.73 -17.18 4.30
CA VAL A 432 -16.75 -16.58 5.18
C VAL A 432 -17.90 -15.95 4.37
N ASN A 433 -17.63 -15.53 3.13
CA ASN A 433 -18.59 -14.76 2.35
C ASN A 433 -18.21 -14.81 0.88
N SER A 434 -19.25 -14.80 -0.01
CA SER A 434 -19.05 -14.85 -1.44
C SER A 434 -20.32 -14.44 -2.20
N GLN A 435 -20.17 -14.17 -3.49
CA GLN A 435 -21.29 -14.09 -4.41
C GLN A 435 -20.77 -14.39 -5.82
N PRO A 436 -21.55 -15.09 -6.66
CA PRO A 436 -21.14 -15.41 -8.02
C PRO A 436 -21.37 -14.19 -8.91
N ALA A 437 -20.70 -14.22 -10.06
CA ALA A 437 -20.86 -13.15 -11.03
C ALA A 437 -22.18 -13.41 -11.76
N VAL A 438 -22.90 -12.35 -12.12
CA VAL A 438 -24.12 -12.41 -12.91
C VAL A 438 -24.00 -11.38 -14.03
N ASN A 439 -24.27 -11.76 -15.29
CA ASN A 439 -24.12 -10.88 -16.41
C ASN A 439 -25.48 -10.66 -17.05
N GLY A 440 -26.35 -9.91 -16.34
CA GLY A 440 -27.57 -9.39 -16.95
C GLY A 440 -28.72 -10.40 -16.91
N ALA A 441 -28.93 -10.98 -15.73
CA ALA A 441 -30.08 -11.83 -15.49
C ALA A 441 -31.33 -10.95 -15.45
N LYS A 442 -32.45 -11.44 -15.97
CA LYS A 442 -33.68 -10.66 -15.89
C LYS A 442 -34.02 -10.41 -14.42
N SER A 443 -34.54 -9.22 -14.14
CA SER A 443 -34.74 -8.78 -12.78
C SER A 443 -35.74 -9.68 -12.03
N ASN A 444 -36.48 -10.53 -12.75
CA ASN A 444 -37.37 -11.52 -12.16
C ASN A 444 -36.75 -12.90 -12.00
N HIS A 445 -35.42 -13.03 -12.11
CA HIS A 445 -34.76 -14.30 -11.95
C HIS A 445 -35.08 -14.87 -10.56
N PRO A 446 -35.44 -16.17 -10.42
CA PRO A 446 -35.83 -16.71 -9.11
C PRO A 446 -34.71 -16.63 -8.07
N VAL A 447 -33.46 -16.67 -8.54
CA VAL A 447 -32.27 -16.64 -7.70
C VAL A 447 -31.68 -15.24 -7.62
N HIS A 448 -31.41 -14.61 -8.77
CA HIS A 448 -30.64 -13.37 -8.86
C HIS A 448 -31.55 -12.13 -8.87
N GLY A 449 -32.86 -12.33 -9.06
CA GLY A 449 -33.76 -11.23 -9.28
C GLY A 449 -33.86 -10.33 -8.04
N TRP A 450 -33.97 -9.05 -8.31
CA TRP A 450 -34.36 -8.07 -7.29
C TRP A 450 -34.86 -6.81 -7.99
N GLY A 451 -35.52 -5.91 -7.26
CA GLY A 451 -35.87 -4.61 -7.80
C GLY A 451 -37.05 -4.64 -8.78
N PRO A 452 -37.32 -3.49 -9.45
CA PRO A 452 -38.47 -3.36 -10.36
C PRO A 452 -38.58 -4.39 -11.48
N SER A 453 -39.77 -4.54 -12.04
CA SER A 453 -39.99 -5.55 -13.05
C SER A 453 -39.40 -5.11 -14.39
N ASN A 454 -39.03 -6.11 -15.18
CA ASN A 454 -38.48 -5.94 -16.52
C ASN A 454 -37.20 -5.14 -16.50
N GLY A 455 -36.37 -5.45 -15.51
CA GLY A 455 -35.02 -4.94 -15.40
C GLY A 455 -34.03 -5.99 -15.83
N TYR A 456 -32.76 -5.68 -15.63
CA TYR A 456 -31.66 -6.61 -15.82
C TYR A 456 -30.68 -6.34 -14.70
N VAL A 457 -30.24 -7.40 -13.99
CA VAL A 457 -29.36 -7.28 -12.84
C VAL A 457 -27.99 -7.87 -13.20
N TYR A 458 -26.94 -7.35 -12.55
CA TYR A 458 -25.55 -7.74 -12.76
C TYR A 458 -24.82 -7.83 -11.42
N GLN A 459 -23.79 -8.69 -11.34
CA GLN A 459 -22.95 -8.82 -10.15
C GLN A 459 -21.51 -9.12 -10.56
N LYS A 460 -20.56 -8.55 -9.81
CA LYS A 460 -19.17 -8.95 -9.89
C LYS A 460 -18.97 -10.11 -8.92
N ALA A 461 -18.11 -11.05 -9.27
CA ALA A 461 -17.84 -12.18 -8.39
C ALA A 461 -17.06 -11.68 -7.16
N TYR A 462 -17.47 -12.14 -5.97
CA TYR A 462 -16.77 -11.78 -4.74
C TYR A 462 -16.40 -13.03 -3.98
N LEU A 463 -15.27 -12.97 -3.27
CA LEU A 463 -14.82 -14.11 -2.47
C LEU A 463 -14.02 -13.57 -1.29
N GLU A 464 -14.28 -14.08 -0.08
CA GLU A 464 -13.71 -13.62 1.16
C GLU A 464 -13.43 -14.83 2.04
N PHE A 465 -12.19 -14.94 2.48
CA PHE A 465 -11.77 -16.14 3.21
C PHE A 465 -10.60 -15.83 4.14
N PHE A 466 -10.49 -16.68 5.17
CA PHE A 466 -9.32 -16.73 6.05
C PHE A 466 -8.24 -17.58 5.41
N VAL A 467 -6.97 -17.17 5.55
CA VAL A 467 -5.88 -18.03 5.10
C VAL A 467 -4.69 -17.92 6.04
N SER A 468 -4.00 -19.07 6.18
CA SER A 468 -2.80 -19.22 6.95
C SER A 468 -1.76 -18.19 6.48
N PRO A 469 -0.97 -17.58 7.38
CA PRO A 469 0.02 -16.57 6.97
C PRO A 469 1.16 -17.19 6.17
N GLU A 470 1.36 -18.51 6.29
CA GLU A 470 2.32 -19.22 5.50
C GLU A 470 1.89 -19.19 4.04
N LEU A 471 0.62 -19.44 3.77
CA LEU A 471 0.17 -19.60 2.40
C LEU A 471 -0.09 -18.21 1.78
N TYR A 472 -0.41 -17.21 2.62
CA TYR A 472 -0.92 -15.93 2.16
C TYR A 472 -0.06 -15.34 1.06
N PRO A 473 1.27 -15.29 1.23
CA PRO A 473 2.17 -14.80 0.19
C PRO A 473 1.90 -15.33 -1.20
N GLU A 474 1.65 -16.64 -1.32
CA GLU A 474 1.44 -17.27 -2.62
C GLU A 474 0.14 -16.78 -3.25
N ILE A 475 -0.89 -16.63 -2.39
CA ILE A 475 -2.19 -16.16 -2.80
C ILE A 475 -2.09 -14.73 -3.34
N LYS A 476 -1.40 -13.86 -2.58
CA LYS A 476 -1.20 -12.48 -2.98
C LYS A 476 -0.51 -12.43 -4.34
N ARG A 477 0.49 -13.29 -4.52
CA ARG A 477 1.26 -13.26 -5.74
C ARG A 477 0.34 -13.56 -6.91
N ARG A 478 -0.46 -14.62 -6.75
CA ARG A 478 -1.36 -15.10 -7.79
C ARG A 478 -2.43 -14.07 -8.15
N ILE A 479 -2.94 -13.37 -7.13
CA ILE A 479 -3.98 -12.40 -7.32
C ILE A 479 -3.43 -11.19 -8.09
N GLU A 480 -2.23 -10.72 -7.74
CA GLU A 480 -1.59 -9.60 -8.40
C GLU A 480 -1.26 -9.88 -9.88
N SER A 481 -1.07 -11.18 -10.19
CA SER A 481 -0.79 -11.65 -11.54
C SER A 481 -2.05 -11.74 -12.40
N HIS A 482 -3.23 -11.36 -11.88
CA HIS A 482 -4.47 -11.24 -12.61
C HIS A 482 -4.92 -9.78 -12.65
N PRO A 483 -5.06 -9.16 -13.84
CA PRO A 483 -5.41 -7.75 -13.91
C PRO A 483 -6.84 -7.44 -13.49
N ASP A 484 -7.76 -8.39 -13.70
CA ASP A 484 -9.16 -8.14 -13.42
C ASP A 484 -9.46 -8.24 -11.94
N LEU A 485 -8.56 -8.81 -11.13
CA LEU A 485 -8.81 -9.00 -9.71
C LEU A 485 -8.31 -7.79 -8.91
N THR A 486 -9.12 -7.36 -7.93
CA THR A 486 -8.69 -6.44 -6.89
C THR A 486 -8.90 -7.14 -5.55
N TYR A 487 -7.98 -6.91 -4.60
CA TYR A 487 -8.13 -7.52 -3.31
C TYR A 487 -7.87 -6.50 -2.21
N HIS A 488 -8.29 -6.89 -1.00
CA HIS A 488 -7.81 -6.29 0.22
C HIS A 488 -7.52 -7.44 1.18
N ALA A 489 -6.38 -7.40 1.83
CA ALA A 489 -5.96 -8.44 2.75
C ALA A 489 -5.63 -7.77 4.08
N VAL A 490 -5.99 -8.39 5.19
CA VAL A 490 -5.73 -7.76 6.45
C VAL A 490 -5.50 -8.80 7.54
N THR A 491 -4.74 -8.40 8.57
CA THR A 491 -4.46 -9.23 9.75
C THR A 491 -5.19 -8.62 10.95
N LYS A 492 -5.44 -9.48 11.95
CA LYS A 492 -6.02 -9.03 13.20
C LYS A 492 -5.14 -7.93 13.78
N SER A 493 -3.82 -8.15 13.60
CA SER A 493 -2.78 -7.25 14.04
C SER A 493 -3.00 -5.82 13.57
N GLY A 494 -3.35 -5.65 12.29
CA GLY A 494 -3.58 -4.30 11.79
C GLY A 494 -3.26 -4.19 10.32
N ASN A 495 -2.07 -4.71 9.96
CA ASN A 495 -1.51 -4.69 8.62
C ASN A 495 -2.57 -4.81 7.51
N LEU A 496 -2.53 -3.91 6.51
CA LEU A 496 -3.45 -3.93 5.40
C LEU A 496 -2.68 -3.89 4.07
N GLU A 497 -2.90 -4.89 3.20
CA GLU A 497 -2.33 -4.92 1.86
C GLU A 497 -3.47 -4.82 0.87
N THR A 498 -3.19 -4.28 -0.33
CA THR A 498 -4.20 -4.17 -1.38
C THR A 498 -3.54 -3.78 -2.70
N ASN A 499 -4.22 -4.06 -3.80
CA ASN A 499 -3.77 -3.65 -5.13
C ASN A 499 -4.77 -2.66 -5.71
N ALA A 500 -5.60 -2.07 -4.84
CA ALA A 500 -6.61 -1.13 -5.24
C ALA A 500 -5.97 0.11 -5.87
N GLN A 501 -6.68 0.72 -6.82
CA GLN A 501 -6.35 2.01 -7.42
C GLN A 501 -6.85 3.21 -6.61
N SER A 502 -7.60 2.99 -5.52
CA SER A 502 -8.26 4.07 -4.83
C SER A 502 -8.74 3.62 -3.46
N ASP A 503 -9.20 4.60 -2.68
CA ASP A 503 -9.97 4.33 -1.49
C ASP A 503 -11.43 3.98 -1.85
N GLY A 504 -11.89 4.56 -2.94
CA GLY A 504 -13.28 4.74 -3.22
C GLY A 504 -14.01 3.41 -3.44
N PRO A 505 -15.35 3.43 -3.39
CA PRO A 505 -16.12 2.17 -3.40
C PRO A 505 -16.10 1.54 -4.79
N ASN A 506 -16.17 0.22 -4.81
CA ASN A 506 -16.27 -0.53 -6.04
C ASN A 506 -17.65 -1.18 -6.07
N ALA A 507 -18.38 -0.96 -7.15
CA ALA A 507 -19.72 -1.53 -7.33
C ALA A 507 -19.62 -3.02 -7.64
N VAL A 508 -20.36 -3.84 -6.92
CA VAL A 508 -20.35 -5.29 -7.17
C VAL A 508 -21.73 -5.86 -7.42
N THR A 509 -22.81 -5.11 -7.21
CA THR A 509 -24.13 -5.52 -7.67
C THR A 509 -24.86 -4.28 -8.19
N TRP A 510 -25.42 -4.34 -9.40
CA TRP A 510 -26.13 -3.20 -9.96
C TRP A 510 -27.22 -3.65 -10.90
N GLY A 511 -28.21 -2.78 -11.14
CA GLY A 511 -29.39 -3.12 -11.92
C GLY A 511 -29.80 -1.97 -12.83
N VAL A 512 -30.20 -2.30 -14.05
CA VAL A 512 -30.73 -1.34 -15.01
C VAL A 512 -32.24 -1.56 -15.01
N PHE A 513 -33.00 -0.49 -14.76
CA PHE A 513 -34.45 -0.58 -14.76
C PHE A 513 -35.00 0.43 -15.73
N PRO A 514 -36.22 0.21 -16.26
CA PRO A 514 -36.80 1.10 -17.26
C PRO A 514 -37.27 2.36 -16.55
N GLY A 515 -37.06 3.51 -17.20
CA GLY A 515 -37.47 4.80 -16.66
C GLY A 515 -36.67 5.24 -15.43
N LYS A 516 -35.58 4.58 -15.10
CA LYS A 516 -34.95 4.78 -13.79
C LYS A 516 -33.46 4.89 -14.00
N GLU A 517 -32.81 5.64 -13.08
CA GLU A 517 -31.36 5.70 -12.97
C GLU A 517 -30.84 4.35 -12.48
N ILE A 518 -29.55 4.13 -12.66
CA ILE A 518 -28.96 2.83 -12.40
C ILE A 518 -29.04 2.61 -10.89
N PHE A 519 -29.53 1.44 -10.50
CA PHE A 519 -29.49 1.02 -9.10
C PHE A 519 -28.15 0.32 -8.85
N GLN A 520 -27.53 0.57 -7.68
CA GLN A 520 -26.27 -0.03 -7.32
C GLN A 520 -26.23 -0.33 -5.83
N PRO A 521 -26.97 -1.35 -5.34
CA PRO A 521 -27.16 -1.56 -3.90
C PRO A 521 -26.01 -2.16 -3.11
N THR A 522 -25.06 -2.82 -3.78
CA THR A 522 -24.00 -3.54 -3.08
C THR A 522 -22.64 -3.02 -3.59
N ILE A 523 -21.77 -2.65 -2.64
CA ILE A 523 -20.44 -2.12 -2.94
C ILE A 523 -19.40 -2.86 -2.11
N VAL A 524 -18.13 -2.57 -2.39
CA VAL A 524 -16.98 -2.99 -1.61
C VAL A 524 -16.13 -1.74 -1.38
N GLU A 525 -15.63 -1.56 -0.15
CA GLU A 525 -14.98 -0.30 0.22
C GLU A 525 -14.12 -0.49 1.46
N ARG A 526 -12.98 0.21 1.52
CA ARG A 526 -11.90 -0.02 2.45
C ARG A 526 -12.26 0.18 3.91
N ILE A 527 -12.80 1.34 4.23
CA ILE A 527 -13.15 1.69 5.60
C ILE A 527 -14.18 0.69 6.14
N SER A 528 -15.12 0.32 5.30
CA SER A 528 -16.15 -0.64 5.65
C SER A 528 -15.59 -2.02 5.92
N PHE A 529 -14.58 -2.38 5.12
CA PHE A 529 -13.90 -3.66 5.27
C PHE A 529 -13.10 -3.69 6.57
N LEU A 530 -12.59 -2.53 6.99
CA LEU A 530 -11.84 -2.47 8.22
C LEU A 530 -12.79 -2.59 9.40
N ALA A 531 -14.00 -2.05 9.25
CA ALA A 531 -15.03 -2.27 10.26
C ALA A 531 -15.42 -3.74 10.34
N TRP A 532 -15.53 -4.38 9.17
CA TRP A 532 -15.96 -5.75 9.06
C TRP A 532 -14.89 -6.70 9.63
N LYS A 533 -13.62 -6.52 9.23
CA LYS A 533 -12.56 -7.40 9.70
C LYS A 533 -12.60 -7.55 11.22
N ASP A 534 -12.86 -6.44 11.96
CA ASP A 534 -12.79 -6.55 13.41
C ASP A 534 -13.91 -7.44 13.92
N GLU A 535 -15.09 -7.29 13.28
CA GLU A 535 -16.22 -8.15 13.60
C GLU A 535 -15.89 -9.60 13.28
N ALA A 536 -15.30 -9.81 12.10
CA ALA A 536 -15.03 -11.16 11.63
C ALA A 536 -14.07 -11.89 12.55
N TYR A 537 -13.00 -11.23 13.02
CA TYR A 537 -12.06 -11.86 13.95
C TYR A 537 -12.74 -12.04 15.30
N HIS A 538 -13.57 -11.06 15.69
CA HIS A 538 -14.23 -11.11 17.00
C HIS A 538 -15.20 -12.29 17.11
N LEU A 539 -15.89 -12.57 16.02
CA LEU A 539 -16.83 -13.69 15.97
C LEU A 539 -16.05 -15.00 16.14
N GLY A 540 -14.94 -15.15 15.39
CA GLY A 540 -14.11 -16.33 15.56
C GLY A 540 -13.53 -16.46 16.96
N MET A 541 -13.33 -15.33 17.65
CA MET A 541 -12.78 -15.32 18.99
C MET A 541 -13.85 -15.66 20.01
N GLU A 542 -15.05 -15.15 19.81
CA GLU A 542 -16.21 -15.50 20.64
C GLU A 542 -16.50 -16.99 20.50
N TRP A 543 -16.23 -17.57 19.33
CA TRP A 543 -16.37 -19.01 19.09
C TRP A 543 -15.37 -19.77 19.96
N ALA A 544 -14.13 -19.31 19.98
CA ALA A 544 -13.10 -19.86 20.84
C ALA A 544 -13.47 -19.81 22.32
N ARG A 545 -14.12 -18.71 22.72
CA ARG A 545 -14.53 -18.52 24.09
C ARG A 545 -15.66 -19.45 24.47
N CYS A 546 -16.33 -20.10 23.49
CA CYS A 546 -17.26 -21.17 23.81
C CYS A 546 -16.62 -22.34 24.55
N TYR A 547 -15.35 -22.59 24.26
CA TYR A 547 -14.60 -23.69 24.82
C TYR A 547 -13.86 -23.27 26.08
N ASP A 548 -13.48 -24.28 26.87
CA ASP A 548 -12.73 -24.11 28.10
C ASP A 548 -11.38 -23.47 27.82
N ALA A 549 -10.88 -22.67 28.77
CA ALA A 549 -9.64 -21.90 28.75
C ALA A 549 -8.43 -22.53 28.05
N GLY A 550 -7.96 -23.72 28.44
CA GLY A 550 -6.75 -24.31 27.88
C GLY A 550 -6.98 -25.23 26.66
N SER A 551 -8.19 -25.23 26.09
CA SER A 551 -8.70 -26.29 25.23
C SER A 551 -7.88 -26.42 23.96
N PRO A 552 -7.84 -27.61 23.30
CA PRO A 552 -7.37 -27.68 21.92
C PRO A 552 -8.22 -26.84 20.97
N SER A 553 -9.54 -26.83 21.19
CA SER A 553 -10.45 -26.04 20.39
C SER A 553 -10.18 -24.56 20.57
N ARG A 554 -10.03 -24.17 21.84
CA ARG A 554 -9.88 -22.79 22.20
C ARG A 554 -8.55 -22.24 21.70
N VAL A 555 -7.47 -22.98 21.96
CA VAL A 555 -6.16 -22.54 21.54
C VAL A 555 -6.07 -22.48 20.03
N LEU A 556 -6.71 -23.47 19.36
CA LEU A 556 -6.66 -23.57 17.91
C LEU A 556 -7.28 -22.30 17.29
N LEU A 557 -8.50 -21.97 17.73
CA LEU A 557 -9.25 -20.84 17.21
C LEU A 557 -8.58 -19.51 17.54
N GLU A 558 -8.14 -19.33 18.80
CA GLU A 558 -7.48 -18.09 19.18
C GLU A 558 -6.20 -17.87 18.38
N GLU A 559 -5.44 -18.96 18.24
CA GLU A 559 -4.26 -18.91 17.40
C GLU A 559 -4.64 -18.44 16.00
N MET A 560 -5.64 -19.13 15.45
CA MET A 560 -6.03 -18.93 14.07
C MET A 560 -6.34 -17.45 13.82
N MET A 561 -7.16 -16.90 14.71
CA MET A 561 -7.64 -15.54 14.54
C MET A 561 -6.50 -14.56 14.68
N ASN A 562 -5.58 -14.82 15.63
CA ASN A 562 -4.49 -13.87 15.85
C ASN A 562 -3.51 -13.78 14.70
N THR A 563 -3.38 -14.90 13.97
CA THR A 563 -2.24 -15.11 13.09
C THR A 563 -2.63 -15.24 11.61
N TRP A 564 -3.92 -15.49 11.30
CA TRP A 564 -4.34 -15.68 9.92
C TRP A 564 -4.78 -14.36 9.30
N TRP A 565 -4.58 -14.31 7.98
CA TRP A 565 -5.06 -13.20 7.17
C TRP A 565 -6.54 -13.39 6.83
N LEU A 566 -7.20 -12.27 6.55
CA LEU A 566 -8.53 -12.24 5.94
C LEU A 566 -8.42 -11.52 4.59
N VAL A 567 -8.73 -12.24 3.52
CA VAL A 567 -8.58 -11.73 2.16
C VAL A 567 -9.97 -11.64 1.54
N ASN A 568 -10.29 -10.46 0.94
CA ASN A 568 -11.45 -10.31 0.08
C ASN A 568 -10.94 -10.12 -1.33
N ILE A 569 -11.72 -10.56 -2.31
CA ILE A 569 -11.29 -10.43 -3.70
C ILE A 569 -12.53 -10.13 -4.54
N VAL A 570 -12.43 -9.10 -5.39
CA VAL A 570 -13.44 -8.79 -6.37
C VAL A 570 -12.86 -9.10 -7.74
N ASN A 571 -13.68 -9.76 -8.55
CA ASN A 571 -13.35 -10.02 -9.94
C ASN A 571 -14.16 -9.02 -10.75
N ASN A 572 -13.47 -7.99 -11.23
CA ASN A 572 -14.07 -6.89 -11.97
C ASN A 572 -14.54 -7.30 -13.35
N ASP A 573 -14.08 -8.49 -13.79
CA ASP A 573 -14.70 -9.15 -14.89
C ASP A 573 -15.97 -9.85 -14.42
N PHE A 574 -17.08 -9.40 -14.96
CA PHE A 574 -18.38 -10.00 -14.67
C PHE A 574 -18.84 -10.80 -15.89
N HIS A 575 -18.04 -10.89 -16.94
CA HIS A 575 -18.33 -11.79 -18.04
C HIS A 575 -17.92 -13.20 -17.67
N GLN A 576 -16.78 -13.34 -16.97
CA GLN A 576 -16.25 -14.62 -16.51
C GLN A 576 -16.02 -14.55 -15.00
N GLY A 577 -16.81 -15.33 -14.22
CA GLY A 577 -16.88 -15.21 -12.77
C GLY A 577 -15.98 -16.20 -12.04
N ASN A 578 -16.02 -17.46 -12.51
CA ASN A 578 -15.21 -18.54 -11.96
C ASN A 578 -13.70 -18.33 -12.06
N THR A 579 -13.25 -17.35 -12.90
CA THR A 579 -11.85 -16.97 -12.93
C THR A 579 -11.19 -17.02 -11.54
N LEU A 580 -11.97 -16.56 -10.54
CA LEU A 580 -11.53 -16.38 -9.18
C LEU A 580 -11.27 -17.70 -8.46
N PHE A 581 -12.13 -18.69 -8.69
CA PHE A 581 -12.00 -20.00 -8.09
C PHE A 581 -10.89 -20.82 -8.75
N GLU A 582 -10.66 -20.57 -10.06
CA GLU A 582 -9.64 -21.25 -10.81
C GLU A 582 -8.26 -20.77 -10.40
N ILE A 583 -8.08 -19.47 -10.20
CA ILE A 583 -6.76 -18.93 -9.95
C ILE A 583 -6.26 -19.36 -8.57
N LEU A 584 -7.15 -19.80 -7.69
CA LEU A 584 -6.77 -20.33 -6.39
C LEU A 584 -6.61 -21.83 -6.35
N LYS A 585 -6.83 -22.53 -7.46
CA LYS A 585 -6.85 -23.98 -7.43
C LYS A 585 -5.41 -24.48 -7.23
N GLY A 586 -5.27 -25.49 -6.37
CA GLY A 586 -4.01 -26.16 -6.11
C GLY A 586 -3.34 -25.67 -4.83
N LEU A 587 -3.72 -24.49 -4.31
CA LEU A 587 -3.13 -24.00 -3.07
C LEU A 587 -3.80 -24.67 -1.89
N GLU A 588 -3.01 -24.97 -0.85
CA GLU A 588 -3.51 -25.70 0.32
C GLU A 588 -2.75 -25.27 1.57
N VAL A 589 -3.44 -25.18 2.71
CA VAL A 589 -2.81 -24.79 3.97
C VAL A 589 -2.07 -26.00 4.57
N THR A 590 -0.96 -25.72 5.26
CA THR A 590 0.17 -26.61 5.39
C THR A 590 -0.15 -27.84 6.22
N ASP A 591 -0.73 -27.70 7.42
CA ASP A 591 -0.81 -28.74 8.44
C ASP A 591 -2.24 -28.81 8.93
N LEU A 592 -3.09 -29.24 8.01
CA LEU A 592 -4.53 -29.23 8.21
C LEU A 592 -4.93 -30.12 9.38
N ASP A 593 -4.19 -31.22 9.58
CA ASP A 593 -4.51 -32.19 10.58
C ASP A 593 -3.75 -31.98 11.88
N LYS A 594 -2.89 -30.95 11.94
CA LYS A 594 -2.06 -30.74 13.11
C LYS A 594 -2.91 -30.26 14.28
N VAL A 595 -2.76 -30.97 15.42
CA VAL A 595 -3.32 -30.60 16.69
C VAL A 595 -2.27 -29.78 17.45
N PRO A 596 -2.65 -28.61 18.02
CA PRO A 596 -1.72 -27.86 18.85
C PRO A 596 -1.52 -28.51 20.23
N GLU A 597 -0.29 -28.96 20.55
CA GLU A 597 0.22 -29.11 21.91
C GLU A 597 0.19 -27.80 22.69
N THR A 598 -0.36 -27.83 23.93
CA THR A 598 -0.50 -26.66 24.82
C THR A 598 0.61 -26.77 25.89
N GLN A 599 1.54 -25.81 25.89
CA GLN A 599 2.92 -25.98 26.37
C GLN A 599 3.08 -25.35 27.77
N SER B 1 31.90 -3.74 26.57
CA SER B 1 32.14 -2.67 27.57
C SER B 1 32.27 -3.27 28.97
N ASN B 2 31.29 -3.04 29.85
CA ASN B 2 31.32 -3.61 31.22
C ASN B 2 31.86 -5.05 31.14
N ALA B 3 31.56 -5.75 30.06
CA ALA B 3 32.03 -7.11 29.88
C ALA B 3 31.52 -8.04 30.99
N MET B 4 30.39 -7.65 31.64
CA MET B 4 29.86 -8.41 32.78
C MET B 4 31.00 -8.44 33.78
N HIS B 5 31.16 -9.49 34.56
CA HIS B 5 32.31 -9.83 35.40
C HIS B 5 33.05 -8.63 35.99
N ILE B 6 32.71 -8.34 37.26
CA ILE B 6 33.27 -7.23 37.99
C ILE B 6 34.78 -7.30 38.05
N ARG B 7 35.36 -8.49 38.16
CA ARG B 7 36.81 -8.57 38.28
C ARG B 7 37.51 -7.96 37.08
N ASP B 8 36.90 -8.10 35.90
CA ASP B 8 37.47 -7.57 34.67
C ASP B 8 37.32 -6.06 34.64
N MET B 9 36.19 -5.55 35.11
CA MET B 9 35.94 -4.11 35.17
C MET B 9 36.94 -3.43 36.08
N LEU B 10 37.14 -3.98 37.28
CA LEU B 10 38.10 -3.51 38.23
C LEU B 10 39.49 -3.49 37.64
N ALA B 11 39.79 -4.48 36.80
CA ALA B 11 41.13 -4.64 36.27
C ALA B 11 41.41 -3.60 35.20
N GLU B 12 40.41 -3.31 34.39
CA GLU B 12 40.59 -2.37 33.30
C GLU B 12 40.50 -0.95 33.80
N ALA B 13 39.80 -0.79 34.94
CA ALA B 13 39.79 0.47 35.67
C ALA B 13 41.17 0.76 36.23
N GLU B 14 41.76 -0.24 36.89
CA GLU B 14 43.12 -0.12 37.42
C GLU B 14 44.10 0.18 36.27
N ARG B 15 43.78 -0.25 35.03
CA ARG B 15 44.67 -0.08 33.89
C ARG B 15 44.54 1.29 33.24
N THR B 16 43.33 1.70 32.82
CA THR B 16 43.14 2.99 32.18
C THR B 16 43.32 4.13 33.18
N GLY B 17 42.90 3.90 34.44
CA GLY B 17 42.96 4.92 35.47
C GLY B 17 41.70 5.78 35.52
N GLU B 18 40.76 5.55 34.60
CA GLU B 18 39.58 6.37 34.43
C GLU B 18 38.62 6.23 35.61
N PRO B 19 37.56 7.06 35.65
CA PRO B 19 36.62 7.03 36.77
C PRO B 19 35.75 5.79 36.81
N SER B 20 35.90 4.99 37.87
CA SER B 20 35.14 3.77 37.99
C SER B 20 34.52 3.71 39.36
N PHE B 21 33.19 3.58 39.44
CA PHE B 21 32.53 3.56 40.74
C PHE B 21 31.20 2.81 40.67
N SER B 22 30.74 2.37 41.85
CA SER B 22 29.53 1.57 42.00
C SER B 22 28.67 2.10 43.14
N PHE B 23 27.39 1.68 43.15
CA PHE B 23 26.42 2.13 44.13
C PHE B 23 25.81 0.91 44.81
N GLN B 24 25.81 0.91 46.14
CA GLN B 24 25.16 -0.14 46.89
C GLN B 24 23.79 0.38 47.34
N TYR B 25 22.76 -0.41 47.08
CA TYR B 25 21.44 -0.11 47.60
C TYR B 25 20.91 -1.29 48.41
N PHE B 26 19.85 -1.03 49.21
CA PHE B 26 19.20 -2.05 50.03
C PHE B 26 17.71 -2.10 49.71
N PRO B 27 17.03 -3.27 49.89
CA PRO B 27 15.58 -3.38 49.71
C PRO B 27 14.77 -2.64 50.78
N PRO B 28 13.97 -1.60 50.45
CA PRO B 28 13.07 -0.95 51.42
C PRO B 28 11.82 -1.78 51.77
N LYS B 29 11.15 -1.41 52.85
CA LYS B 29 10.05 -2.19 53.41
C LYS B 29 8.74 -1.81 52.71
N THR B 30 8.47 -0.52 52.53
CA THR B 30 7.32 -0.08 51.73
C THR B 30 7.58 -0.44 50.27
N ALA B 31 6.52 -0.87 49.57
CA ALA B 31 6.58 -1.04 48.12
C ALA B 31 6.71 0.32 47.44
N GLN B 32 6.26 1.40 48.14
CA GLN B 32 6.45 2.77 47.70
C GLN B 32 7.92 3.14 47.70
N GLY B 33 8.59 2.88 48.84
CA GLY B 33 10.03 3.11 48.96
C GLY B 33 10.81 2.37 47.88
N VAL B 34 10.26 1.22 47.43
CA VAL B 34 10.83 0.43 46.35
C VAL B 34 10.72 1.17 45.02
N GLN B 35 9.53 1.74 44.77
CA GLN B 35 9.36 2.53 43.58
C GLN B 35 10.22 3.78 43.57
N ASN B 36 10.34 4.42 44.74
CA ASN B 36 11.18 5.60 44.87
C ASN B 36 12.63 5.26 44.63
N LEU B 37 13.03 4.05 45.05
CA LEU B 37 14.40 3.58 44.90
C LEU B 37 14.66 3.27 43.44
N TYR B 38 13.69 2.69 42.74
CA TYR B 38 13.83 2.41 41.31
C TYR B 38 14.00 3.68 40.50
N ASP B 39 13.31 4.74 40.94
CA ASP B 39 13.43 6.06 40.34
C ASP B 39 14.80 6.66 40.65
N ARG B 40 15.26 6.47 41.90
CA ARG B 40 16.53 7.03 42.33
C ARG B 40 17.69 6.34 41.64
N MET B 41 17.59 5.00 41.55
CA MET B 41 18.49 4.15 40.77
C MET B 41 18.65 4.68 39.35
N GLU B 42 17.49 4.96 38.73
CA GLU B 42 17.40 5.38 37.34
C GLU B 42 17.99 6.79 37.11
N ARG B 43 17.95 7.62 38.16
CA ARG B 43 18.54 8.95 38.07
C ARG B 43 20.05 8.83 38.23
N MET B 44 20.47 8.01 39.22
CA MET B 44 21.87 7.83 39.52
C MET B 44 22.59 7.12 38.37
N TYR B 45 21.85 6.31 37.59
CA TYR B 45 22.32 5.75 36.35
C TYR B 45 23.07 6.75 35.46
N ASN B 46 22.61 8.00 35.47
CA ASN B 46 23.17 9.00 34.62
C ASN B 46 24.50 9.54 35.12
N TYR B 47 24.82 9.30 36.39
CA TYR B 47 26.16 9.55 36.90
C TYR B 47 27.16 8.64 36.19
N GLY B 48 26.70 7.43 35.81
CA GLY B 48 27.49 6.45 35.11
C GLY B 48 28.31 5.56 36.04
N PRO B 49 27.67 4.70 36.87
CA PRO B 49 28.39 3.68 37.62
C PRO B 49 28.77 2.55 36.67
N LYS B 50 29.70 1.72 37.12
CA LYS B 50 30.08 0.50 36.38
C LYS B 50 29.15 -0.63 36.80
N PHE B 51 28.76 -0.66 38.08
CA PHE B 51 27.77 -1.62 38.56
C PHE B 51 27.09 -1.10 39.81
N ILE B 52 26.11 -1.87 40.30
CA ILE B 52 25.46 -1.59 41.56
C ILE B 52 25.42 -2.86 42.39
N ASP B 53 25.22 -2.72 43.68
CA ASP B 53 25.04 -3.86 44.58
C ASP B 53 23.62 -3.79 45.12
N ILE B 54 23.05 -4.95 45.48
CA ILE B 54 21.81 -5.01 46.25
C ILE B 54 22.02 -5.97 47.40
N THR B 55 21.81 -5.48 48.64
CA THR B 55 22.11 -6.22 49.85
C THR B 55 21.04 -7.28 50.10
N TRP B 56 21.36 -8.26 50.95
CA TRP B 56 20.53 -9.43 51.17
C TRP B 56 20.25 -9.60 52.65
N GLY B 57 19.04 -9.32 53.12
CA GLY B 57 18.68 -9.53 54.53
C GLY B 57 18.25 -10.97 54.81
N ALA B 58 18.07 -11.32 56.09
CA ALA B 58 17.22 -12.45 56.48
C ALA B 58 15.75 -12.00 56.37
N GLY B 59 14.84 -12.96 56.17
CA GLY B 59 13.43 -12.72 55.93
C GLY B 59 13.07 -13.16 54.51
N GLY B 60 12.01 -14.01 54.42
CA GLY B 60 11.61 -14.67 53.17
C GLY B 60 11.18 -13.68 52.09
N ARG B 61 10.40 -12.67 52.48
CA ARG B 61 9.98 -11.57 51.63
C ARG B 61 11.17 -10.73 51.15
N VAL B 62 12.14 -10.52 52.03
CA VAL B 62 13.36 -9.79 51.72
C VAL B 62 14.06 -10.52 50.57
N ALA B 63 14.11 -11.86 50.70
CA ALA B 63 14.75 -12.74 49.71
C ALA B 63 14.10 -12.61 48.33
N GLU B 64 12.76 -12.53 48.31
CA GLU B 64 12.03 -12.45 47.06
C GLU B 64 12.15 -11.04 46.48
N LEU B 65 12.01 -10.01 47.33
CA LEU B 65 12.11 -8.62 46.90
C LEU B 65 13.46 -8.35 46.23
N THR B 66 14.52 -8.88 46.85
CA THR B 66 15.87 -8.70 46.36
C THR B 66 15.96 -9.23 44.93
N CYS B 67 15.46 -10.45 44.73
CA CYS B 67 15.49 -11.11 43.43
C CYS B 67 14.67 -10.33 42.39
N GLU B 68 13.52 -9.78 42.79
CA GLU B 68 12.70 -8.99 41.87
C GLU B 68 13.45 -7.70 41.52
N MET B 69 14.15 -7.12 42.50
CA MET B 69 14.85 -5.86 42.32
C MET B 69 16.02 -6.01 41.35
N VAL B 70 16.68 -7.18 41.40
CA VAL B 70 17.78 -7.50 40.51
C VAL B 70 17.26 -7.57 39.06
N VAL B 71 16.10 -8.17 38.87
CA VAL B 71 15.53 -8.30 37.54
C VAL B 71 15.28 -6.91 36.96
N GLN B 72 14.58 -6.09 37.77
CA GLN B 72 14.30 -4.71 37.44
C GLN B 72 15.56 -3.96 37.01
N ALA B 73 16.60 -4.08 37.82
CA ALA B 73 17.80 -3.32 37.59
C ALA B 73 18.51 -3.76 36.30
N GLN B 74 18.56 -5.08 36.06
CA GLN B 74 19.30 -5.63 34.92
C GLN B 74 18.55 -5.42 33.60
N ALA B 75 17.26 -5.77 33.61
CA ALA B 75 16.45 -5.84 32.41
C ALA B 75 16.01 -4.45 31.92
N TYR B 76 15.45 -3.65 32.85
CA TYR B 76 14.78 -2.41 32.50
C TYR B 76 15.67 -1.18 32.70
N LEU B 77 16.26 -1.04 33.90
CA LEU B 77 17.09 0.11 34.24
C LEU B 77 18.45 0.04 33.55
N GLY B 78 18.83 -1.18 33.11
CA GLY B 78 20.02 -1.39 32.29
C GLY B 78 21.30 -1.23 33.13
N LEU B 79 21.23 -1.61 34.42
CA LEU B 79 22.30 -1.43 35.39
C LEU B 79 22.87 -2.82 35.75
N GLU B 80 24.18 -3.00 35.53
CA GLU B 80 24.86 -4.25 35.86
C GLU B 80 24.83 -4.44 37.38
N THR B 81 24.14 -5.48 37.85
CA THR B 81 23.91 -5.69 39.27
C THR B 81 24.75 -6.83 39.83
N CYS B 82 25.14 -6.66 41.11
CA CYS B 82 25.78 -7.67 41.90
C CYS B 82 24.90 -7.94 43.10
N MET B 83 24.31 -9.13 43.17
CA MET B 83 23.39 -9.48 44.23
C MET B 83 24.21 -10.07 45.37
N HIS B 84 23.99 -9.57 46.58
CA HIS B 84 24.58 -10.16 47.78
C HIS B 84 23.83 -11.46 48.12
N LEU B 85 24.51 -12.41 48.78
CA LEU B 85 23.88 -13.64 49.23
C LEU B 85 24.56 -14.19 50.48
N THR B 86 23.80 -14.44 51.56
CA THR B 86 24.34 -14.87 52.86
C THR B 86 23.98 -16.34 53.11
N CYS B 87 24.42 -16.87 54.26
CA CYS B 87 24.08 -18.20 54.76
C CYS B 87 23.22 -18.11 56.03
N THR B 88 22.57 -16.94 56.23
CA THR B 88 21.80 -16.61 57.40
C THR B 88 20.35 -17.08 57.17
N ASP B 89 19.93 -18.16 57.85
CA ASP B 89 18.60 -18.74 57.74
C ASP B 89 18.43 -19.37 56.36
N MET B 90 19.52 -19.82 55.76
CA MET B 90 19.54 -20.24 54.38
C MET B 90 19.91 -21.73 54.30
N GLY B 91 18.85 -22.53 54.07
CA GLY B 91 19.00 -23.86 53.52
C GLY B 91 19.67 -23.82 52.16
N VAL B 92 20.18 -24.96 51.72
CA VAL B 92 20.84 -25.07 50.44
C VAL B 92 19.83 -24.86 49.30
N GLU B 93 18.59 -25.29 49.52
CA GLU B 93 17.55 -25.11 48.53
C GLU B 93 17.19 -23.65 48.38
N ARG B 94 17.26 -22.90 49.49
CA ARG B 94 17.04 -21.46 49.48
C ARG B 94 18.12 -20.77 48.66
N ILE B 95 19.37 -21.24 48.85
CA ILE B 95 20.53 -20.68 48.17
C ILE B 95 20.42 -20.96 46.67
N ASN B 96 20.14 -22.22 46.31
CA ASN B 96 20.01 -22.62 44.91
C ASN B 96 18.90 -21.88 44.19
N ASP B 97 17.80 -21.58 44.94
CA ASP B 97 16.73 -20.78 44.43
C ASP B 97 17.17 -19.34 44.17
N ALA B 98 17.76 -18.71 45.17
CA ALA B 98 18.27 -17.34 45.05
C ALA B 98 19.20 -17.22 43.84
N LEU B 99 20.12 -18.19 43.69
CA LEU B 99 21.09 -18.18 42.63
C LEU B 99 20.41 -18.38 41.27
N ARG B 100 19.44 -19.28 41.19
CA ARG B 100 18.73 -19.51 39.94
C ARG B 100 17.95 -18.27 39.51
N LYS B 101 17.40 -17.54 40.49
CA LYS B 101 16.67 -16.32 40.18
C LYS B 101 17.62 -15.29 39.59
N ALA B 102 18.79 -15.11 40.24
CA ALA B 102 19.78 -14.14 39.79
C ALA B 102 20.30 -14.51 38.42
N TYR B 103 20.39 -15.83 38.20
CA TYR B 103 20.84 -16.35 36.93
C TYR B 103 19.88 -15.87 35.84
N LYS B 104 18.61 -16.16 36.05
CA LYS B 104 17.57 -15.86 35.08
C LYS B 104 17.34 -14.36 34.93
N ALA B 105 17.74 -13.56 35.94
CA ALA B 105 17.69 -12.11 35.80
C ALA B 105 18.62 -11.62 34.68
N GLY B 106 19.75 -12.30 34.49
CA GLY B 106 20.82 -11.89 33.61
C GLY B 106 22.03 -11.49 34.43
N CYS B 107 22.00 -11.74 35.77
CA CYS B 107 23.06 -11.35 36.66
C CYS B 107 24.26 -12.26 36.45
N THR B 108 25.47 -11.68 36.60
CA THR B 108 26.73 -12.39 36.42
C THR B 108 27.70 -12.08 37.56
N ASN B 109 27.21 -11.50 38.68
CA ASN B 109 28.03 -11.09 39.79
C ASN B 109 27.33 -11.39 41.11
N ILE B 110 27.99 -12.11 42.02
CA ILE B 110 27.46 -12.38 43.36
C ILE B 110 28.47 -11.97 44.41
N LEU B 111 28.02 -11.45 45.56
CA LEU B 111 28.88 -11.23 46.71
C LEU B 111 28.58 -12.30 47.74
N ALA B 112 29.56 -13.18 48.01
CA ALA B 112 29.35 -14.37 48.83
C ALA B 112 29.72 -14.04 50.27
N LEU B 113 28.70 -14.07 51.13
CA LEU B 113 28.81 -13.69 52.52
C LEU B 113 28.36 -14.83 53.43
N ARG B 114 28.80 -14.79 54.68
CA ARG B 114 28.29 -15.68 55.71
C ARG B 114 27.02 -15.05 56.26
N GLY B 115 27.10 -13.76 56.56
CA GLY B 115 25.94 -12.94 56.88
C GLY B 115 25.88 -12.61 58.37
N ASP B 116 25.47 -11.37 58.68
CA ASP B 116 25.08 -10.94 60.00
C ASP B 116 23.87 -11.77 60.45
N PRO B 117 23.74 -12.15 61.74
CA PRO B 117 22.54 -12.81 62.24
C PRO B 117 21.25 -11.99 62.10
N PRO B 118 20.04 -12.59 62.22
CA PRO B 118 18.78 -11.85 62.22
C PRO B 118 18.58 -10.97 63.47
N ARG B 119 17.57 -10.09 63.37
CA ARG B 119 17.36 -8.97 64.30
C ARG B 119 16.90 -9.45 65.67
N ASP B 120 16.30 -10.66 65.70
CA ASP B 120 15.96 -11.36 66.94
C ASP B 120 17.18 -11.99 67.61
N LYS B 121 18.21 -12.35 66.82
CA LYS B 121 19.28 -13.24 67.22
C LYS B 121 20.57 -12.45 67.46
N GLU B 122 21.15 -12.63 68.68
CA GLU B 122 22.49 -12.23 69.01
C GLU B 122 23.49 -13.10 68.24
N LYS B 123 23.45 -14.43 68.46
CA LYS B 123 24.37 -15.38 67.83
C LYS B 123 23.97 -15.68 66.37
N TRP B 124 24.99 -15.87 65.52
CA TRP B 124 24.81 -16.41 64.19
C TRP B 124 24.78 -17.94 64.25
N GLU B 125 23.61 -18.53 64.08
CA GLU B 125 23.44 -19.98 64.00
C GLU B 125 23.25 -20.39 62.55
N ALA B 126 24.09 -21.34 62.05
CA ALA B 126 24.03 -21.80 60.67
C ALA B 126 22.72 -22.57 60.44
N ALA B 127 22.00 -22.16 59.38
CA ALA B 127 20.66 -22.67 59.12
C ALA B 127 20.76 -24.11 58.58
N LYS B 128 19.99 -25.03 59.19
CA LYS B 128 20.18 -26.46 59.02
C LYS B 128 19.97 -26.86 57.55
N ASP B 129 20.87 -27.74 57.07
CA ASP B 129 21.09 -28.01 55.64
C ASP B 129 21.52 -26.72 54.93
N GLY B 130 22.48 -26.00 55.53
CA GLY B 130 23.15 -24.84 54.95
C GLY B 130 24.65 -24.84 55.22
N PHE B 131 25.31 -23.69 55.04
CA PHE B 131 26.76 -23.53 55.09
C PHE B 131 27.19 -22.86 56.39
N ARG B 132 28.43 -23.15 56.81
CA ARG B 132 29.01 -22.57 58.00
C ARG B 132 29.69 -21.24 57.69
N TYR B 133 30.51 -21.25 56.65
CA TYR B 133 31.36 -20.12 56.30
C TYR B 133 31.08 -19.66 54.88
N ALA B 134 31.56 -18.47 54.53
CA ALA B 134 31.32 -17.90 53.20
C ALA B 134 32.22 -18.61 52.19
N LYS B 135 33.40 -19.08 52.64
CA LYS B 135 34.22 -19.90 51.77
C LYS B 135 33.44 -21.10 51.19
N ASP B 136 32.49 -21.65 51.97
CA ASP B 136 31.70 -22.80 51.53
C ASP B 136 30.72 -22.43 50.42
N LEU B 137 30.18 -21.20 50.50
CA LEU B 137 29.25 -20.68 49.50
C LEU B 137 29.99 -20.28 48.22
N VAL B 138 31.23 -19.77 48.34
CA VAL B 138 32.00 -19.39 47.16
C VAL B 138 32.25 -20.63 46.32
N ALA B 139 32.69 -21.69 47.00
CA ALA B 139 32.92 -22.99 46.37
C ALA B 139 31.65 -23.62 45.83
N HIS B 140 30.53 -23.40 46.53
CA HIS B 140 29.24 -23.88 46.09
C HIS B 140 28.86 -23.24 44.74
N ILE B 141 28.96 -21.93 44.64
CA ILE B 141 28.59 -21.21 43.42
C ILE B 141 29.50 -21.67 42.29
N ARG B 142 30.79 -21.78 42.59
CA ARG B 142 31.78 -22.15 41.60
C ARG B 142 31.44 -23.54 41.05
N LYS B 143 31.00 -24.46 41.93
CA LYS B 143 30.70 -25.82 41.51
C LYS B 143 29.40 -25.87 40.71
N GLU B 144 28.38 -25.17 41.22
CA GLU B 144 27.06 -25.19 40.62
C GLU B 144 27.08 -24.50 39.26
N TYR B 145 27.39 -23.21 39.21
CA TYR B 145 27.27 -22.39 38.01
C TYR B 145 28.61 -22.20 37.29
N GLY B 146 29.65 -22.98 37.65
CA GLY B 146 30.90 -22.88 36.93
C GLY B 146 31.51 -21.49 37.05
N ASP B 147 31.82 -20.84 35.93
CA ASP B 147 32.33 -19.48 35.92
C ASP B 147 31.34 -18.48 35.32
N HIS B 148 30.08 -18.62 35.68
CA HIS B 148 29.02 -17.78 35.16
C HIS B 148 28.96 -16.53 36.02
N PHE B 149 28.87 -16.79 37.33
CA PHE B 149 28.94 -15.77 38.35
C PHE B 149 30.39 -15.51 38.70
N ASP B 150 30.79 -14.23 38.61
CA ASP B 150 31.97 -13.73 39.27
C ASP B 150 31.61 -13.49 40.75
N ILE B 151 32.44 -14.02 41.67
CA ILE B 151 32.12 -14.00 43.09
C ILE B 151 33.04 -12.99 43.78
N GLY B 152 32.44 -12.10 44.58
CA GLY B 152 33.20 -11.22 45.47
C GLY B 152 33.03 -11.66 46.91
N VAL B 153 33.93 -11.20 47.79
CA VAL B 153 33.85 -11.50 49.22
C VAL B 153 34.16 -10.26 50.05
N ALA B 154 33.79 -10.32 51.33
CA ALA B 154 33.95 -9.24 52.27
C ALA B 154 35.42 -9.13 52.68
N GLY B 155 35.84 -7.92 53.06
CA GLY B 155 37.14 -7.67 53.69
C GLY B 155 37.01 -6.65 54.81
N TYR B 156 37.92 -6.69 55.80
CA TYR B 156 37.80 -5.91 57.04
C TYR B 156 39.13 -5.25 57.39
N PRO B 157 39.47 -4.05 56.85
CA PRO B 157 40.72 -3.36 57.20
C PRO B 157 40.85 -2.94 58.67
N GLU B 158 39.72 -2.74 59.38
CA GLU B 158 39.75 -2.40 60.79
C GLU B 158 39.44 -3.59 61.69
N GLY B 159 39.52 -4.81 61.17
CA GLY B 159 39.11 -6.01 61.87
C GLY B 159 37.59 -6.24 61.84
N CYS B 160 37.20 -7.49 62.16
CA CYS B 160 35.79 -7.83 62.41
C CYS B 160 35.48 -7.34 63.83
N ASP B 161 34.19 -7.09 64.13
CA ASP B 161 33.75 -6.62 65.45
C ASP B 161 34.17 -7.61 66.54
N ASP B 162 33.91 -8.90 66.28
CA ASP B 162 34.22 -10.03 67.16
C ASP B 162 35.68 -10.47 67.07
N ASN B 163 36.21 -10.57 65.83
CA ASN B 163 37.53 -11.11 65.50
C ASN B 163 38.49 -9.95 65.27
N LYS B 164 39.44 -9.70 66.19
CA LYS B 164 40.54 -8.74 66.02
C LYS B 164 41.81 -9.53 66.26
N ASP B 165 42.10 -10.42 65.30
CA ASP B 165 43.42 -10.97 65.07
C ASP B 165 43.70 -10.77 63.59
N GLU B 166 44.53 -9.76 63.23
CA GLU B 166 44.84 -9.41 61.86
C GLU B 166 45.30 -10.62 61.03
N ASP B 167 46.10 -11.48 61.68
CA ASP B 167 46.87 -12.50 61.01
C ASP B 167 45.98 -13.66 60.57
N LEU B 168 45.06 -14.06 61.44
CA LEU B 168 44.15 -15.16 61.19
C LEU B 168 43.01 -14.71 60.27
N LEU B 169 42.66 -13.43 60.34
CA LEU B 169 41.66 -12.86 59.45
C LEU B 169 42.13 -12.96 58.01
N LEU B 170 43.38 -12.52 57.78
CA LEU B 170 43.97 -12.56 56.45
C LEU B 170 44.14 -14.00 55.96
N ASP B 171 44.28 -14.96 56.89
CA ASP B 171 44.28 -16.38 56.56
C ASP B 171 42.94 -16.85 56.01
N HIS B 172 41.88 -16.45 56.70
CA HIS B 172 40.53 -16.81 56.27
C HIS B 172 40.18 -16.11 54.96
N LEU B 173 40.71 -14.89 54.76
CA LEU B 173 40.52 -14.16 53.51
C LEU B 173 41.18 -14.93 52.36
N LYS B 174 42.38 -15.46 52.65
CA LYS B 174 43.08 -16.29 51.68
C LYS B 174 42.24 -17.52 51.32
N GLU B 175 41.57 -18.13 52.31
CA GLU B 175 40.69 -19.26 52.08
C GLU B 175 39.53 -18.92 51.14
N LYS B 176 38.79 -17.86 51.50
CA LYS B 176 37.62 -17.41 50.74
C LYS B 176 37.98 -17.07 49.30
N VAL B 177 39.12 -16.39 49.13
CA VAL B 177 39.63 -16.01 47.81
C VAL B 177 40.04 -17.26 47.03
N ASP B 178 40.76 -18.17 47.69
CA ASP B 178 41.24 -19.39 47.06
C ASP B 178 40.12 -20.32 46.63
N MET B 179 38.93 -20.21 47.24
CA MET B 179 37.78 -20.98 46.77
C MET B 179 37.23 -20.49 45.44
N GLY B 180 37.67 -19.33 44.96
CA GLY B 180 37.43 -18.86 43.60
C GLY B 180 36.73 -17.51 43.56
N ALA B 181 37.07 -16.60 44.48
CA ALA B 181 36.56 -15.25 44.47
C ALA B 181 37.41 -14.43 43.50
N GLY B 182 36.78 -13.48 42.79
CA GLY B 182 37.42 -12.62 41.80
C GLY B 182 37.85 -11.29 42.39
N PHE B 183 37.24 -10.88 43.52
CA PHE B 183 37.48 -9.57 44.08
C PHE B 183 37.01 -9.49 45.55
N ILE B 184 37.53 -8.46 46.24
CA ILE B 184 37.23 -8.19 47.63
C ILE B 184 36.56 -6.83 47.73
N VAL B 185 35.43 -6.75 48.45
CA VAL B 185 34.81 -5.48 48.77
C VAL B 185 34.95 -5.29 50.27
N THR B 186 35.43 -4.11 50.69
CA THR B 186 35.77 -3.88 52.09
C THR B 186 34.59 -3.24 52.83
N GLN B 187 34.66 -3.33 54.14
CA GLN B 187 33.79 -2.56 55.02
C GLN B 187 34.16 -1.09 54.91
N MET B 188 33.25 -0.21 55.33
CA MET B 188 33.51 1.22 55.46
C MET B 188 34.67 1.46 56.44
N PHE B 189 35.52 2.42 56.13
CA PHE B 189 36.58 2.87 57.04
C PHE B 189 36.64 4.38 56.97
N TYR B 190 37.27 5.01 57.98
CA TYR B 190 37.65 6.42 57.94
C TYR B 190 39.13 6.61 58.25
N ASP B 191 39.90 5.56 58.63
CA ASP B 191 41.35 5.62 58.69
C ASP B 191 41.98 5.12 57.39
N VAL B 192 42.52 6.06 56.61
CA VAL B 192 42.96 5.78 55.25
C VAL B 192 44.31 5.12 55.31
N ASP B 193 45.22 5.67 56.10
CA ASP B 193 46.57 5.16 56.23
C ASP B 193 46.55 3.69 56.65
N ASN B 194 45.64 3.36 57.57
CA ASN B 194 45.46 1.99 58.02
C ASN B 194 45.01 1.08 56.88
N PHE B 195 44.12 1.62 56.00
CA PHE B 195 43.61 0.87 54.86
C PHE B 195 44.75 0.53 53.88
N LEU B 196 45.55 1.52 53.50
CA LEU B 196 46.55 1.33 52.45
C LEU B 196 47.68 0.46 52.99
N ARG B 197 47.86 0.48 54.32
CA ARG B 197 48.75 -0.45 54.99
C ARG B 197 48.19 -1.87 54.89
N TRP B 198 46.92 -1.99 55.26
CA TRP B 198 46.22 -3.27 55.22
C TRP B 198 46.33 -3.93 53.83
N VAL B 199 46.21 -3.09 52.77
CA VAL B 199 46.24 -3.57 51.41
C VAL B 199 47.54 -4.30 51.11
N LYS B 200 48.65 -3.74 51.62
CA LYS B 200 49.95 -4.37 51.43
C LYS B 200 50.04 -5.67 52.21
N LYS B 201 49.41 -5.70 53.38
CA LYS B 201 49.40 -6.90 54.23
C LYS B 201 48.56 -8.05 53.63
N VAL B 202 47.55 -7.66 52.85
CA VAL B 202 46.75 -8.60 52.10
C VAL B 202 47.61 -9.18 50.99
N ARG B 203 48.27 -8.33 50.19
CA ARG B 203 49.12 -8.74 49.11
C ARG B 203 50.32 -9.53 49.59
N GLU B 204 50.83 -9.16 50.78
CA GLU B 204 51.88 -9.89 51.47
C GLU B 204 51.50 -11.36 51.68
N ARG B 205 50.20 -11.62 51.93
CA ARG B 205 49.75 -12.98 52.14
C ARG B 205 49.46 -13.76 50.86
N GLY B 206 49.80 -13.19 49.68
CA GLY B 206 49.59 -13.81 48.39
C GLY B 206 48.11 -13.81 47.97
N ILE B 207 47.43 -12.71 48.30
CA ILE B 207 46.04 -12.48 47.92
C ILE B 207 46.08 -11.36 46.89
N SER B 208 45.99 -11.70 45.60
CA SER B 208 46.32 -10.79 44.52
C SER B 208 45.08 -10.10 43.93
N VAL B 209 43.86 -10.59 44.25
CA VAL B 209 42.63 -10.13 43.61
C VAL B 209 42.43 -8.61 43.76
N PRO B 210 41.68 -7.94 42.86
CA PRO B 210 41.38 -6.52 43.04
C PRO B 210 40.59 -6.20 44.32
N ILE B 211 41.02 -5.16 45.05
CA ILE B 211 40.33 -4.67 46.21
C ILE B 211 39.44 -3.48 45.81
N VAL B 212 38.28 -3.41 46.46
CA VAL B 212 37.28 -2.40 46.24
C VAL B 212 36.96 -1.77 47.60
N PRO B 213 37.43 -0.54 47.90
CA PRO B 213 37.14 0.11 49.19
C PRO B 213 35.66 0.44 49.36
N GLY B 214 35.15 0.23 50.57
CA GLY B 214 33.82 0.67 50.97
C GLY B 214 33.84 2.13 51.42
N ILE B 215 33.26 3.01 50.60
CA ILE B 215 33.19 4.43 50.93
C ILE B 215 31.78 4.70 51.38
N MET B 216 31.61 5.24 52.60
CA MET B 216 30.32 5.78 52.98
C MET B 216 30.42 7.29 53.16
N PRO B 217 29.77 8.09 52.27
CA PRO B 217 29.83 9.55 52.35
C PRO B 217 28.91 10.02 53.48
N ILE B 218 28.98 11.30 53.84
CA ILE B 218 28.28 11.88 54.99
C ILE B 218 27.01 12.59 54.51
N ALA B 219 25.87 12.33 55.17
CA ALA B 219 24.57 12.90 54.85
C ALA B 219 24.07 13.74 56.04
N THR B 220 24.11 13.19 57.26
CA THR B 220 23.81 13.94 58.47
C THR B 220 24.89 13.68 59.51
N TYR B 221 24.98 14.59 60.49
CA TYR B 221 25.94 14.46 61.58
C TYR B 221 25.59 13.26 62.44
N ALA B 222 24.28 13.03 62.62
CA ALA B 222 23.77 11.92 63.44
C ALA B 222 24.08 10.56 62.81
N SER B 223 23.63 10.37 61.58
CA SER B 223 23.81 9.12 60.85
C SER B 223 25.29 8.80 60.68
N PHE B 224 26.13 9.85 60.51
CA PHE B 224 27.55 9.70 60.36
C PHE B 224 28.15 9.05 61.60
N LEU B 225 27.90 9.71 62.76
CA LEU B 225 28.48 9.27 64.03
C LEU B 225 27.87 7.93 64.47
N ARG B 226 26.56 7.73 64.19
CA ARG B 226 25.85 6.56 64.68
C ARG B 226 26.34 5.30 63.98
N ARG B 227 26.39 5.34 62.65
CA ARG B 227 26.82 4.22 61.81
C ARG B 227 28.31 3.96 62.01
N ALA B 228 29.12 5.03 62.13
CA ALA B 228 30.54 4.91 62.33
C ALA B 228 30.86 4.22 63.67
N ASN B 229 30.14 4.59 64.73
CA ASN B 229 30.31 3.99 66.06
C ASN B 229 29.82 2.55 66.12
N HIS B 230 28.73 2.27 65.39
CA HIS B 230 28.16 0.94 65.27
C HIS B 230 29.16 -0.03 64.64
N MET B 231 29.84 0.42 63.58
CA MET B 231 30.86 -0.35 62.90
C MET B 231 32.22 -0.26 63.59
N LYS B 232 32.33 0.64 64.59
CA LYS B 232 33.55 0.83 65.36
C LYS B 232 34.66 1.34 64.45
N CYS B 233 34.36 2.44 63.75
CA CYS B 233 35.29 3.15 62.90
C CYS B 233 36.10 4.14 63.74
N LYS B 234 37.41 4.17 63.52
CA LYS B 234 38.25 5.28 63.94
C LYS B 234 37.99 6.45 62.99
N ILE B 235 37.46 7.56 63.55
CA ILE B 235 37.26 8.83 62.86
C ILE B 235 38.41 9.75 63.27
N PRO B 236 39.15 10.35 62.32
CA PRO B 236 40.19 11.33 62.66
C PRO B 236 39.67 12.55 63.44
N GLU B 237 40.47 13.00 64.41
CA GLU B 237 40.15 14.18 65.21
C GLU B 237 40.05 15.42 64.32
N GLU B 238 40.67 15.40 63.15
CA GLU B 238 40.66 16.48 62.18
C GLU B 238 39.26 16.56 61.53
N TRP B 239 38.66 15.39 61.29
CA TRP B 239 37.30 15.29 60.77
C TRP B 239 36.32 15.84 61.80
N MET B 240 36.51 15.42 63.06
CA MET B 240 35.68 15.80 64.18
C MET B 240 35.70 17.31 64.36
N ALA B 241 36.91 17.86 64.35
CA ALA B 241 37.16 19.26 64.59
C ALA B 241 36.55 20.11 63.47
N LYS B 242 36.56 19.61 62.23
CA LYS B 242 36.02 20.37 61.10
C LYS B 242 34.50 20.37 61.09
N LEU B 243 33.87 19.28 61.55
CA LEU B 243 32.41 19.14 61.56
C LEU B 243 31.76 19.71 62.83
N GLU B 244 32.59 19.91 63.88
CA GLU B 244 32.11 20.29 65.18
C GLU B 244 31.32 21.60 65.10
N PRO B 245 31.88 22.71 64.54
CA PRO B 245 31.21 24.01 64.60
C PRO B 245 29.83 24.10 63.94
N VAL B 246 29.60 23.32 62.87
CA VAL B 246 28.32 23.37 62.16
C VAL B 246 27.56 22.06 62.33
N LYS B 247 27.75 21.35 63.44
CA LYS B 247 27.20 20.02 63.68
C LYS B 247 25.67 19.98 63.50
N ASN B 248 24.96 21.04 63.94
CA ASN B 248 23.50 21.07 63.81
C ASN B 248 23.07 21.27 62.37
N ASP B 249 23.79 22.13 61.64
CA ASP B 249 23.50 22.42 60.25
C ASP B 249 24.04 21.32 59.34
N ASP B 250 23.15 20.45 58.85
CA ASP B 250 23.53 19.31 58.02
C ASP B 250 23.79 19.71 56.58
N VAL B 251 23.43 20.94 56.19
CA VAL B 251 23.80 21.51 54.91
C VAL B 251 25.29 21.80 54.92
N ALA B 252 25.74 22.47 55.99
CA ALA B 252 27.16 22.80 56.19
C ALA B 252 27.98 21.52 56.41
N VAL B 253 27.40 20.53 57.12
CA VAL B 253 28.06 19.27 57.40
C VAL B 253 28.22 18.48 56.09
N ARG B 254 27.22 18.52 55.21
CA ARG B 254 27.26 17.79 53.95
C ARG B 254 28.29 18.43 52.99
N GLU B 255 28.41 19.77 53.00
CA GLU B 255 29.37 20.40 52.11
C GLU B 255 30.78 20.31 52.67
N ILE B 256 30.91 20.02 53.99
CA ILE B 256 32.19 19.73 54.62
C ILE B 256 32.58 18.27 54.37
N GLY B 257 31.65 17.37 54.71
CA GLY B 257 31.90 15.93 54.57
C GLY B 257 31.98 15.48 53.11
N LYS B 258 31.52 16.33 52.17
CA LYS B 258 31.86 16.18 50.75
C LYS B 258 33.38 16.11 50.60
N THR B 259 34.06 17.12 51.14
CA THR B 259 35.49 17.30 50.89
C THR B 259 36.32 16.40 51.81
N LEU B 260 35.81 16.03 53.01
CA LEU B 260 36.50 15.12 53.91
C LEU B 260 36.64 13.75 53.27
N VAL B 261 35.50 13.20 52.79
CA VAL B 261 35.44 11.86 52.20
C VAL B 261 36.24 11.82 50.90
N ALA B 262 36.11 12.90 50.11
CA ALA B 262 36.73 13.01 48.81
C ALA B 262 38.25 13.07 48.91
N ASP B 263 38.75 13.72 49.96
CA ASP B 263 40.18 13.72 50.23
C ASP B 263 40.68 12.31 50.53
N MET B 264 39.87 11.53 51.28
CA MET B 264 40.20 10.15 51.59
C MET B 264 40.27 9.31 50.30
N CYS B 265 39.26 9.52 49.44
CA CYS B 265 39.19 8.88 48.12
C CYS B 265 40.41 9.22 47.24
N ARG B 266 40.81 10.50 47.24
CA ARG B 266 41.94 10.95 46.44
C ARG B 266 43.24 10.24 46.81
N LYS B 267 43.42 9.90 48.10
CA LYS B 267 44.60 9.22 48.54
C LYS B 267 44.53 7.73 48.23
N ILE B 268 43.33 7.16 48.22
CA ILE B 268 43.12 5.78 47.81
C ILE B 268 43.42 5.65 46.32
N LEU B 269 42.91 6.64 45.55
CA LEU B 269 43.09 6.68 44.10
C LEU B 269 44.53 6.88 43.71
N ASP B 270 45.21 7.80 44.39
CA ASP B 270 46.62 8.04 44.14
C ASP B 270 47.42 6.76 44.32
N ALA B 271 47.03 5.96 45.34
CA ALA B 271 47.74 4.75 45.66
C ALA B 271 47.56 3.64 44.62
N GLY B 272 46.75 3.85 43.55
CA GLY B 272 46.58 2.90 42.49
C GLY B 272 45.25 2.16 42.57
N ILE B 273 44.56 2.20 43.72
CA ILE B 273 43.26 1.56 43.85
C ILE B 273 42.26 2.41 43.10
N ARG B 274 41.64 1.89 42.03
CA ARG B 274 40.92 2.72 41.12
C ARG B 274 39.41 2.62 41.17
N HIS B 275 38.84 1.64 41.88
CA HIS B 275 37.38 1.57 41.98
C HIS B 275 36.91 1.99 43.36
N LEU B 276 35.80 2.77 43.40
CA LEU B 276 35.18 3.24 44.63
C LEU B 276 33.74 2.76 44.70
N HIS B 277 33.39 2.02 45.78
CA HIS B 277 32.06 1.48 46.00
C HIS B 277 31.37 2.28 47.09
N PHE B 278 30.30 3.00 46.70
CA PHE B 278 29.61 3.93 47.57
C PHE B 278 28.41 3.26 48.23
N TYR B 279 28.31 3.36 49.55
CA TYR B 279 27.13 2.93 50.30
C TYR B 279 26.10 4.06 50.29
N THR B 280 25.16 4.02 49.35
CA THR B 280 24.25 5.15 49.12
C THR B 280 23.24 5.28 50.25
N MET B 281 22.89 4.15 50.90
CA MET B 281 21.80 4.10 51.86
C MET B 281 20.49 4.52 51.22
N ASN B 282 20.35 4.26 49.92
CA ASN B 282 19.19 4.63 49.11
C ASN B 282 19.04 6.15 49.03
N LEU B 283 20.18 6.87 48.97
CA LEU B 283 20.21 8.32 48.90
C LEU B 283 21.26 8.77 47.88
N ALA B 284 20.86 9.67 46.97
CA ALA B 284 21.73 10.10 45.88
C ALA B 284 22.74 11.13 46.36
N GLN B 285 22.32 12.12 47.17
CA GLN B 285 23.00 13.41 47.25
C GLN B 285 24.36 13.32 47.94
N ALA B 286 24.45 12.47 48.97
CA ALA B 286 25.70 12.37 49.73
C ALA B 286 26.79 11.85 48.78
N THR B 287 26.46 10.79 48.03
CA THR B 287 27.40 10.20 47.07
C THR B 287 27.69 11.18 45.93
N ARG B 288 26.60 11.75 45.40
CA ARG B 288 26.66 12.68 44.28
C ARG B 288 27.62 13.85 44.54
N MET B 289 27.57 14.39 45.76
CA MET B 289 28.42 15.52 46.12
C MET B 289 29.89 15.12 46.09
N VAL B 290 30.19 13.87 46.48
CA VAL B 290 31.57 13.37 46.47
C VAL B 290 32.04 13.15 45.03
N LEU B 291 31.16 12.59 44.21
CA LEU B 291 31.48 12.35 42.81
C LEU B 291 31.72 13.66 42.07
N GLU B 292 30.93 14.70 42.40
CA GLU B 292 31.15 16.04 41.85
C GLU B 292 32.48 16.61 42.35
N GLU B 293 32.79 16.39 43.64
CA GLU B 293 34.03 16.86 44.24
C GLU B 293 35.24 16.25 43.56
N LEU B 294 35.07 15.03 43.01
CA LEU B 294 36.13 14.33 42.28
C LEU B 294 36.05 14.62 40.78
N ASN B 295 35.16 15.54 40.35
CA ASN B 295 34.79 15.70 38.95
C ASN B 295 34.73 14.37 38.16
N TRP B 296 34.15 13.36 38.83
CA TRP B 296 33.84 12.09 38.24
C TRP B 296 32.43 12.08 37.67
N LEU B 297 31.62 13.11 37.98
CA LEU B 297 30.35 13.20 37.31
C LEU B 297 30.56 13.64 35.87
N PRO B 298 29.69 13.21 34.92
CA PRO B 298 29.85 13.57 33.52
C PRO B 298 29.63 15.06 33.33
N SER B 299 30.24 15.64 32.30
CA SER B 299 29.91 17.00 31.88
C SER B 299 29.63 17.01 30.38
N PRO B 300 29.27 18.16 29.79
CA PRO B 300 29.49 18.41 28.35
C PRO B 300 30.94 18.17 27.93
N ASP B 301 31.88 18.64 28.78
CA ASP B 301 33.31 18.58 28.54
C ASP B 301 33.83 17.13 28.53
N ARG B 302 33.34 16.29 29.45
CA ARG B 302 33.66 14.87 29.48
C ARG B 302 32.36 14.09 29.56
N PRO B 303 31.61 13.94 28.45
CA PRO B 303 30.24 13.41 28.45
C PRO B 303 30.19 11.95 28.82
N LEU B 304 28.96 11.46 29.11
CA LEU B 304 28.74 10.07 29.44
C LEU B 304 28.80 9.28 28.13
N LYS B 305 29.56 8.20 28.09
CA LYS B 305 29.70 7.42 26.87
C LYS B 305 28.43 6.63 26.52
N HIS B 306 28.07 6.56 25.24
CA HIS B 306 26.96 5.71 24.79
C HIS B 306 27.43 4.56 23.92
N ALA B 307 27.10 3.33 24.33
CA ALA B 307 27.28 2.13 23.50
C ALA B 307 26.57 2.25 22.16
N LEU B 308 25.30 2.66 22.23
CA LEU B 308 24.38 2.61 21.12
C LEU B 308 23.50 3.85 21.20
N PRO B 309 22.85 4.25 20.08
CA PRO B 309 21.88 5.32 20.14
C PRO B 309 20.69 5.11 21.08
N TRP B 310 20.52 3.92 21.67
CA TRP B 310 19.48 3.73 22.68
C TRP B 310 20.01 2.96 23.88
N LYS B 311 19.24 3.00 24.99
CA LYS B 311 19.63 2.45 26.27
C LYS B 311 19.59 0.93 26.14
N GLN B 312 20.75 0.31 26.22
CA GLN B 312 20.88 -1.12 26.03
C GLN B 312 20.41 -1.85 27.29
N SER B 313 19.71 -2.97 27.08
CA SER B 313 19.26 -3.82 28.17
C SER B 313 20.40 -4.77 28.56
N LEU B 314 20.38 -5.20 29.82
CA LEU B 314 21.22 -6.28 30.33
C LEU B 314 20.37 -7.44 30.81
N GLY B 315 19.18 -7.61 30.21
CA GLY B 315 18.27 -8.64 30.62
C GLY B 315 18.80 -10.02 30.16
N PHE B 316 17.99 -11.07 30.33
CA PHE B 316 18.51 -12.42 30.27
C PHE B 316 19.11 -12.72 28.89
N GLY B 317 18.38 -12.57 27.80
CA GLY B 317 19.03 -12.91 26.53
C GLY B 317 19.29 -11.69 25.69
N ARG B 318 19.63 -10.56 26.31
CA ARG B 318 19.74 -9.31 25.52
C ARG B 318 21.17 -8.74 25.49
N ARG B 319 22.16 -9.45 26.02
CA ARG B 319 23.48 -8.84 25.95
C ARG B 319 23.88 -8.56 24.49
N GLY B 320 23.35 -9.36 23.55
CA GLY B 320 23.67 -9.29 22.15
C GLY B 320 22.70 -8.47 21.33
N GLU B 321 21.71 -7.84 22.01
CA GLU B 321 20.69 -7.06 21.35
C GLU B 321 21.31 -5.73 20.91
N ASP B 322 21.41 -5.49 19.60
CA ASP B 322 21.99 -4.27 19.09
C ASP B 322 21.25 -3.74 17.86
N VAL B 323 19.97 -4.03 17.72
CA VAL B 323 19.15 -3.33 16.75
C VAL B 323 17.71 -3.27 17.22
N ARG B 324 17.13 -2.07 17.08
CA ARG B 324 15.77 -1.84 17.49
C ARG B 324 15.07 -0.89 16.53
N PRO B 325 13.73 -0.91 16.45
CA PRO B 325 13.00 0.16 15.75
C PRO B 325 13.19 1.52 16.41
N ILE B 326 13.07 2.60 15.65
CA ILE B 326 13.23 3.94 16.20
C ILE B 326 12.10 4.26 17.18
N PHE B 327 10.99 3.50 17.17
CA PHE B 327 9.74 4.00 17.68
C PHE B 327 9.76 4.05 19.21
N TRP B 328 10.53 3.16 19.85
CA TRP B 328 10.74 3.13 21.27
C TRP B 328 12.09 3.72 21.63
N ARG B 329 12.57 4.68 20.83
CA ARG B 329 13.70 5.52 21.17
C ARG B 329 13.49 6.13 22.54
N ASN B 330 12.25 6.48 22.91
CA ASN B 330 12.01 7.23 24.12
C ASN B 330 11.18 6.42 25.09
N ARG B 331 10.96 5.14 24.80
CA ARG B 331 10.26 4.23 25.68
C ARG B 331 11.03 2.93 25.72
N ASN B 332 12.20 2.99 26.37
CA ASN B 332 13.07 1.84 26.47
C ASN B 332 12.44 0.69 27.27
N LYS B 333 12.12 1.02 28.52
CA LYS B 333 11.52 0.11 29.45
C LYS B 333 10.31 -0.56 28.79
N SER B 334 9.54 0.23 28.03
CA SER B 334 8.39 -0.32 27.34
C SER B 334 8.78 -1.43 26.36
N TYR B 335 9.79 -1.15 25.51
CA TYR B 335 10.21 -2.09 24.47
C TYR B 335 10.65 -3.39 25.14
N VAL B 336 11.37 -3.25 26.26
CA VAL B 336 11.85 -4.40 27.01
C VAL B 336 10.65 -5.21 27.49
N ALA B 337 9.67 -4.51 28.08
CA ALA B 337 8.47 -5.20 28.55
C ALA B 337 7.77 -5.96 27.43
N ARG B 338 7.73 -5.37 26.24
CA ARG B 338 6.93 -5.92 25.16
C ARG B 338 7.66 -7.06 24.48
N THR B 339 8.98 -6.94 24.36
CA THR B 339 9.79 -7.96 23.71
C THR B 339 10.33 -9.02 24.66
N GLN B 340 9.93 -9.00 25.95
CA GLN B 340 10.54 -9.83 26.99
C GLN B 340 10.41 -11.34 26.68
N ASP B 341 9.35 -11.76 26.01
CA ASP B 341 9.15 -13.17 25.76
C ASP B 341 9.83 -13.62 24.46
N TRP B 342 10.80 -12.88 23.96
CA TRP B 342 11.44 -13.22 22.70
C TRP B 342 12.52 -14.26 22.94
N ASP B 343 12.58 -15.28 22.07
CA ASP B 343 13.56 -16.36 22.14
C ASP B 343 14.91 -15.87 21.63
N GLU B 344 14.87 -15.11 20.54
CA GLU B 344 16.03 -14.57 19.86
C GLU B 344 15.87 -13.07 19.77
N PHE B 345 16.81 -12.31 20.31
CA PHE B 345 16.83 -10.87 20.15
C PHE B 345 17.58 -10.52 18.89
N PRO B 346 17.16 -9.47 18.16
CA PRO B 346 17.78 -9.18 16.88
C PRO B 346 19.23 -8.71 17.12
N ASN B 347 20.09 -9.01 16.14
CA ASN B 347 21.52 -8.81 16.30
C ASN B 347 22.14 -8.56 14.93
N GLY B 348 22.75 -7.39 14.75
CA GLY B 348 23.52 -7.06 13.55
C GLY B 348 22.64 -6.56 12.40
N ARG B 349 21.55 -7.28 12.12
CA ARG B 349 20.52 -6.73 11.29
C ARG B 349 19.15 -7.23 11.74
N TRP B 350 18.12 -6.48 11.37
CA TRP B 350 16.76 -6.85 11.69
C TRP B 350 16.32 -7.98 10.77
N GLY B 351 16.59 -7.81 9.47
CA GLY B 351 16.36 -8.84 8.48
C GLY B 351 14.93 -8.78 7.96
N ASP B 352 14.75 -9.32 6.75
CA ASP B 352 13.49 -9.26 6.05
C ASP B 352 12.55 -10.34 6.56
N SER B 353 13.06 -11.51 6.91
CA SER B 353 12.25 -12.64 7.33
C SER B 353 11.54 -12.40 8.67
N ARG B 354 12.21 -11.63 9.52
CA ARG B 354 11.77 -11.40 10.89
C ARG B 354 10.28 -11.00 10.94
N SER B 355 9.51 -11.82 11.66
CA SER B 355 8.13 -11.54 12.01
C SER B 355 8.06 -11.41 13.52
N PRO B 356 8.17 -10.16 14.03
CA PRO B 356 8.26 -9.91 15.47
C PRO B 356 6.89 -9.90 16.16
N ALA B 357 6.77 -10.59 17.29
CA ALA B 357 5.47 -10.73 17.93
C ALA B 357 5.48 -9.86 19.16
N PHE B 358 5.11 -8.58 19.08
CA PHE B 358 5.27 -7.70 20.23
C PHE B 358 4.19 -7.99 21.30
N GLY B 359 4.50 -7.62 22.54
CA GLY B 359 3.67 -7.95 23.68
C GLY B 359 2.39 -7.14 23.70
N GLU B 360 1.38 -7.69 24.40
CA GLU B 360 0.07 -7.08 24.44
C GLU B 360 0.06 -6.02 25.54
N LEU B 361 -0.52 -4.88 25.20
CA LEU B 361 -0.55 -3.72 26.09
C LEU B 361 -1.41 -4.02 27.33
N ASP B 362 -2.63 -4.48 27.04
CA ASP B 362 -3.68 -4.70 28.04
C ASP B 362 -3.31 -5.82 29.01
N ALA B 363 -2.70 -6.91 28.53
CA ALA B 363 -1.91 -7.90 29.26
C ALA B 363 -0.96 -7.28 30.31
N TYR B 364 -0.58 -6.02 30.16
CA TYR B 364 -0.14 -5.09 31.21
C TYR B 364 1.08 -4.33 30.61
N GLY B 365 2.30 -4.84 30.83
CA GLY B 365 3.52 -4.07 30.61
C GLY B 365 3.65 -2.69 31.30
N VAL B 366 4.17 -1.71 30.52
CA VAL B 366 4.48 -0.35 30.94
C VAL B 366 3.53 0.59 30.19
N GLY B 367 2.98 1.57 30.92
CA GLY B 367 2.09 2.62 30.42
C GLY B 367 2.42 3.97 31.06
N LEU B 368 1.41 4.77 31.49
CA LEU B 368 1.64 6.06 32.11
C LEU B 368 2.13 5.93 33.55
N THR B 369 2.95 6.91 33.97
CA THR B 369 3.73 6.83 35.20
C THR B 369 3.02 7.69 36.26
N GLY B 370 2.95 7.18 37.50
CA GLY B 370 2.41 7.96 38.61
C GLY B 370 0.89 8.06 38.59
N SER B 371 0.34 8.79 39.59
CA SER B 371 -1.08 8.93 39.80
C SER B 371 -1.73 9.80 38.73
N ASN B 372 -3.03 9.64 38.54
CA ASN B 372 -3.78 10.60 37.74
C ASN B 372 -3.70 11.98 38.37
N GLU B 373 -3.87 12.07 39.70
CA GLU B 373 -3.83 13.34 40.40
C GLU B 373 -2.52 14.08 40.06
N GLN B 374 -1.42 13.33 40.03
CA GLN B 374 -0.12 13.90 39.68
C GLN B 374 -0.01 14.30 38.21
N ASN B 375 -0.52 13.46 37.30
CA ASN B 375 -0.40 13.69 35.86
C ASN B 375 -1.23 14.88 35.44
N ARG B 376 -2.38 15.07 36.08
CA ARG B 376 -3.16 16.27 35.89
C ARG B 376 -2.42 17.48 36.41
N GLU B 377 -1.65 17.31 37.49
CA GLU B 377 -0.86 18.41 38.00
C GLU B 377 0.20 18.82 36.98
N ARG B 378 0.88 17.82 36.37
CA ARG B 378 1.90 18.07 35.38
C ARG B 378 1.31 18.72 34.12
N TRP B 379 0.27 18.11 33.58
CA TRP B 379 -0.23 18.40 32.25
C TRP B 379 -1.41 19.35 32.27
N GLY B 380 -2.02 19.62 33.44
CA GLY B 380 -3.16 20.51 33.50
C GLY B 380 -4.42 19.90 32.87
N GLU B 381 -5.33 20.78 32.42
CA GLU B 381 -6.63 20.41 31.89
C GLU B 381 -6.82 21.05 30.52
N PRO B 382 -6.40 20.38 29.43
CA PRO B 382 -6.52 20.93 28.08
C PRO B 382 -7.97 20.89 27.61
N LYS B 383 -8.47 21.99 27.07
CA LYS B 383 -9.83 22.09 26.57
C LYS B 383 -9.84 22.07 25.04
N CYS B 384 -8.72 22.46 24.43
CA CYS B 384 -8.62 22.54 22.97
C CYS B 384 -7.27 22.05 22.51
N ILE B 385 -7.08 21.94 21.17
CA ILE B 385 -5.88 21.36 20.58
C ILE B 385 -4.66 22.27 20.79
N ARG B 386 -4.89 23.59 20.91
CA ARG B 386 -3.82 24.54 21.14
C ARG B 386 -3.15 24.35 22.50
N ASP B 387 -3.93 23.90 23.50
CA ASP B 387 -3.41 23.65 24.83
C ASP B 387 -2.42 22.49 24.82
N ILE B 388 -2.74 21.47 23.99
CA ILE B 388 -1.88 20.33 23.83
C ILE B 388 -0.59 20.80 23.14
N ALA B 389 -0.76 21.58 22.06
CA ALA B 389 0.39 22.16 21.37
C ALA B 389 1.34 22.86 22.35
N ASN B 390 0.77 23.68 23.23
CA ASN B 390 1.51 24.44 24.24
C ASN B 390 2.34 23.53 25.14
N LEU B 391 1.71 22.43 25.53
CA LEU B 391 2.31 21.50 26.47
C LEU B 391 3.53 20.84 25.84
N PHE B 392 3.42 20.49 24.57
CA PHE B 392 4.54 19.92 23.82
C PHE B 392 5.65 20.95 23.63
N ILE B 393 5.30 22.21 23.40
CA ILE B 393 6.29 23.27 23.25
C ILE B 393 7.02 23.46 24.58
N ARG B 394 6.27 23.37 25.70
CA ARG B 394 6.85 23.46 27.03
C ARG B 394 7.85 22.33 27.29
N TYR B 395 7.55 21.12 26.81
CA TYR B 395 8.45 19.98 26.98
C TYR B 395 9.75 20.23 26.21
N MET B 396 9.60 20.73 24.96
CA MET B 396 10.68 21.06 24.05
C MET B 396 11.60 22.13 24.57
N ARG B 397 11.03 23.04 25.39
CA ARG B 397 11.80 24.10 26.01
C ARG B 397 12.23 23.71 27.42
N LYS B 398 12.16 22.43 27.78
CA LYS B 398 12.62 21.92 29.06
C LYS B 398 11.81 22.47 30.23
N GLU B 399 10.60 22.98 30.01
CA GLU B 399 9.81 23.61 31.06
C GLU B 399 9.04 22.56 31.86
N ILE B 400 8.53 21.55 31.17
CA ILE B 400 8.00 20.36 31.81
C ILE B 400 8.87 19.18 31.40
N ASP B 401 8.82 18.13 32.22
CA ASP B 401 9.81 17.07 32.19
C ASP B 401 9.27 15.76 31.61
N TYR B 402 7.95 15.62 31.49
CA TYR B 402 7.36 14.37 31.00
C TYR B 402 6.17 14.68 30.10
N LEU B 403 6.06 13.88 29.02
CA LEU B 403 4.88 13.75 28.23
C LEU B 403 4.58 12.28 28.09
N PRO B 404 3.32 11.92 27.83
CA PRO B 404 2.93 10.51 27.69
C PRO B 404 3.83 9.62 26.82
N TRP B 405 4.37 10.19 25.75
CA TRP B 405 5.09 9.44 24.73
C TRP B 405 6.59 9.41 24.98
N SER B 406 7.08 9.88 26.15
CA SER B 406 8.49 9.84 26.50
C SER B 406 8.70 9.46 27.97
N GLU B 407 9.52 8.41 28.21
CA GLU B 407 9.95 8.02 29.55
C GLU B 407 10.72 9.14 30.25
N ALA B 408 11.37 10.05 29.49
CA ALA B 408 12.27 11.05 30.01
C ALA B 408 11.99 12.46 29.49
N PRO B 409 12.70 13.49 30.03
CA PRO B 409 12.70 14.83 29.42
C PRO B 409 13.37 14.93 28.06
N VAL B 410 13.14 16.10 27.44
CA VAL B 410 13.53 16.38 26.07
C VAL B 410 15.01 16.10 25.85
N ALA B 411 15.31 15.42 24.74
CA ALA B 411 16.67 15.13 24.32
C ALA B 411 17.43 16.39 23.91
N ASP B 412 18.75 16.22 23.86
CA ASP B 412 19.70 17.21 23.37
C ASP B 412 19.73 17.14 21.85
N GLU B 413 19.54 15.91 21.30
CA GLU B 413 19.49 15.71 19.86
C GLU B 413 18.35 16.52 19.23
N ALA B 414 17.25 16.66 19.98
CA ALA B 414 16.15 17.58 19.67
C ALA B 414 16.51 19.06 19.71
N ASP B 415 17.48 19.42 20.55
CA ASP B 415 17.84 20.81 20.79
C ASP B 415 18.59 21.39 19.61
N LEU B 416 18.93 20.55 18.63
CA LEU B 416 19.35 21.03 17.33
C LEU B 416 18.15 21.57 16.56
N ILE B 417 17.12 20.72 16.43
CA ILE B 417 15.96 20.98 15.59
C ILE B 417 14.78 21.47 16.42
N LYS B 418 15.11 22.19 17.53
CA LYS B 418 14.13 22.50 18.58
C LYS B 418 13.03 23.44 18.06
N ASP B 419 13.48 24.44 17.32
CA ASP B 419 12.61 25.48 16.80
C ASP B 419 11.70 24.91 15.70
N GLU B 420 12.16 23.90 14.98
CA GLU B 420 11.45 23.33 13.87
C GLU B 420 10.27 22.52 14.39
N LEU B 421 10.52 21.81 15.48
CA LEU B 421 9.55 20.92 16.11
C LEU B 421 8.53 21.77 16.88
N ILE B 422 8.99 22.86 17.50
CA ILE B 422 8.09 23.79 18.14
C ILE B 422 7.09 24.35 17.13
N ASP B 423 7.58 24.70 15.94
CA ASP B 423 6.75 25.29 14.88
C ASP B 423 5.72 24.30 14.35
N LEU B 424 6.12 23.02 14.27
CA LEU B 424 5.18 21.96 13.91
C LEU B 424 4.07 21.80 14.96
N ASN B 425 4.44 21.89 16.25
CA ASN B 425 3.46 21.71 17.32
C ASN B 425 2.50 22.89 17.35
N ARG B 426 3.01 24.10 17.16
CA ARG B 426 2.20 25.30 17.21
C ARG B 426 1.23 25.33 16.05
N ARG B 427 1.49 24.57 14.98
CA ARG B 427 0.58 24.42 13.84
C ARG B 427 -0.42 23.27 14.01
N GLY B 428 -0.33 22.52 15.12
CA GLY B 428 -1.23 21.43 15.43
C GLY B 428 -0.71 20.07 14.99
N LEU B 429 0.50 20.00 14.40
CA LEU B 429 1.11 18.75 14.06
C LEU B 429 1.88 18.28 15.29
N ILE B 430 1.21 17.49 16.15
CA ILE B 430 1.71 17.15 17.46
C ILE B 430 2.78 16.06 17.31
N THR B 431 4.05 16.42 17.54
CA THR B 431 5.21 15.58 17.24
C THR B 431 5.52 14.64 18.41
N VAL B 432 5.43 13.32 18.21
CA VAL B 432 5.63 12.34 19.28
C VAL B 432 7.06 11.79 19.27
N ASN B 433 7.74 11.78 18.11
CA ASN B 433 9.09 11.29 18.02
C ASN B 433 9.82 11.86 16.81
N SER B 434 11.16 12.01 16.89
CA SER B 434 11.95 12.52 15.78
C SER B 434 13.44 12.24 15.96
N GLN B 435 14.21 12.40 14.88
CA GLN B 435 15.67 12.52 14.99
C GLN B 435 16.17 13.30 13.78
N PRO B 436 17.22 14.13 13.95
CA PRO B 436 17.81 14.89 12.85
C PRO B 436 18.70 14.00 12.01
N ALA B 437 18.96 14.45 10.78
CA ALA B 437 19.86 13.71 9.90
C ALA B 437 21.28 14.05 10.35
N VAL B 438 22.19 13.07 10.28
CA VAL B 438 23.60 13.24 10.58
C VAL B 438 24.38 12.63 9.43
N ASN B 439 25.35 13.34 8.85
CA ASN B 439 26.11 12.86 7.71
C ASN B 439 27.57 12.71 8.12
N GLY B 440 27.84 11.72 8.97
CA GLY B 440 29.21 11.28 9.22
C GLY B 440 29.89 12.10 10.31
N ALA B 441 29.19 12.32 11.42
CA ALA B 441 29.77 12.99 12.56
C ALA B 441 30.75 12.04 13.23
N LYS B 442 31.84 12.60 13.76
CA LYS B 442 32.80 11.83 14.56
C LYS B 442 32.05 11.08 15.66
N SER B 443 32.45 9.83 15.87
CA SER B 443 31.68 8.95 16.74
C SER B 443 31.77 9.44 18.21
N ASN B 444 32.66 10.43 18.49
CA ASN B 444 32.76 11.08 19.77
C ASN B 444 31.98 12.39 19.88
N HIS B 445 31.08 12.68 18.94
CA HIS B 445 30.27 13.88 19.00
C HIS B 445 29.51 13.93 20.34
N PRO B 446 29.47 15.08 21.05
CA PRO B 446 28.81 15.12 22.36
C PRO B 446 27.31 14.83 22.28
N VAL B 447 26.70 15.17 21.13
CA VAL B 447 25.28 14.97 20.89
C VAL B 447 24.99 13.69 20.11
N HIS B 448 25.67 13.49 18.98
CA HIS B 448 25.38 12.41 18.03
C HIS B 448 26.23 11.17 18.27
N GLY B 449 27.25 11.27 19.12
CA GLY B 449 28.24 10.22 19.25
C GLY B 449 27.60 8.99 19.89
N TRP B 450 28.05 7.84 19.43
CA TRP B 450 27.80 6.56 20.08
C TRP B 450 28.82 5.56 19.55
N GLY B 451 28.96 4.45 20.26
CA GLY B 451 29.79 3.36 19.79
C GLY B 451 31.29 3.62 19.91
N PRO B 452 32.15 2.74 19.34
CA PRO B 452 33.60 2.85 19.46
C PRO B 452 34.23 4.17 19.05
N SER B 453 35.46 4.38 19.50
CA SER B 453 36.16 5.62 19.24
C SER B 453 36.67 5.59 17.81
N ASN B 454 36.85 6.77 17.26
CA ASN B 454 37.39 6.98 15.91
C ASN B 454 36.49 6.38 14.86
N GLY B 455 35.19 6.53 15.07
CA GLY B 455 34.20 6.10 14.12
C GLY B 455 33.62 7.32 13.41
N TYR B 456 32.63 7.03 12.59
CA TYR B 456 31.81 8.03 11.95
C TYR B 456 30.39 7.49 12.02
N VAL B 457 29.46 8.32 12.51
CA VAL B 457 28.07 7.93 12.67
C VAL B 457 27.23 8.70 11.64
N TYR B 458 26.09 8.11 11.25
CA TYR B 458 25.16 8.63 10.28
C TYR B 458 23.73 8.39 10.74
N GLN B 459 22.81 9.27 10.35
CA GLN B 459 21.38 9.12 10.63
C GLN B 459 20.56 9.67 9.46
N LYS B 460 19.46 9.00 9.15
CA LYS B 460 18.44 9.56 8.28
C LYS B 460 17.50 10.38 9.15
N ALA B 461 16.96 11.48 8.62
CA ALA B 461 16.02 12.29 9.40
C ALA B 461 14.72 11.52 9.58
N TYR B 462 14.16 11.56 10.79
CA TYR B 462 12.89 10.90 11.07
C TYR B 462 11.95 11.90 11.73
N LEU B 463 10.65 11.76 11.45
CA LEU B 463 9.64 12.64 12.05
C LEU B 463 8.34 11.86 12.17
N GLU B 464 7.67 11.96 13.31
CA GLU B 464 6.50 11.19 13.66
C GLU B 464 5.55 12.08 14.43
N PHE B 465 4.32 12.22 13.96
CA PHE B 465 3.39 13.18 14.55
C PHE B 465 1.94 12.76 14.32
N PHE B 466 1.07 13.25 15.22
CA PHE B 466 -0.37 13.16 15.07
C PHE B 466 -0.86 14.30 14.19
N VAL B 467 -1.83 14.02 13.31
CA VAL B 467 -2.44 15.11 12.56
C VAL B 467 -3.92 14.87 12.37
N SER B 468 -4.68 15.98 12.38
CA SER B 468 -6.11 16.03 12.17
C SER B 468 -6.45 15.32 10.87
N PRO B 469 -7.54 14.56 10.77
CA PRO B 469 -7.89 13.87 9.52
C PRO B 469 -8.31 14.84 8.41
N GLU B 470 -8.68 16.07 8.79
CA GLU B 470 -8.96 17.12 7.85
C GLU B 470 -7.68 17.51 7.13
N LEU B 471 -6.58 17.66 7.85
CA LEU B 471 -5.37 18.17 7.26
C LEU B 471 -4.62 17.03 6.57
N TYR B 472 -4.80 15.78 7.03
CA TYR B 472 -3.96 14.66 6.64
C TYR B 472 -3.81 14.56 5.13
N PRO B 473 -4.90 14.64 4.36
CA PRO B 473 -4.80 14.65 2.89
C PRO B 473 -3.73 15.58 2.32
N GLU B 474 -3.65 16.79 2.83
CA GLU B 474 -2.73 17.79 2.30
C GLU B 474 -1.27 17.38 2.60
N ILE B 475 -1.07 16.84 3.80
CA ILE B 475 0.22 16.33 4.23
C ILE B 475 0.68 15.18 3.34
N LYS B 476 -0.22 14.23 3.09
CA LYS B 476 0.08 13.10 2.24
C LYS B 476 0.48 13.59 0.84
N ARG B 477 -0.23 14.60 0.35
CA ARG B 477 0.02 15.10 -0.99
C ARG B 477 1.44 15.66 -1.03
N ARG B 478 1.79 16.45 -0.02
CA ARG B 478 3.09 17.11 0.05
C ARG B 478 4.24 16.11 0.17
N ILE B 479 4.01 15.05 0.95
CA ILE B 479 5.03 14.05 1.19
C ILE B 479 5.31 13.27 -0.10
N GLU B 480 4.24 12.90 -0.82
CA GLU B 480 4.35 12.13 -2.04
C GLU B 480 5.05 12.91 -3.17
N SER B 481 4.94 14.25 -3.09
CA SER B 481 5.58 15.17 -4.01
C SER B 481 7.07 15.36 -3.74
N HIS B 482 7.65 14.70 -2.73
CA HIS B 482 9.08 14.62 -2.49
C HIS B 482 9.60 13.20 -2.67
N PRO B 483 10.50 12.95 -3.61
CA PRO B 483 10.93 11.57 -3.90
C PRO B 483 11.75 10.91 -2.79
N ASP B 484 12.51 11.71 -2.03
CA ASP B 484 13.39 11.14 -1.02
C ASP B 484 12.64 10.69 0.23
N LEU B 485 11.38 11.08 0.39
CA LEU B 485 10.63 10.78 1.59
C LEU B 485 9.87 9.46 1.41
N THR B 486 9.87 8.66 2.49
CA THR B 486 8.98 7.52 2.65
C THR B 486 8.17 7.75 3.91
N TYR B 487 6.89 7.34 3.88
CA TYR B 487 6.06 7.49 5.06
C TYR B 487 5.27 6.23 5.32
N HIS B 488 4.74 6.18 6.54
CA HIS B 488 3.65 5.29 6.89
C HIS B 488 2.67 6.12 7.71
N ALA B 489 1.39 6.03 7.36
CA ALA B 489 0.35 6.77 8.05
C ALA B 489 -0.69 5.77 8.53
N VAL B 490 -1.23 5.98 9.73
CA VAL B 490 -2.18 5.01 10.23
C VAL B 490 -3.20 5.70 11.13
N THR B 491 -4.40 5.10 11.22
CA THR B 491 -5.47 5.54 12.09
C THR B 491 -5.66 4.51 13.21
N LYS B 492 -6.23 4.99 14.32
CA LYS B 492 -6.59 4.11 15.41
C LYS B 492 -7.53 3.04 14.87
N SER B 493 -8.41 3.46 13.94
CA SER B 493 -9.35 2.62 13.28
C SER B 493 -8.72 1.38 12.67
N GLY B 494 -7.58 1.55 11.98
CA GLY B 494 -6.92 0.39 11.38
C GLY B 494 -6.16 0.78 10.12
N ASN B 495 -6.87 1.53 9.25
CA ASN B 495 -6.39 1.98 7.96
C ASN B 495 -4.91 2.33 7.94
N LEU B 496 -4.16 1.83 6.95
CA LEU B 496 -2.73 2.08 6.83
C LEU B 496 -2.44 2.54 5.41
N GLU B 497 -1.80 3.71 5.24
CA GLU B 497 -1.33 4.21 3.96
C GLU B 497 0.19 4.26 3.98
N THR B 498 0.85 4.15 2.83
CA THR B 498 2.30 4.24 2.73
C THR B 498 2.73 4.33 1.28
N ASN B 499 3.94 4.84 1.06
CA ASN B 499 4.53 4.90 -0.27
C ASN B 499 5.78 4.03 -0.29
N ALA B 500 5.90 3.13 0.69
CA ALA B 500 7.03 2.24 0.79
C ALA B 500 7.06 1.29 -0.40
N GLN B 501 8.25 0.93 -0.86
CA GLN B 501 8.44 -0.11 -1.88
C GLN B 501 8.62 -1.49 -1.26
N SER B 502 8.60 -1.64 0.07
CA SER B 502 8.69 -2.97 0.64
C SER B 502 8.14 -3.03 2.06
N ASP B 503 8.06 -4.24 2.60
CA ASP B 503 7.80 -4.48 4.02
C ASP B 503 9.09 -4.24 4.82
N GLY B 504 10.23 -4.54 4.20
CA GLY B 504 11.46 -4.78 4.93
C GLY B 504 11.99 -3.54 5.64
N PRO B 505 12.94 -3.71 6.58
CA PRO B 505 13.39 -2.59 7.40
C PRO B 505 14.20 -1.57 6.59
N ASN B 506 14.10 -0.32 7.00
CA ASN B 506 14.87 0.77 6.46
C ASN B 506 15.82 1.22 7.57
N ALA B 507 17.12 1.28 7.25
CA ALA B 507 18.10 1.71 8.24
C ALA B 507 18.07 3.22 8.39
N VAL B 508 18.02 3.71 9.63
CA VAL B 508 17.98 5.15 9.88
C VAL B 508 19.09 5.64 10.80
N THR B 509 19.85 4.75 11.44
CA THR B 509 21.05 5.13 12.15
C THR B 509 22.11 4.05 11.92
N TRP B 510 23.33 4.43 11.50
CA TRP B 510 24.38 3.45 11.28
C TRP B 510 25.74 4.07 11.51
N GLY B 511 26.75 3.24 11.76
CA GLY B 511 28.09 3.70 12.14
C GLY B 511 29.17 2.84 11.52
N VAL B 512 30.25 3.48 11.07
CA VAL B 512 31.41 2.84 10.50
C VAL B 512 32.49 2.94 11.58
N PHE B 513 33.05 1.80 11.98
CA PHE B 513 34.09 1.81 13.00
C PHE B 513 35.32 1.11 12.46
N PRO B 514 36.52 1.38 13.00
CA PRO B 514 37.75 0.73 12.54
C PRO B 514 37.75 -0.72 13.07
N GLY B 515 38.19 -1.66 12.23
CA GLY B 515 38.27 -3.07 12.59
C GLY B 515 36.91 -3.74 12.81
N LYS B 516 35.83 -3.11 12.37
CA LYS B 516 34.51 -3.60 12.70
C LYS B 516 33.62 -3.53 11.47
N GLU B 517 32.65 -4.46 11.44
CA GLU B 517 31.56 -4.44 10.50
C GLU B 517 30.65 -3.25 10.79
N ILE B 518 29.80 -2.91 9.82
CA ILE B 518 28.94 -1.75 9.96
C ILE B 518 27.96 -2.00 11.09
N PHE B 519 27.88 -1.05 12.02
CA PHE B 519 26.88 -1.07 13.06
C PHE B 519 25.64 -0.36 12.55
N GLN B 520 24.45 -0.90 12.82
CA GLN B 520 23.20 -0.34 12.34
C GLN B 520 22.12 -0.48 13.40
N PRO B 521 22.17 0.27 14.51
CA PRO B 521 21.31 0.00 15.66
C PRO B 521 19.85 0.42 15.57
N THR B 522 19.51 1.36 14.67
CA THR B 522 18.17 1.90 14.60
C THR B 522 17.60 1.69 13.20
N ILE B 523 16.38 1.11 13.13
CA ILE B 523 15.69 0.85 11.87
C ILE B 523 14.27 1.39 11.96
N VAL B 524 13.56 1.32 10.82
CA VAL B 524 12.14 1.62 10.72
C VAL B 524 11.53 0.48 9.93
N GLU B 525 10.38 -0.02 10.39
CA GLU B 525 9.80 -1.26 9.84
C GLU B 525 8.32 -1.36 10.16
N ARG B 526 7.55 -1.93 9.24
CA ARG B 526 6.09 -1.88 9.22
C ARG B 526 5.42 -2.58 10.40
N ILE B 527 5.77 -3.83 10.63
CA ILE B 527 5.14 -4.60 11.69
C ILE B 527 5.41 -3.94 13.05
N SER B 528 6.61 -3.43 13.23
CA SER B 528 7.00 -2.75 14.46
C SER B 528 6.22 -1.45 14.64
N PHE B 529 5.98 -0.76 13.52
CA PHE B 529 5.20 0.47 13.55
C PHE B 529 3.75 0.20 13.93
N LEU B 530 3.26 -0.98 13.53
CA LEU B 530 1.89 -1.33 13.84
C LEU B 530 1.77 -1.69 15.30
N ALA B 531 2.82 -2.30 15.85
CA ALA B 531 2.87 -2.53 17.29
C ALA B 531 2.91 -1.22 18.06
N TRP B 532 3.70 -0.27 17.52
CA TRP B 532 3.92 1.02 18.16
C TRP B 532 2.65 1.87 18.13
N LYS B 533 2.00 1.98 16.96
CA LYS B 533 0.80 2.81 16.84
C LYS B 533 -0.21 2.46 17.94
N ASP B 534 -0.37 1.16 18.30
CA ASP B 534 -1.40 0.81 19.26
C ASP B 534 -1.00 1.35 20.63
N GLU B 535 0.30 1.24 20.94
CA GLU B 535 0.84 1.84 22.16
C GLU B 535 0.63 3.36 22.16
N ALA B 536 0.96 3.99 21.02
CA ALA B 536 0.91 5.44 20.91
C ALA B 536 -0.50 5.97 21.14
N TYR B 537 -1.52 5.33 20.56
CA TYR B 537 -2.90 5.76 20.78
C TYR B 537 -3.31 5.43 22.21
N HIS B 538 -2.83 4.29 22.74
CA HIS B 538 -3.17 3.87 24.10
C HIS B 538 -2.65 4.86 25.15
N LEU B 539 -1.45 5.38 24.92
CA LEU B 539 -0.86 6.36 25.83
C LEU B 539 -1.72 7.62 25.84
N GLY B 540 -2.10 8.10 24.64
CA GLY B 540 -2.97 9.28 24.59
C GLY B 540 -4.33 9.03 25.23
N MET B 541 -4.78 7.77 25.23
CA MET B 541 -6.06 7.39 25.82
C MET B 541 -5.95 7.27 27.32
N GLU B 542 -4.85 6.73 27.81
CA GLU B 542 -4.55 6.68 29.24
C GLU B 542 -4.43 8.09 29.81
N TRP B 543 -3.94 9.03 28.98
CA TRP B 543 -3.90 10.43 29.35
C TRP B 543 -5.32 10.98 29.54
N ALA B 544 -6.19 10.68 28.59
CA ALA B 544 -7.59 11.05 28.67
C ALA B 544 -8.26 10.48 29.93
N ARG B 545 -7.88 9.25 30.28
CA ARG B 545 -8.46 8.59 31.43
C ARG B 545 -7.99 9.23 32.74
N CYS B 546 -6.94 10.07 32.70
CA CYS B 546 -6.59 10.86 33.87
C CYS B 546 -7.70 11.81 34.32
N TYR B 547 -8.49 12.27 33.36
CA TYR B 547 -9.56 13.21 33.59
C TYR B 547 -10.89 12.50 33.85
N ASP B 548 -11.82 13.23 34.44
CA ASP B 548 -13.15 12.73 34.76
C ASP B 548 -13.90 12.41 33.46
N ALA B 549 -14.75 11.39 33.50
CA ALA B 549 -15.56 10.99 32.36
C ALA B 549 -16.50 12.14 31.97
N GLY B 550 -16.50 12.53 30.69
CA GLY B 550 -17.28 13.65 30.19
C GLY B 550 -16.59 15.02 30.25
N SER B 551 -15.35 15.05 30.77
CA SER B 551 -14.52 16.23 30.80
C SER B 551 -14.34 16.86 29.43
N PRO B 552 -14.11 18.17 29.31
CA PRO B 552 -13.57 18.73 28.06
C PRO B 552 -12.19 18.15 27.72
N SER B 553 -11.36 17.92 28.75
CA SER B 553 -10.05 17.31 28.55
C SER B 553 -10.18 15.90 28.03
N ARG B 554 -11.07 15.15 28.68
CA ARG B 554 -11.22 13.75 28.39
C ARG B 554 -11.82 13.55 27.01
N VAL B 555 -12.87 14.30 26.72
CA VAL B 555 -13.53 14.20 25.44
C VAL B 555 -12.58 14.62 24.33
N LEU B 556 -11.80 15.68 24.57
CA LEU B 556 -10.87 16.21 23.60
C LEU B 556 -9.87 15.14 23.18
N LEU B 557 -9.22 14.54 24.17
CA LEU B 557 -8.18 13.55 23.95
C LEU B 557 -8.73 12.28 23.32
N GLU B 558 -9.86 11.78 23.83
CA GLU B 558 -10.46 10.58 23.27
C GLU B 558 -10.88 10.79 21.83
N GLU B 559 -11.49 11.95 21.57
CA GLU B 559 -11.80 12.31 20.20
C GLU B 559 -10.55 12.27 19.35
N MET B 560 -9.50 12.95 19.84
CA MET B 560 -8.27 13.13 19.09
C MET B 560 -7.73 11.77 18.66
N MET B 561 -7.65 10.85 19.63
CA MET B 561 -7.03 9.56 19.40
C MET B 561 -7.88 8.74 18.44
N ASN B 562 -9.21 8.83 18.58
CA ASN B 562 -10.06 8.02 17.72
C ASN B 562 -10.03 8.44 16.26
N THR B 563 -9.76 9.73 16.01
CA THR B 563 -10.04 10.34 14.73
C THR B 563 -8.80 10.86 14.03
N TRP B 564 -7.66 11.04 14.74
CA TRP B 564 -6.46 11.61 14.13
C TRP B 564 -5.57 10.50 13.58
N TRP B 565 -4.84 10.87 12.53
CA TRP B 565 -3.81 10.02 11.94
C TRP B 565 -2.52 10.12 12.75
N LEU B 566 -1.71 9.07 12.63
CA LEU B 566 -0.32 9.06 13.09
C LEU B 566 0.57 8.82 11.88
N VAL B 567 1.42 9.80 11.56
CA VAL B 567 2.27 9.76 10.38
C VAL B 567 3.72 9.69 10.85
N ASN B 568 4.49 8.71 10.30
CA ASN B 568 5.94 8.70 10.44
C ASN B 568 6.52 9.00 9.07
N ILE B 569 7.68 9.62 9.02
CA ILE B 569 8.32 9.98 7.75
C ILE B 569 9.82 9.82 7.91
N VAL B 570 10.43 9.12 6.93
CA VAL B 570 11.88 8.99 6.83
C VAL B 570 12.32 9.78 5.61
N ASN B 571 13.36 10.57 5.80
CA ASN B 571 13.99 11.30 4.71
C ASN B 571 15.26 10.54 4.40
N ASN B 572 15.20 9.78 3.28
CA ASN B 572 16.28 8.91 2.86
C ASN B 572 17.48 9.68 2.35
N ASP B 573 17.28 10.98 2.10
CA ASP B 573 18.36 11.90 1.97
C ASP B 573 18.90 12.27 3.36
N PHE B 574 20.13 11.87 3.63
CA PHE B 574 20.82 12.20 4.88
C PHE B 574 21.87 13.26 4.60
N HIS B 575 21.97 13.73 3.37
CA HIS B 575 22.82 14.83 3.04
C HIS B 575 22.14 16.15 3.40
N GLN B 576 20.81 16.21 3.20
CA GLN B 576 19.94 17.31 3.54
C GLN B 576 18.82 16.90 4.48
N GLY B 577 18.82 17.39 5.73
CA GLY B 577 18.09 16.74 6.82
C GLY B 577 16.81 17.45 7.16
N ASN B 578 16.94 18.76 7.40
CA ASN B 578 15.81 19.64 7.69
C ASN B 578 14.78 19.74 6.57
N THR B 579 15.14 19.23 5.36
CA THR B 579 14.21 19.19 4.25
C THR B 579 12.85 18.64 4.70
N LEU B 580 12.79 17.77 5.71
CA LEU B 580 11.58 17.19 6.23
C LEU B 580 10.69 18.19 6.96
N PHE B 581 11.31 19.09 7.73
CA PHE B 581 10.61 20.12 8.51
C PHE B 581 10.14 21.24 7.57
N GLU B 582 10.94 21.51 6.53
CA GLU B 582 10.66 22.49 5.52
C GLU B 582 9.47 22.08 4.66
N ILE B 583 9.38 20.84 4.22
CA ILE B 583 8.35 20.43 3.28
C ILE B 583 6.98 20.45 3.96
N LEU B 584 6.93 20.45 5.30
CA LEU B 584 5.67 20.59 6.01
C LEU B 584 5.32 22.01 6.40
N LYS B 585 6.11 23.01 5.97
CA LYS B 585 5.81 24.39 6.25
C LYS B 585 4.53 24.80 5.52
N GLY B 586 3.69 25.55 6.25
CA GLY B 586 2.49 26.14 5.69
C GLY B 586 1.25 25.37 6.11
N LEU B 587 1.38 24.10 6.52
CA LEU B 587 0.23 23.34 6.96
C LEU B 587 -0.10 23.71 8.41
N GLU B 588 -1.41 23.79 8.71
CA GLU B 588 -1.89 24.08 10.05
C GLU B 588 -3.24 23.39 10.26
N VAL B 589 -3.50 22.88 11.48
CA VAL B 589 -4.77 22.25 11.80
C VAL B 589 -5.83 23.31 12.06
N THR B 590 -7.09 23.03 11.67
CA THR B 590 -8.20 23.95 11.85
C THR B 590 -8.76 23.80 13.25
N ASP B 591 -9.31 24.91 13.78
CA ASP B 591 -10.00 24.93 15.06
C ASP B 591 -9.09 24.55 16.22
N LEU B 592 -7.91 25.18 16.26
CA LEU B 592 -6.94 24.91 17.30
C LEU B 592 -7.49 25.30 18.69
N ASP B 593 -8.33 26.34 18.71
CA ASP B 593 -8.88 26.88 19.93
C ASP B 593 -10.25 26.35 20.26
N LYS B 594 -10.79 25.45 19.43
CA LYS B 594 -12.15 24.97 19.60
C LYS B 594 -12.22 24.04 20.81
N VAL B 595 -13.18 24.35 21.70
CA VAL B 595 -13.55 23.50 22.83
C VAL B 595 -14.69 22.59 22.39
N PRO B 596 -14.59 21.26 22.63
CA PRO B 596 -15.72 20.37 22.34
C PRO B 596 -16.81 20.48 23.41
N GLU B 597 -18.02 20.91 23.01
CA GLU B 597 -19.11 21.23 23.93
C GLU B 597 -19.74 19.96 24.48
N THR B 598 -19.92 19.89 25.80
CA THR B 598 -20.79 18.91 26.46
C THR B 598 -21.96 19.64 27.13
N MET C 4 15.75 -18.58 -10.14
CA MET C 4 14.70 -17.65 -10.60
C MET C 4 14.08 -18.10 -11.93
N HIS C 5 12.75 -18.03 -11.92
CA HIS C 5 11.94 -18.72 -12.88
C HIS C 5 11.79 -17.83 -14.09
N ILE C 6 12.04 -18.41 -15.27
CA ILE C 6 11.96 -17.69 -16.53
C ILE C 6 10.55 -17.12 -16.73
N ARG C 7 9.50 -17.82 -16.30
CA ARG C 7 8.19 -17.28 -16.52
C ARG C 7 8.01 -15.92 -15.86
N ASP C 8 8.63 -15.72 -14.69
CA ASP C 8 8.52 -14.46 -13.97
C ASP C 8 9.35 -13.38 -14.69
N MET C 9 10.50 -13.75 -15.20
CA MET C 9 11.38 -12.84 -15.92
C MET C 9 10.70 -12.32 -17.18
N LEU C 10 10.13 -13.25 -17.96
CA LEU C 10 9.36 -12.92 -19.15
C LEU C 10 8.20 -12.00 -18.82
N ALA C 11 7.60 -12.17 -17.64
CA ALA C 11 6.42 -11.42 -17.26
C ALA C 11 6.80 -9.99 -16.90
N GLU C 12 7.92 -9.82 -16.24
CA GLU C 12 8.40 -8.51 -15.78
C GLU C 12 8.98 -7.75 -16.97
N ALA C 13 9.50 -8.53 -17.94
CA ALA C 13 9.95 -7.98 -19.20
C ALA C 13 8.79 -7.42 -20.01
N GLU C 14 7.73 -8.21 -20.10
CA GLU C 14 6.50 -7.78 -20.76
C GLU C 14 5.93 -6.54 -20.04
N ARG C 15 6.21 -6.38 -18.73
CA ARG C 15 5.69 -5.27 -17.93
C ARG C 15 6.51 -4.00 -18.14
N THR C 16 7.82 -4.05 -17.83
CA THR C 16 8.68 -2.88 -17.93
C THR C 16 8.84 -2.45 -19.39
N GLY C 17 8.93 -3.44 -20.28
CA GLY C 17 9.16 -3.25 -21.70
C GLY C 17 10.64 -3.12 -22.03
N GLU C 18 11.52 -3.28 -21.03
CA GLU C 18 12.94 -3.07 -21.18
C GLU C 18 13.57 -4.08 -22.14
N PRO C 19 14.89 -3.98 -22.38
CA PRO C 19 15.62 -5.02 -23.10
C PRO C 19 15.72 -6.35 -22.37
N SER C 20 15.08 -7.40 -22.89
CA SER C 20 15.19 -8.70 -22.30
C SER C 20 15.54 -9.67 -23.40
N PHE C 21 16.65 -10.39 -23.23
CA PHE C 21 17.06 -11.34 -24.25
C PHE C 21 17.91 -12.46 -23.66
N SER C 22 17.96 -13.56 -24.40
CA SER C 22 18.63 -14.79 -24.01
C SER C 22 19.46 -15.34 -25.14
N PHE C 23 20.41 -16.22 -24.80
CA PHE C 23 21.34 -16.80 -25.77
C PHE C 23 21.24 -18.31 -25.66
N GLN C 24 21.03 -18.98 -26.80
CA GLN C 24 21.05 -20.42 -26.84
C GLN C 24 22.42 -20.86 -27.34
N TYR C 25 23.02 -21.79 -26.60
CA TYR C 25 24.25 -22.41 -27.04
C TYR C 25 24.07 -23.92 -27.09
N PHE C 26 25.00 -24.59 -27.78
CA PHE C 26 25.00 -26.04 -27.93
C PHE C 26 26.35 -26.60 -27.45
N PRO C 27 26.37 -27.87 -26.95
CA PRO C 27 27.61 -28.54 -26.56
C PRO C 27 28.53 -28.87 -27.74
N PRO C 28 29.76 -28.32 -27.86
CA PRO C 28 30.73 -28.75 -28.87
C PRO C 28 31.38 -30.10 -28.56
N LYS C 29 32.01 -30.70 -29.58
CA LYS C 29 32.56 -32.04 -29.51
C LYS C 29 33.95 -32.01 -28.86
N THR C 30 34.82 -31.12 -29.35
CA THR C 30 36.12 -30.91 -28.75
C THR C 30 35.94 -30.28 -27.37
N ALA C 31 36.77 -30.72 -26.41
CA ALA C 31 36.91 -30.06 -25.13
C ALA C 31 37.49 -28.66 -25.32
N GLN C 32 38.26 -28.44 -26.41
CA GLN C 32 38.76 -27.15 -26.82
C GLN C 32 37.61 -26.19 -27.16
N GLY C 33 36.72 -26.66 -28.05
CA GLY C 33 35.55 -25.90 -28.44
C GLY C 33 34.70 -25.52 -27.23
N VAL C 34 34.75 -26.39 -26.19
CA VAL C 34 34.05 -26.16 -24.94
C VAL C 34 34.68 -25.01 -24.18
N GLN C 35 36.00 -25.00 -24.11
CA GLN C 35 36.71 -23.90 -23.46
C GLN C 35 36.52 -22.59 -24.21
N ASN C 36 36.52 -22.65 -25.55
CA ASN C 36 36.27 -21.46 -26.37
C ASN C 36 34.87 -20.93 -26.11
N LEU C 37 33.93 -21.85 -25.93
CA LEU C 37 32.54 -21.51 -25.73
C LEU C 37 32.37 -20.88 -24.36
N TYR C 38 33.07 -21.41 -23.35
CA TYR C 38 33.00 -20.85 -22.00
C TYR C 38 33.54 -19.43 -21.95
N ASP C 39 34.56 -19.18 -22.76
CA ASP C 39 35.15 -17.85 -22.91
C ASP C 39 34.17 -16.94 -23.64
N ARG C 40 33.54 -17.47 -24.69
CA ARG C 40 32.61 -16.68 -25.50
C ARG C 40 31.35 -16.34 -24.70
N MET C 41 30.84 -17.34 -23.96
CA MET C 41 29.76 -17.17 -23.00
C MET C 41 30.06 -16.03 -22.03
N GLU C 42 31.29 -16.04 -21.49
CA GLU C 42 31.73 -15.08 -20.49
C GLU C 42 31.89 -13.67 -21.06
N ARG C 43 32.15 -13.56 -22.36
CA ARG C 43 32.22 -12.25 -23.02
C ARG C 43 30.80 -11.75 -23.26
N MET C 44 29.96 -12.65 -23.77
CA MET C 44 28.58 -12.34 -24.11
C MET C 44 27.77 -12.00 -22.85
N TYR C 45 28.19 -12.53 -21.68
CA TYR C 45 27.68 -12.15 -20.38
C TYR C 45 27.56 -10.63 -20.21
N ASN C 46 28.51 -9.89 -20.77
CA ASN C 46 28.59 -8.48 -20.58
C ASN C 46 27.58 -7.72 -21.43
N TYR C 47 27.04 -8.37 -22.47
CA TYR C 47 25.91 -7.85 -23.20
C TYR C 47 24.69 -7.75 -22.28
N GLY C 48 24.61 -8.65 -21.29
CA GLY C 48 23.58 -8.68 -20.27
C GLY C 48 22.33 -9.43 -20.72
N PRO C 49 22.41 -10.76 -20.92
CA PRO C 49 21.20 -11.56 -21.15
C PRO C 49 20.50 -11.77 -19.80
N LYS C 50 19.24 -12.19 -19.86
CA LYS C 50 18.48 -12.56 -18.68
C LYS C 50 18.74 -14.03 -18.38
N PHE C 51 18.89 -14.86 -19.42
CA PHE C 51 19.25 -16.25 -19.24
C PHE C 51 19.93 -16.78 -20.50
N ILE C 52 20.38 -18.03 -20.43
CA ILE C 52 20.90 -18.73 -21.58
C ILE C 52 20.25 -20.11 -21.63
N ASP C 53 20.31 -20.72 -22.81
CA ASP C 53 19.82 -22.08 -22.99
C ASP C 53 21.03 -22.95 -23.34
N ILE C 54 20.95 -24.25 -22.99
CA ILE C 54 21.92 -25.22 -23.49
C ILE C 54 21.13 -26.41 -24.04
N THR C 55 21.36 -26.75 -25.31
CA THR C 55 20.59 -27.75 -26.03
C THR C 55 21.03 -29.16 -25.59
N TRP C 56 20.22 -30.15 -25.88
CA TRP C 56 20.38 -31.52 -25.40
C TRP C 56 20.33 -32.49 -26.57
N GLY C 57 21.47 -33.07 -26.97
CA GLY C 57 21.50 -34.10 -28.02
C GLY C 57 21.28 -35.50 -27.46
N ALA C 58 21.25 -36.52 -28.33
CA ALA C 58 21.42 -37.92 -27.90
C ALA C 58 22.92 -38.15 -27.62
N GLY C 59 23.23 -38.92 -26.55
CA GLY C 59 24.56 -38.95 -25.94
C GLY C 59 24.47 -39.43 -24.51
N VAL C 62 27.25 -36.33 -24.74
CA VAL C 62 26.49 -35.08 -25.02
C VAL C 62 25.59 -34.78 -23.81
N ALA C 63 24.86 -35.80 -23.32
CA ALA C 63 24.08 -35.74 -22.10
C ALA C 63 24.91 -35.34 -20.87
N GLU C 64 26.11 -35.88 -20.78
CA GLU C 64 27.03 -35.66 -19.69
C GLU C 64 27.62 -34.25 -19.80
N LEU C 65 28.08 -33.91 -21.01
CA LEU C 65 28.69 -32.60 -21.30
C LEU C 65 27.74 -31.45 -20.99
N THR C 66 26.47 -31.65 -21.37
CA THR C 66 25.43 -30.66 -21.15
C THR C 66 25.33 -30.35 -19.65
N CYS C 67 25.26 -31.42 -18.85
CA CYS C 67 25.15 -31.28 -17.40
C CYS C 67 26.37 -30.58 -16.80
N GLU C 68 27.57 -30.91 -17.31
CA GLU C 68 28.81 -30.26 -16.83
C GLU C 68 28.78 -28.75 -17.20
N MET C 69 28.27 -28.47 -18.41
CA MET C 69 28.25 -27.11 -18.94
C MET C 69 27.30 -26.21 -18.16
N VAL C 70 26.20 -26.80 -17.68
CA VAL C 70 25.21 -26.10 -16.89
C VAL C 70 25.83 -25.67 -15.55
N VAL C 71 26.61 -26.56 -14.96
CA VAL C 71 27.24 -26.28 -13.68
C VAL C 71 28.18 -25.08 -13.84
N GLN C 72 29.03 -25.19 -14.86
CA GLN C 72 29.97 -24.13 -15.23
C GLN C 72 29.28 -22.77 -15.40
N ALA C 73 28.17 -22.79 -16.13
CA ALA C 73 27.49 -21.56 -16.44
C ALA C 73 26.86 -20.93 -15.20
N GLN C 74 26.26 -21.75 -14.33
CA GLN C 74 25.53 -21.26 -13.16
C GLN C 74 26.50 -20.80 -12.05
N ALA C 75 27.50 -21.64 -11.75
CA ALA C 75 28.37 -21.46 -10.60
C ALA C 75 29.44 -20.40 -10.84
N TYR C 76 30.13 -20.52 -11.99
CA TYR C 76 31.35 -19.75 -12.23
C TYR C 76 31.08 -18.55 -13.13
N LEU C 77 30.45 -18.76 -14.28
CA LEU C 77 30.15 -17.68 -15.22
C LEU C 77 29.01 -16.78 -14.72
N GLY C 78 28.21 -17.30 -13.78
CA GLY C 78 27.19 -16.53 -13.09
C GLY C 78 25.99 -16.27 -14.00
N LEU C 79 25.70 -17.17 -14.94
CA LEU C 79 24.68 -17.01 -15.98
C LEU C 79 23.51 -17.97 -15.69
N GLU C 80 22.30 -17.40 -15.53
CA GLU C 80 21.11 -18.19 -15.26
C GLU C 80 20.81 -19.06 -16.48
N THR C 81 20.89 -20.39 -16.30
CA THR C 81 20.78 -21.34 -17.39
C THR C 81 19.45 -22.07 -17.39
N CYS C 82 18.98 -22.41 -18.61
CA CYS C 82 17.85 -23.26 -18.87
C CYS C 82 18.33 -24.44 -19.67
N MET C 83 18.30 -25.63 -19.06
CA MET C 83 18.81 -26.84 -19.68
C MET C 83 17.66 -27.45 -20.48
N HIS C 84 17.92 -27.79 -21.74
CA HIS C 84 16.99 -28.54 -22.55
C HIS C 84 17.03 -30.01 -22.13
N LEU C 85 15.91 -30.74 -22.30
CA LEU C 85 15.84 -32.16 -21.99
C LEU C 85 14.81 -32.86 -22.86
N THR C 86 15.21 -33.95 -23.55
CA THR C 86 14.35 -34.67 -24.49
C THR C 86 13.93 -36.03 -23.92
N CYS C 87 13.11 -36.76 -24.68
CA CYS C 87 12.70 -38.15 -24.37
C CYS C 87 13.27 -39.12 -25.41
N THR C 88 14.30 -38.66 -26.14
CA THR C 88 14.92 -39.36 -27.25
C THR C 88 16.04 -40.23 -26.69
N ASP C 89 15.84 -41.57 -26.68
CA ASP C 89 16.82 -42.54 -26.19
C ASP C 89 16.93 -42.46 -24.67
N MET C 90 15.84 -42.05 -24.01
CA MET C 90 15.88 -41.67 -22.61
C MET C 90 14.90 -42.60 -21.84
N GLY C 91 15.47 -43.60 -21.15
CA GLY C 91 14.81 -44.24 -20.03
C GLY C 91 14.51 -43.21 -18.94
N VAL C 92 13.61 -43.58 -18.02
CA VAL C 92 13.20 -42.72 -16.92
C VAL C 92 14.37 -42.51 -15.94
N GLU C 93 15.25 -43.50 -15.83
CA GLU C 93 16.42 -43.39 -14.98
C GLU C 93 17.41 -42.38 -15.54
N ARG C 94 17.48 -42.30 -16.89
CA ARG C 94 18.31 -41.31 -17.59
C ARG C 94 17.80 -39.89 -17.31
N ILE C 95 16.46 -39.77 -17.36
CA ILE C 95 15.77 -38.52 -17.16
C ILE C 95 15.98 -38.04 -15.72
N ASN C 96 15.73 -38.93 -14.74
CA ASN C 96 15.89 -38.60 -13.33
C ASN C 96 17.32 -38.20 -12.97
N ASP C 97 18.30 -38.82 -13.65
CA ASP C 97 19.68 -38.45 -13.52
C ASP C 97 19.94 -37.04 -14.05
N ALA C 98 19.53 -36.80 -15.29
CA ALA C 98 19.66 -35.49 -15.92
C ALA C 98 19.09 -34.37 -15.03
N LEU C 99 17.88 -34.63 -14.50
CA LEU C 99 17.19 -33.67 -13.66
C LEU C 99 17.91 -33.45 -12.34
N ARG C 100 18.40 -34.53 -11.73
CA ARG C 100 19.13 -34.39 -10.47
C ARG C 100 20.43 -33.59 -10.67
N LYS C 101 21.08 -33.75 -11.85
CA LYS C 101 22.29 -33.02 -12.13
C LYS C 101 21.99 -31.53 -12.22
N ALA C 102 20.93 -31.19 -12.97
CA ALA C 102 20.54 -29.80 -13.18
C ALA C 102 20.12 -29.17 -11.85
N TYR C 103 19.52 -30.01 -11.01
CA TYR C 103 19.08 -29.58 -9.71
C TYR C 103 20.30 -29.10 -8.92
N LYS C 104 21.30 -29.98 -8.84
CA LYS C 104 22.49 -29.75 -8.05
C LYS C 104 23.36 -28.66 -8.66
N ALA C 105 23.20 -28.38 -9.97
CA ALA C 105 23.89 -27.25 -10.58
C ALA C 105 23.45 -25.92 -9.97
N GLY C 106 22.17 -25.84 -9.59
CA GLY C 106 21.53 -24.62 -9.14
C GLY C 106 20.52 -24.14 -10.19
N CYS C 107 20.25 -25.01 -11.20
CA CYS C 107 19.37 -24.67 -12.30
C CYS C 107 17.92 -24.71 -11.79
N THR C 108 17.09 -23.78 -12.30
CA THR C 108 15.68 -23.68 -11.93
C THR C 108 14.77 -23.56 -13.15
N ASN C 109 15.29 -23.92 -14.33
CA ASN C 109 14.63 -23.76 -15.60
C ASN C 109 14.94 -24.93 -16.51
N ILE C 110 13.89 -25.60 -17.02
CA ILE C 110 14.06 -26.69 -17.97
C ILE C 110 13.21 -26.44 -19.20
N LEU C 111 13.67 -26.91 -20.38
CA LEU C 111 12.80 -26.94 -21.55
C LEU C 111 12.61 -28.37 -22.02
N LYS C 121 18.42 -43.50 -36.11
CA LYS C 121 17.24 -44.29 -36.55
C LYS C 121 16.43 -43.54 -37.62
N GLU C 122 15.59 -44.31 -38.32
CA GLU C 122 14.55 -43.80 -39.20
C GLU C 122 13.43 -43.16 -38.36
N LYS C 123 12.77 -43.98 -37.52
CA LYS C 123 11.61 -43.51 -36.75
C LYS C 123 12.09 -42.95 -35.40
N TRP C 124 11.34 -42.01 -34.82
CA TRP C 124 11.38 -41.73 -33.39
C TRP C 124 10.64 -42.81 -32.60
N GLU C 125 11.38 -43.72 -31.99
CA GLU C 125 10.86 -44.82 -31.19
C GLU C 125 11.16 -44.46 -29.74
N ALA C 126 10.10 -44.40 -28.89
CA ALA C 126 10.25 -44.01 -27.49
C ALA C 126 11.06 -45.06 -26.69
N ALA C 127 12.12 -44.62 -26.00
CA ALA C 127 13.12 -45.50 -25.42
C ALA C 127 12.53 -46.21 -24.19
N LYS C 128 12.56 -47.54 -24.14
CA LYS C 128 11.61 -48.33 -23.34
C LYS C 128 11.72 -48.01 -21.83
N ASP C 129 10.57 -47.86 -21.16
CA ASP C 129 10.40 -47.17 -19.89
C ASP C 129 11.03 -45.77 -19.90
N GLY C 130 10.62 -45.03 -20.94
CA GLY C 130 10.57 -43.58 -20.97
C GLY C 130 9.22 -43.12 -21.54
N PHE C 131 9.19 -41.88 -22.04
CA PHE C 131 7.99 -41.13 -22.34
C PHE C 131 7.79 -41.06 -23.85
N ARG C 132 6.52 -40.94 -24.27
CA ARG C 132 6.14 -40.84 -25.67
C ARG C 132 6.18 -39.39 -26.12
N TYR C 133 5.60 -38.49 -25.31
CA TYR C 133 5.41 -37.09 -25.67
C TYR C 133 6.06 -36.19 -24.62
N ALA C 134 6.25 -34.94 -24.98
CA ALA C 134 6.85 -33.97 -24.07
C ALA C 134 5.88 -33.58 -22.97
N LYS C 135 4.57 -33.62 -23.26
CA LYS C 135 3.57 -33.42 -22.21
C LYS C 135 3.80 -34.38 -21.03
N ASP C 136 4.28 -35.62 -21.31
CA ASP C 136 4.49 -36.61 -20.26
C ASP C 136 5.68 -36.23 -19.38
N LEU C 137 6.70 -35.62 -19.99
CA LEU C 137 7.91 -35.18 -19.29
C LEU C 137 7.64 -33.92 -18.48
N VAL C 138 6.76 -33.01 -18.98
CA VAL C 138 6.43 -31.80 -18.24
C VAL C 138 5.74 -32.19 -16.92
N ALA C 139 4.79 -33.13 -17.05
CA ALA C 139 4.07 -33.67 -15.90
C ALA C 139 5.00 -34.45 -14.97
N HIS C 140 5.99 -35.15 -15.56
CA HIS C 140 6.97 -35.88 -14.78
C HIS C 140 7.79 -34.92 -13.91
N ILE C 141 8.30 -33.84 -14.48
CA ILE C 141 9.13 -32.87 -13.77
C ILE C 141 8.29 -32.24 -12.67
N ARG C 142 7.06 -31.88 -13.01
CA ARG C 142 6.16 -31.28 -12.07
C ARG C 142 5.90 -32.18 -10.87
N LYS C 143 5.78 -33.48 -11.11
CA LYS C 143 5.50 -34.43 -10.05
C LYS C 143 6.76 -34.66 -9.20
N GLU C 144 7.90 -34.85 -9.89
CA GLU C 144 9.16 -35.15 -9.21
C GLU C 144 9.61 -33.95 -8.38
N TYR C 145 9.92 -32.84 -9.03
CA TYR C 145 10.56 -31.68 -8.40
C TYR C 145 9.55 -30.60 -8.08
N GLY C 146 8.22 -30.88 -8.08
CA GLY C 146 7.25 -29.89 -7.66
C GLY C 146 7.31 -28.65 -8.54
N ASP C 147 7.49 -27.47 -7.91
CA ASP C 147 7.63 -26.21 -8.63
C ASP C 147 9.04 -25.62 -8.47
N HIS C 148 10.06 -26.47 -8.57
CA HIS C 148 11.43 -26.06 -8.42
C HIS C 148 11.90 -25.59 -9.79
N PHE C 149 11.67 -26.46 -10.78
CA PHE C 149 11.92 -26.16 -12.16
C PHE C 149 10.69 -25.48 -12.75
N ASP C 150 10.92 -24.31 -13.35
CA ASP C 150 10.00 -23.74 -14.31
C ASP C 150 10.23 -24.43 -15.66
N ILE C 151 9.16 -24.91 -16.30
CA ILE C 151 9.27 -25.71 -17.52
C ILE C 151 8.81 -24.89 -18.72
N GLY C 152 9.62 -24.87 -19.78
CA GLY C 152 9.27 -24.32 -21.07
C GLY C 152 9.05 -25.43 -22.09
N VAL C 153 8.35 -25.13 -23.20
CA VAL C 153 8.05 -26.11 -24.24
C VAL C 153 8.18 -25.48 -25.62
N ALA C 154 8.29 -26.33 -26.65
CA ALA C 154 8.47 -25.91 -28.03
C ALA C 154 7.16 -25.35 -28.59
N ASP C 165 -1.02 -29.97 -39.56
CA ASP C 165 -2.41 -29.69 -39.13
C ASP C 165 -2.35 -28.68 -37.97
N GLU C 166 -2.55 -27.38 -38.28
CA GLU C 166 -2.36 -26.32 -37.30
C GLU C 166 -3.31 -26.48 -36.10
N ASP C 167 -4.51 -27.04 -36.33
CA ASP C 167 -5.54 -27.13 -35.33
C ASP C 167 -5.21 -28.16 -34.23
N LEU C 168 -4.74 -29.33 -34.65
CA LEU C 168 -4.38 -30.39 -33.73
C LEU C 168 -3.05 -30.11 -33.03
N LEU C 169 -2.15 -29.38 -33.72
CA LEU C 169 -0.89 -28.98 -33.13
C LEU C 169 -1.12 -28.09 -31.95
N LEU C 170 -1.98 -27.06 -32.14
CA LEU C 170 -2.30 -26.14 -31.06
C LEU C 170 -3.09 -26.81 -29.94
N ASP C 171 -3.79 -27.93 -30.24
CA ASP C 171 -4.38 -28.77 -29.21
C ASP C 171 -3.34 -29.44 -28.33
N HIS C 172 -2.31 -30.00 -28.99
CA HIS C 172 -1.22 -30.64 -28.26
C HIS C 172 -0.42 -29.61 -27.47
N LEU C 173 -0.31 -28.37 -28.00
CA LEU C 173 0.36 -27.28 -27.31
C LEU C 173 -0.41 -26.96 -26.03
N LYS C 174 -1.75 -26.95 -26.15
CA LYS C 174 -2.60 -26.75 -24.98
C LYS C 174 -2.35 -27.84 -23.93
N GLU C 175 -2.17 -29.11 -24.39
CA GLU C 175 -1.86 -30.21 -23.50
C GLU C 175 -0.54 -30.00 -22.74
N LYS C 176 0.55 -29.74 -23.50
CA LYS C 176 1.88 -29.55 -22.93
C LYS C 176 1.90 -28.41 -21.92
N VAL C 177 1.22 -27.31 -22.24
CA VAL C 177 1.11 -26.14 -21.37
C VAL C 177 0.30 -26.50 -20.12
N ASP C 178 -0.83 -27.18 -20.33
CA ASP C 178 -1.71 -27.54 -19.23
C ASP C 178 -1.09 -28.53 -18.25
N MET C 179 -0.08 -29.29 -18.68
CA MET C 179 0.68 -30.17 -17.79
C MET C 179 1.57 -29.39 -16.81
N GLY C 180 1.76 -28.09 -17.03
CA GLY C 180 2.40 -27.19 -16.07
C GLY C 180 3.61 -26.48 -16.63
N ALA C 181 3.59 -26.12 -17.92
CA ALA C 181 4.65 -25.35 -18.54
C ALA C 181 4.36 -23.88 -18.24
N GLY C 182 5.44 -23.10 -18.04
CA GLY C 182 5.35 -21.68 -17.70
C GLY C 182 5.51 -20.77 -18.92
N PHE C 183 6.08 -21.31 -20.02
CA PHE C 183 6.37 -20.51 -21.19
C PHE C 183 6.62 -21.38 -22.43
N ILE C 184 6.53 -20.74 -23.61
CA ILE C 184 6.73 -21.37 -24.91
C ILE C 184 7.91 -20.71 -25.60
N VAL C 185 8.83 -21.51 -26.14
CA VAL C 185 9.92 -21.02 -26.96
C VAL C 185 9.66 -21.54 -28.37
N THR C 186 9.71 -20.66 -29.37
CA THR C 186 9.33 -21.02 -30.74
C THR C 186 10.56 -21.42 -31.56
N GLN C 187 10.30 -22.07 -32.68
CA GLN C 187 11.30 -22.29 -33.72
C GLN C 187 11.65 -20.96 -34.36
N MET C 188 12.81 -20.89 -35.03
CA MET C 188 13.19 -19.76 -35.86
C MET C 188 12.15 -19.52 -36.95
N PHE C 189 11.85 -18.26 -37.24
CA PHE C 189 11.00 -17.89 -38.36
C PHE C 189 11.61 -16.67 -39.04
N TYR C 190 11.22 -16.44 -40.31
CA TYR C 190 11.52 -15.23 -41.03
C TYR C 190 10.25 -14.56 -41.58
N ASP C 191 9.06 -15.19 -41.45
CA ASP C 191 7.79 -14.58 -41.77
C ASP C 191 7.14 -14.01 -40.51
N VAL C 192 7.14 -12.68 -40.39
CA VAL C 192 6.80 -12.02 -39.15
C VAL C 192 5.28 -11.98 -39.04
N ASP C 193 4.60 -11.56 -40.13
CA ASP C 193 3.15 -11.48 -40.18
C ASP C 193 2.52 -12.81 -39.74
N ASN C 194 3.09 -13.93 -40.23
CA ASN C 194 2.64 -15.25 -39.88
C ASN C 194 2.75 -15.51 -38.37
N PHE C 195 3.89 -15.05 -37.81
CA PHE C 195 4.15 -15.23 -36.39
C PHE C 195 3.10 -14.50 -35.52
N LEU C 196 2.87 -13.21 -35.81
CA LEU C 196 2.02 -12.38 -34.96
C LEU C 196 0.57 -12.82 -35.10
N ARG C 197 0.25 -13.41 -36.26
CA ARG C 197 -1.03 -14.07 -36.47
C ARG C 197 -1.14 -15.30 -35.59
N TRP C 198 -0.10 -16.13 -35.65
CA TRP C 198 -0.04 -17.36 -34.89
C TRP C 198 -0.25 -17.11 -33.41
N VAL C 199 0.36 -16.00 -32.91
CA VAL C 199 0.32 -15.66 -31.49
C VAL C 199 -1.11 -15.46 -31.02
N LYS C 200 -1.92 -14.83 -31.87
CA LYS C 200 -3.32 -14.59 -31.55
C LYS C 200 -4.09 -15.91 -31.58
N LYS C 201 -3.70 -16.83 -32.48
CA LYS C 201 -4.33 -18.14 -32.59
C LYS C 201 -4.01 -19.07 -31.42
N VAL C 202 -2.84 -18.83 -30.82
CA VAL C 202 -2.46 -19.53 -29.60
C VAL C 202 -3.35 -19.03 -28.45
N ARG C 203 -3.42 -17.69 -28.29
CA ARG C 203 -4.23 -17.07 -27.26
C ARG C 203 -5.72 -17.38 -27.43
N GLU C 204 -6.16 -17.46 -28.70
CA GLU C 204 -7.51 -17.90 -29.08
C GLU C 204 -7.85 -19.24 -28.42
N ARG C 205 -6.86 -20.14 -28.36
CA ARG C 205 -7.10 -21.47 -27.81
C ARG C 205 -7.02 -21.53 -26.29
N GLY C 206 -6.90 -20.37 -25.61
CA GLY C 206 -6.82 -20.29 -24.17
C GLY C 206 -5.47 -20.75 -23.62
N ILE C 207 -4.41 -20.41 -24.36
CA ILE C 207 -3.04 -20.69 -23.99
C ILE C 207 -2.42 -19.32 -23.69
N SER C 208 -2.31 -18.98 -22.41
CA SER C 208 -2.04 -17.62 -21.95
C SER C 208 -0.56 -17.38 -21.66
N VAL C 209 0.26 -18.45 -21.57
CA VAL C 209 1.64 -18.35 -21.11
C VAL C 209 2.47 -17.38 -21.96
N PRO C 210 3.56 -16.78 -21.43
CA PRO C 210 4.46 -15.97 -22.25
C PRO C 210 5.10 -16.72 -23.44
N ILE C 211 5.08 -16.10 -24.62
CA ILE C 211 5.74 -16.63 -25.79
C ILE C 211 7.12 -15.96 -25.93
N VAL C 212 8.07 -16.77 -26.39
CA VAL C 212 9.45 -16.36 -26.61
C VAL C 212 9.81 -16.71 -28.04
N PRO C 213 9.88 -15.73 -28.97
CA PRO C 213 10.26 -16.00 -30.37
C PRO C 213 11.71 -16.50 -30.49
N GLY C 214 11.91 -17.47 -31.38
CA GLY C 214 13.23 -17.92 -31.79
C GLY C 214 13.79 -17.01 -32.88
N ILE C 215 14.81 -16.21 -32.53
CA ILE C 215 15.46 -15.34 -33.50
C ILE C 215 16.77 -16.00 -33.86
N MET C 216 17.01 -16.27 -35.15
CA MET C 216 18.34 -16.64 -35.59
C MET C 216 18.90 -15.57 -36.51
N PRO C 217 19.93 -14.80 -36.07
CA PRO C 217 20.51 -13.72 -36.89
C PRO C 217 21.38 -14.34 -37.98
N ILE C 218 21.86 -13.52 -38.92
CA ILE C 218 22.59 -13.95 -40.11
C ILE C 218 24.09 -13.73 -39.88
N ALA C 219 24.91 -14.74 -40.19
CA ALA C 219 26.38 -14.69 -40.08
C ALA C 219 27.01 -14.88 -41.46
N THR C 220 26.57 -15.88 -42.24
CA THR C 220 26.99 -16.05 -43.62
C THR C 220 25.76 -16.25 -44.49
N TYR C 221 25.94 -15.99 -45.79
CA TYR C 221 24.86 -16.17 -46.76
C TYR C 221 24.53 -17.67 -46.89
N ALA C 222 25.57 -18.51 -46.79
CA ALA C 222 25.45 -19.95 -46.92
C ALA C 222 24.68 -20.57 -45.76
N SER C 223 25.17 -20.32 -44.55
CA SER C 223 24.58 -20.87 -43.32
C SER C 223 23.14 -20.38 -43.17
N PHE C 224 22.87 -19.13 -43.61
CA PHE C 224 21.55 -18.54 -43.52
C PHE C 224 20.58 -19.36 -44.36
N LEU C 225 20.91 -19.51 -45.66
CA LEU C 225 20.03 -20.18 -46.61
C LEU C 225 19.93 -21.67 -46.29
N ARG C 226 21.04 -22.28 -45.83
CA ARG C 226 21.09 -23.72 -45.64
C ARG C 226 20.20 -24.13 -44.46
N ARG C 227 20.39 -23.46 -43.32
CA ARG C 227 19.60 -23.74 -42.12
C ARG C 227 18.13 -23.35 -42.32
N ALA C 228 17.88 -22.23 -43.00
CA ALA C 228 16.53 -21.76 -43.27
C ALA C 228 15.76 -22.75 -44.14
N ASN C 229 16.42 -23.30 -45.17
CA ASN C 229 15.81 -24.27 -46.07
C ASN C 229 15.61 -25.62 -45.40
N HIS C 230 16.55 -25.99 -44.53
CA HIS C 230 16.47 -27.22 -43.74
C HIS C 230 15.25 -27.20 -42.82
N MET C 231 14.98 -26.06 -42.19
CA MET C 231 13.84 -25.88 -41.31
C MET C 231 12.58 -25.51 -42.09
N LYS C 232 12.74 -25.24 -43.41
CA LYS C 232 11.64 -24.89 -44.29
C LYS C 232 11.01 -23.58 -43.82
N CYS C 233 11.86 -22.55 -43.70
CA CYS C 233 11.45 -21.19 -43.43
C CYS C 233 11.04 -20.48 -44.72
N LYS C 234 9.93 -19.75 -44.64
CA LYS C 234 9.57 -18.73 -45.61
C LYS C 234 10.51 -17.53 -45.42
N ILE C 235 11.37 -17.27 -46.42
CA ILE C 235 12.22 -16.09 -46.48
C ILE C 235 11.58 -15.10 -47.46
N PRO C 236 11.30 -13.84 -47.05
CA PRO C 236 10.77 -12.83 -47.96
C PRO C 236 11.65 -12.53 -49.17
N GLU C 237 11.03 -12.35 -50.33
CA GLU C 237 11.68 -11.97 -51.59
C GLU C 237 12.46 -10.67 -51.43
N GLU C 238 12.04 -9.81 -50.51
CA GLU C 238 12.70 -8.56 -50.24
C GLU C 238 14.03 -8.79 -49.52
N TRP C 239 14.06 -9.80 -48.64
CA TRP C 239 15.30 -10.23 -47.98
C TRP C 239 16.27 -10.77 -49.02
N MET C 240 15.75 -11.63 -49.90
CA MET C 240 16.51 -12.28 -50.95
C MET C 240 17.15 -11.25 -51.88
N ALA C 241 16.31 -10.30 -52.30
CA ALA C 241 16.69 -9.28 -53.24
C ALA C 241 17.74 -8.36 -52.64
N LYS C 242 17.69 -8.09 -51.33
CA LYS C 242 18.65 -7.19 -50.68
C LYS C 242 19.99 -7.87 -50.46
N LEU C 243 20.01 -9.18 -50.23
CA LEU C 243 21.23 -9.95 -50.00
C LEU C 243 21.88 -10.46 -51.27
N GLU C 244 21.11 -10.47 -52.37
CA GLU C 244 21.55 -11.04 -53.63
C GLU C 244 22.85 -10.36 -54.10
N PRO C 245 22.88 -9.03 -54.27
CA PRO C 245 24.05 -8.36 -54.87
C PRO C 245 25.38 -8.53 -54.15
N VAL C 246 25.37 -8.68 -52.80
CA VAL C 246 26.62 -8.83 -52.06
C VAL C 246 26.72 -10.24 -51.46
N LYS C 247 26.11 -11.25 -52.09
CA LYS C 247 26.02 -12.60 -51.55
C LYS C 247 27.39 -13.20 -51.19
N ASN C 248 28.41 -12.93 -52.01
CA ASN C 248 29.75 -13.46 -51.76
C ASN C 248 30.38 -12.80 -50.55
N ASP C 249 30.19 -11.47 -50.42
CA ASP C 249 30.77 -10.70 -49.35
C ASP C 249 29.92 -10.84 -48.09
N ASP C 250 30.41 -11.63 -47.13
CA ASP C 250 29.68 -11.92 -45.90
C ASP C 250 29.81 -10.78 -44.88
N VAL C 251 30.72 -9.83 -45.11
CA VAL C 251 30.82 -8.61 -44.34
C VAL C 251 29.60 -7.74 -44.68
N ALA C 252 29.35 -7.57 -45.99
CA ALA C 252 28.20 -6.82 -46.49
C ALA C 252 26.87 -7.53 -46.15
N VAL C 253 26.87 -8.88 -46.20
CA VAL C 253 25.71 -9.68 -45.88
C VAL C 253 25.42 -9.57 -44.39
N ARG C 254 26.44 -9.53 -43.53
CA ARG C 254 26.25 -9.40 -42.08
C ARG C 254 25.71 -8.02 -41.72
N GLU C 255 26.16 -6.96 -42.42
CA GLU C 255 25.70 -5.60 -42.10
C GLU C 255 24.31 -5.37 -42.68
N ILE C 256 23.91 -6.20 -43.68
CA ILE C 256 22.56 -6.17 -44.23
C ILE C 256 21.64 -6.98 -43.33
N GLY C 257 22.03 -8.23 -43.08
CA GLY C 257 21.20 -9.13 -42.27
C GLY C 257 21.11 -8.72 -40.80
N LYS C 258 22.02 -7.82 -40.35
CA LYS C 258 21.84 -7.10 -39.10
C LYS C 258 20.47 -6.40 -39.10
N THR C 259 20.24 -5.59 -40.16
CA THR C 259 19.09 -4.71 -40.21
C THR C 259 17.82 -5.45 -40.64
N LEU C 260 17.96 -6.56 -41.43
CA LEU C 260 16.84 -7.37 -41.83
C LEU C 260 16.18 -8.02 -40.61
N VAL C 261 17.01 -8.70 -39.79
CA VAL C 261 16.55 -9.45 -38.63
C VAL C 261 16.02 -8.47 -37.58
N ALA C 262 16.74 -7.34 -37.42
CA ALA C 262 16.41 -6.34 -36.41
C ALA C 262 15.07 -5.66 -36.69
N ASP C 263 14.77 -5.46 -37.98
CA ASP C 263 13.46 -4.95 -38.36
C ASP C 263 12.35 -5.92 -37.97
N MET C 264 12.62 -7.22 -38.15
CA MET C 264 11.66 -8.26 -37.78
C MET C 264 11.44 -8.23 -36.26
N CYS C 265 12.55 -8.11 -35.50
CA CYS C 265 12.52 -8.00 -34.05
C CYS C 265 11.70 -6.79 -33.57
N ARG C 266 11.90 -5.63 -34.24
CA ARG C 266 11.20 -4.40 -33.88
C ARG C 266 9.68 -4.54 -33.99
N LYS C 267 9.19 -5.33 -34.96
CA LYS C 267 7.79 -5.53 -35.17
C LYS C 267 7.21 -6.51 -34.16
N ILE C 268 8.03 -7.50 -33.75
CA ILE C 268 7.65 -8.43 -32.71
C ILE C 268 7.55 -7.68 -31.38
N LEU C 269 8.53 -6.80 -31.12
CA LEU C 269 8.60 -6.01 -29.91
C LEU C 269 7.46 -5.01 -29.80
N ASP C 270 7.19 -4.33 -30.92
CA ASP C 270 6.06 -3.42 -31.01
C ASP C 270 4.76 -4.12 -30.61
N ALA C 271 4.61 -5.38 -31.05
CA ALA C 271 3.39 -6.13 -30.84
C ALA C 271 3.20 -6.54 -29.37
N GLY C 272 4.15 -6.23 -28.46
CA GLY C 272 4.02 -6.49 -27.05
C GLY C 272 4.83 -7.71 -26.58
N ILE C 273 5.34 -8.52 -27.53
CA ILE C 273 6.20 -9.64 -27.20
C ILE C 273 7.57 -9.06 -26.84
N ARG C 274 8.03 -9.21 -25.61
CA ARG C 274 9.16 -8.43 -25.13
C ARG C 274 10.44 -9.22 -24.94
N HIS C 275 10.42 -10.57 -25.00
CA HIS C 275 11.66 -11.31 -24.91
C HIS C 275 12.08 -11.87 -26.26
N LEU C 276 13.40 -11.78 -26.54
CA LEU C 276 13.99 -12.31 -27.77
C LEU C 276 15.06 -13.34 -27.40
N HIS C 277 14.92 -14.57 -27.93
CA HIS C 277 15.81 -15.67 -27.67
C HIS C 277 16.63 -15.92 -28.93
N PHE C 278 17.95 -15.68 -28.81
CA PHE C 278 18.85 -15.71 -29.96
C PHE C 278 19.52 -17.09 -30.06
N TYR C 279 19.49 -17.69 -31.23
CA TYR C 279 20.23 -18.91 -31.53
C TYR C 279 21.64 -18.50 -31.95
N THR C 280 22.59 -18.47 -31.02
CA THR C 280 23.92 -17.91 -31.26
C THR C 280 24.73 -18.81 -32.18
N MET C 281 24.44 -20.12 -32.15
CA MET C 281 25.24 -21.13 -32.81
C MET C 281 26.69 -21.10 -32.30
N ASN C 282 26.85 -20.72 -31.02
CA ASN C 282 28.14 -20.56 -30.36
C ASN C 282 28.97 -19.46 -31.02
N LEU C 283 28.31 -18.37 -31.45
CA LEU C 283 28.94 -17.26 -32.15
C LEU C 283 28.37 -15.94 -31.63
N ALA C 284 29.26 -14.98 -31.29
CA ALA C 284 28.85 -13.75 -30.66
C ALA C 284 28.34 -12.75 -31.72
N GLN C 285 29.03 -12.62 -32.86
CA GLN C 285 29.00 -11.40 -33.67
C GLN C 285 27.63 -11.20 -34.35
N ALA C 286 27.04 -12.29 -34.82
CA ALA C 286 25.78 -12.21 -35.55
C ALA C 286 24.72 -11.65 -34.62
N THR C 287 24.65 -12.19 -33.40
CA THR C 287 23.70 -11.74 -32.38
C THR C 287 24.02 -10.31 -31.94
N ARG C 288 25.30 -10.10 -31.64
CA ARG C 288 25.82 -8.82 -31.14
C ARG C 288 25.43 -7.66 -32.06
N MET C 289 25.58 -7.84 -33.37
CA MET C 289 25.28 -6.83 -34.35
C MET C 289 23.80 -6.44 -34.32
N VAL C 290 22.92 -7.43 -34.09
CA VAL C 290 21.48 -7.18 -34.02
C VAL C 290 21.14 -6.44 -32.71
N LEU C 291 21.78 -6.85 -31.60
CA LEU C 291 21.56 -6.21 -30.32
C LEU C 291 22.03 -4.76 -30.35
N GLU C 292 23.16 -4.48 -31.03
CA GLU C 292 23.63 -3.11 -31.24
C GLU C 292 22.64 -2.32 -32.11
N GLU C 293 22.12 -2.98 -33.17
CA GLU C 293 21.15 -2.36 -34.06
C GLU C 293 19.89 -1.96 -33.31
N LEU C 294 19.56 -2.69 -32.22
CA LEU C 294 18.40 -2.39 -31.39
C LEU C 294 18.78 -1.48 -30.23
N ASN C 295 20.04 -0.97 -30.19
CA ASN C 295 20.59 -0.34 -29.00
C ASN C 295 20.17 -0.98 -27.68
N TRP C 296 20.15 -2.31 -27.69
CA TRP C 296 19.94 -3.13 -26.52
C TRP C 296 21.28 -3.47 -25.86
N LEU C 297 22.41 -3.23 -26.54
CA LEU C 297 23.68 -3.42 -25.88
C LEU C 297 23.90 -2.30 -24.88
N PRO C 298 24.63 -2.56 -23.77
CA PRO C 298 24.94 -1.52 -22.79
C PRO C 298 25.85 -0.47 -23.43
N SER C 299 25.79 0.76 -22.90
CA SER C 299 26.72 1.83 -23.28
C SER C 299 27.36 2.43 -22.04
N PRO C 300 28.26 3.43 -22.18
CA PRO C 300 28.52 4.42 -21.13
C PRO C 300 27.25 5.08 -20.60
N ASP C 301 26.37 5.45 -21.55
CA ASP C 301 25.13 6.18 -21.27
C ASP C 301 24.14 5.33 -20.47
N ARG C 302 24.02 4.05 -20.81
CA ARG C 302 23.16 3.10 -20.09
C ARG C 302 24.02 1.89 -19.76
N PRO C 303 24.91 1.97 -18.73
CA PRO C 303 25.89 0.91 -18.48
C PRO C 303 25.22 -0.34 -17.96
N LEU C 304 25.97 -1.45 -17.90
CA LEU C 304 25.42 -2.71 -17.41
C LEU C 304 25.37 -2.61 -15.89
N LYS C 305 24.21 -2.91 -15.30
CA LYS C 305 24.03 -2.68 -13.87
C LYS C 305 24.70 -3.79 -13.06
N HIS C 306 25.36 -3.48 -11.94
CA HIS C 306 25.93 -4.49 -11.07
C HIS C 306 25.24 -4.55 -9.71
N ALA C 307 24.80 -5.74 -9.33
CA ALA C 307 24.21 -5.98 -8.02
C ALA C 307 25.18 -5.68 -6.89
N LEU C 308 26.44 -6.10 -7.04
CA LEU C 308 27.41 -6.02 -5.97
C LEU C 308 28.76 -5.63 -6.55
N PRO C 309 29.71 -5.14 -5.72
CA PRO C 309 31.05 -4.86 -6.20
C PRO C 309 31.80 -6.06 -6.78
N TRP C 310 31.27 -7.29 -6.63
CA TRP C 310 31.89 -8.44 -7.27
C TRP C 310 30.86 -9.32 -7.97
N LYS C 311 31.35 -10.22 -8.83
CA LYS C 311 30.50 -11.02 -9.69
C LYS C 311 29.82 -12.08 -8.82
N GLN C 312 28.51 -11.96 -8.71
CA GLN C 312 27.73 -12.83 -7.84
C GLN C 312 27.55 -14.21 -8.53
N SER C 313 27.66 -15.28 -7.75
CA SER C 313 27.48 -16.64 -8.26
C SER C 313 25.99 -16.99 -8.24
N LEU C 314 25.60 -17.95 -9.08
CA LEU C 314 24.28 -18.59 -9.02
C LEU C 314 24.43 -20.09 -8.83
N GLY C 315 25.52 -20.49 -8.15
CA GLY C 315 25.78 -21.89 -7.93
C GLY C 315 24.79 -22.45 -6.91
N PHE C 316 25.02 -23.67 -6.41
CA PHE C 316 23.94 -24.40 -5.76
C PHE C 316 23.41 -23.66 -4.53
N GLY C 317 24.25 -23.36 -3.53
CA GLY C 317 23.68 -22.62 -2.38
C GLY C 317 24.17 -21.18 -2.36
N ARG C 318 24.28 -20.54 -3.51
CA ARG C 318 24.90 -19.18 -3.53
C ARG C 318 23.96 -18.05 -3.94
N ARG C 319 22.64 -18.24 -3.96
CA ARG C 319 21.82 -17.08 -4.28
C ARG C 319 21.82 -16.07 -3.14
N GLY C 320 22.06 -16.53 -1.89
CA GLY C 320 22.09 -15.68 -0.72
C GLY C 320 23.42 -14.98 -0.43
N GLU C 321 24.46 -15.31 -1.20
CA GLU C 321 25.80 -14.85 -0.94
C GLU C 321 25.94 -13.39 -1.33
N ASP C 322 26.14 -12.51 -0.34
CA ASP C 322 26.37 -11.11 -0.57
C ASP C 322 27.43 -10.49 0.34
N VAL C 323 28.40 -11.29 0.79
CA VAL C 323 29.61 -10.72 1.38
C VAL C 323 30.80 -11.62 1.15
N ARG C 324 31.92 -11.00 0.78
CA ARG C 324 33.16 -11.72 0.50
C ARG C 324 34.38 -10.96 1.00
N PRO C 325 35.51 -11.62 1.29
CA PRO C 325 36.78 -10.93 1.50
C PRO C 325 37.25 -10.19 0.26
N ILE C 326 38.02 -9.11 0.43
CA ILE C 326 38.48 -8.33 -0.70
C ILE C 326 39.47 -9.14 -1.53
N PHE C 327 40.04 -10.23 -1.01
CA PHE C 327 41.31 -10.73 -1.51
C PHE C 327 41.15 -11.40 -2.88
N TRP C 328 39.96 -11.95 -3.14
CA TRP C 328 39.62 -12.55 -4.43
C TRP C 328 38.78 -11.57 -5.24
N ARG C 329 39.00 -10.27 -5.07
CA ARG C 329 38.45 -9.25 -5.93
C ARG C 329 38.79 -9.54 -7.39
N ASN C 330 39.96 -10.13 -7.66
CA ASN C 330 40.39 -10.33 -9.02
C ASN C 330 40.46 -11.81 -9.36
N ARG C 331 40.02 -12.69 -8.45
CA ARG C 331 39.96 -14.11 -8.72
C ARG C 331 38.62 -14.65 -8.24
N ASN C 332 37.57 -14.29 -8.98
CA ASN C 332 36.22 -14.65 -8.60
C ASN C 332 36.01 -16.18 -8.65
N LYS C 333 36.22 -16.71 -9.84
CA LYS C 333 36.08 -18.13 -10.15
C LYS C 333 36.87 -18.92 -9.12
N SER C 334 38.05 -18.42 -8.73
CA SER C 334 38.85 -19.08 -7.70
C SER C 334 38.10 -19.19 -6.38
N TYR C 335 37.53 -18.08 -5.91
CA TYR C 335 36.85 -18.03 -4.61
C TYR C 335 35.69 -19.03 -4.65
N VAL C 336 34.99 -19.07 -5.78
CA VAL C 336 33.88 -19.98 -5.97
C VAL C 336 34.38 -21.43 -5.84
N ALA C 337 35.47 -21.72 -6.53
CA ALA C 337 36.06 -23.04 -6.47
C ALA C 337 36.41 -23.44 -5.05
N ARG C 338 36.94 -22.49 -4.29
CA ARG C 338 37.50 -22.79 -2.97
C ARG C 338 36.39 -22.96 -1.95
N THR C 339 35.36 -22.12 -2.07
CA THR C 339 34.27 -22.11 -1.11
C THR C 339 33.10 -23.00 -1.53
N GLN C 340 33.22 -23.79 -2.62
CA GLN C 340 32.09 -24.49 -3.20
C GLN C 340 31.44 -25.49 -2.24
N ASP C 341 32.22 -26.06 -1.32
CA ASP C 341 31.68 -27.06 -0.43
C ASP C 341 31.07 -26.43 0.83
N TRP C 342 30.74 -25.14 0.82
CA TRP C 342 30.28 -24.48 2.03
C TRP C 342 28.80 -24.76 2.28
N ASP C 343 28.47 -25.05 3.55
CA ASP C 343 27.12 -25.39 3.97
C ASP C 343 26.25 -24.14 4.09
N GLU C 344 26.82 -23.06 4.63
CA GLU C 344 26.21 -21.76 4.72
C GLU C 344 27.09 -20.78 3.95
N PHE C 345 26.51 -19.99 3.05
CA PHE C 345 27.20 -18.84 2.49
C PHE C 345 26.94 -17.62 3.35
N PRO C 346 27.92 -16.73 3.46
CA PRO C 346 27.75 -15.55 4.32
C PRO C 346 26.72 -14.64 3.67
N ASN C 347 25.96 -13.94 4.54
CA ASN C 347 24.81 -13.17 4.10
C ASN C 347 24.61 -12.01 5.05
N GLY C 348 24.74 -10.78 4.52
CA GLY C 348 24.42 -9.58 5.26
C GLY C 348 25.62 -9.13 6.08
N ARG C 349 26.18 -10.04 6.88
CA ARG C 349 27.43 -9.79 7.57
C ARG C 349 28.23 -11.08 7.69
N TRP C 350 29.55 -10.93 7.78
CA TRP C 350 30.46 -12.05 7.86
C TRP C 350 30.37 -12.71 9.22
N GLY C 351 30.40 -11.88 10.28
CA GLY C 351 30.21 -12.31 11.64
C GLY C 351 31.55 -12.69 12.26
N ASP C 352 31.61 -12.60 13.60
CA ASP C 352 32.85 -12.82 14.33
C ASP C 352 33.07 -14.30 14.54
N SER C 353 32.00 -15.07 14.75
CA SER C 353 32.10 -16.48 15.07
C SER C 353 32.57 -17.31 13.88
N ARG C 354 32.22 -16.85 12.65
CA ARG C 354 32.54 -17.55 11.42
C ARG C 354 33.99 -18.04 11.37
N SER C 355 34.17 -19.35 11.30
CA SER C 355 35.48 -19.96 11.08
C SER C 355 35.46 -20.72 9.75
N PRO C 356 35.81 -20.02 8.64
CA PRO C 356 35.57 -20.51 7.28
C PRO C 356 36.69 -21.43 6.75
N ALA C 357 36.31 -22.51 6.10
CA ALA C 357 37.25 -23.57 5.80
C ALA C 357 37.57 -23.49 4.32
N PHE C 358 38.59 -22.75 3.88
CA PHE C 358 38.77 -22.57 2.43
C PHE C 358 39.36 -23.83 1.78
N GLY C 359 39.08 -24.00 0.50
CA GLY C 359 39.50 -25.17 -0.23
C GLY C 359 41.00 -25.24 -0.46
N GLU C 360 41.50 -26.44 -0.72
CA GLU C 360 42.87 -26.70 -1.06
C GLU C 360 43.23 -26.25 -2.47
N LEU C 361 44.48 -25.85 -2.67
CA LEU C 361 44.86 -25.17 -3.92
C LEU C 361 44.82 -26.15 -5.09
N ASP C 362 45.51 -27.27 -4.88
CA ASP C 362 45.63 -28.35 -5.83
C ASP C 362 44.27 -29.01 -6.04
N ALA C 363 43.65 -29.34 -4.88
CA ALA C 363 42.51 -30.20 -4.81
C ALA C 363 41.31 -29.58 -5.54
N TYR C 364 41.39 -28.26 -5.83
CA TYR C 364 40.31 -27.51 -6.44
C TYR C 364 40.63 -26.98 -7.84
N GLY C 365 41.88 -27.14 -8.31
CA GLY C 365 42.26 -26.59 -9.61
C GLY C 365 42.18 -25.05 -9.66
N VAL C 366 42.96 -24.44 -8.74
CA VAL C 366 43.08 -22.99 -8.55
C VAL C 366 44.54 -22.66 -8.85
N GLY C 367 44.87 -22.68 -10.15
CA GLY C 367 46.23 -22.73 -10.68
C GLY C 367 46.39 -21.73 -11.83
N LEU C 368 47.49 -21.88 -12.57
CA LEU C 368 47.63 -21.12 -13.81
C LEU C 368 46.85 -21.75 -14.94
N THR C 369 46.51 -20.88 -15.91
CA THR C 369 45.74 -21.21 -17.10
C THR C 369 46.73 -21.45 -18.25
N GLY C 370 46.46 -22.48 -19.07
CA GLY C 370 47.10 -22.59 -20.38
C GLY C 370 48.52 -23.14 -20.29
N SER C 371 49.17 -23.25 -21.46
CA SER C 371 50.48 -23.86 -21.59
C SER C 371 51.54 -22.97 -20.96
N ASN C 372 52.67 -23.60 -20.59
CA ASN C 372 53.83 -22.84 -20.21
C ASN C 372 54.31 -21.99 -21.37
N GLU C 373 54.38 -22.60 -22.55
CA GLU C 373 54.71 -21.95 -23.80
C GLU C 373 53.95 -20.64 -23.98
N GLN C 374 52.65 -20.67 -23.71
CA GLN C 374 51.78 -19.52 -23.82
C GLN C 374 52.03 -18.47 -22.74
N ASN C 375 52.22 -18.93 -21.49
CA ASN C 375 52.40 -18.02 -20.36
C ASN C 375 53.74 -17.30 -20.45
N ARG C 376 54.74 -17.98 -20.98
CA ARG C 376 56.01 -17.35 -21.31
C ARG C 376 55.83 -16.34 -22.43
N GLU C 377 54.91 -16.62 -23.36
CA GLU C 377 54.64 -15.66 -24.43
C GLU C 377 54.05 -14.38 -23.83
N ARG C 378 53.09 -14.54 -22.89
CA ARG C 378 52.46 -13.42 -22.21
C ARG C 378 53.48 -12.59 -21.43
N TRP C 379 54.21 -13.28 -20.55
CA TRP C 379 54.98 -12.66 -19.49
C TRP C 379 56.44 -12.55 -19.82
N GLY C 380 56.92 -13.18 -20.92
CA GLY C 380 58.34 -13.15 -21.23
C GLY C 380 59.21 -13.93 -20.23
N GLU C 381 60.49 -13.54 -20.12
CA GLU C 381 61.50 -14.21 -19.33
C GLU C 381 62.20 -13.19 -18.43
N PRO C 382 61.69 -12.95 -17.21
CA PRO C 382 62.25 -11.96 -16.31
C PRO C 382 63.58 -12.45 -15.73
N LYS C 383 64.58 -11.61 -15.72
CA LYS C 383 65.91 -11.93 -15.23
C LYS C 383 66.15 -11.22 -13.90
N CYS C 384 65.46 -10.09 -13.69
CA CYS C 384 65.62 -9.29 -12.48
C CYS C 384 64.26 -8.76 -12.02
N ILE C 385 64.24 -8.08 -10.86
CA ILE C 385 63.00 -7.63 -10.23
C ILE C 385 62.37 -6.48 -11.03
N ARG C 386 63.19 -5.71 -11.75
CA ARG C 386 62.70 -4.61 -12.58
C ARG C 386 61.82 -5.10 -13.73
N ASP C 387 62.13 -6.31 -14.26
CA ASP C 387 61.36 -6.89 -15.33
C ASP C 387 59.96 -7.23 -14.87
N ILE C 388 59.85 -7.70 -13.61
CA ILE C 388 58.56 -7.99 -13.01
C ILE C 388 57.79 -6.68 -12.87
N ALA C 389 58.47 -5.66 -12.32
CA ALA C 389 57.87 -4.34 -12.19
C ALA C 389 57.26 -3.87 -13.52
N ASN C 390 58.05 -4.01 -14.59
CA ASN C 390 57.65 -3.61 -15.94
C ASN C 390 56.35 -4.29 -16.38
N LEU C 391 56.28 -5.58 -16.06
CA LEU C 391 55.17 -6.41 -16.46
C LEU C 391 53.89 -5.93 -15.82
N PHE C 392 53.98 -5.59 -14.54
CA PHE C 392 52.85 -5.06 -13.79
C PHE C 392 52.44 -3.69 -14.31
N ILE C 393 53.42 -2.86 -14.70
CA ILE C 393 53.13 -1.54 -15.25
C ILE C 393 52.40 -1.71 -16.59
N ARG C 394 52.82 -2.71 -17.38
CA ARG C 394 52.20 -3.02 -18.65
C ARG C 394 50.74 -3.45 -18.47
N TYR C 395 50.47 -4.23 -17.40
CA TYR C 395 49.11 -4.68 -17.11
C TYR C 395 48.21 -3.46 -16.80
N MET C 396 48.77 -2.55 -15.98
CA MET C 396 48.12 -1.33 -15.51
C MET C 396 47.84 -0.38 -16.66
N ARG C 397 48.66 -0.45 -17.72
CA ARG C 397 48.44 0.36 -18.91
C ARG C 397 47.63 -0.38 -19.96
N LYS C 398 47.02 -1.52 -19.62
CA LYS C 398 46.20 -2.30 -20.53
C LYS C 398 47.02 -2.86 -21.71
N GLU C 399 48.34 -2.98 -21.56
CA GLU C 399 49.22 -3.41 -22.64
C GLU C 399 49.23 -4.95 -22.69
N ILE C 400 49.24 -5.60 -21.52
CA ILE C 400 48.99 -7.03 -21.39
C ILE C 400 47.72 -7.22 -20.58
N ASP C 401 47.13 -8.39 -20.73
CA ASP C 401 45.75 -8.64 -20.32
C ASP C 401 45.65 -9.51 -19.07
N TYR C 402 46.72 -10.20 -18.67
CA TYR C 402 46.65 -11.13 -17.55
C TYR C 402 47.95 -11.09 -16.77
N LEU C 403 47.78 -11.23 -15.45
CA LEU C 403 48.89 -11.54 -14.56
C LEU C 403 48.48 -12.74 -13.74
N PRO C 404 49.47 -13.46 -13.16
CA PRO C 404 49.17 -14.60 -12.30
C PRO C 404 48.07 -14.36 -11.25
N TRP C 405 48.01 -13.14 -10.71
CA TRP C 405 47.15 -12.81 -9.60
C TRP C 405 45.83 -12.20 -10.05
N SER C 406 45.49 -12.23 -11.35
CA SER C 406 44.26 -11.66 -11.88
C SER C 406 43.63 -12.62 -12.90
N GLU C 407 42.33 -12.90 -12.77
CA GLU C 407 41.58 -13.58 -13.82
C GLU C 407 41.50 -12.77 -15.11
N ALA C 408 41.49 -11.44 -14.99
CA ALA C 408 41.06 -10.55 -16.05
C ALA C 408 41.96 -9.34 -16.17
N PRO C 409 41.83 -8.52 -17.25
CA PRO C 409 42.58 -7.27 -17.38
C PRO C 409 42.19 -6.17 -16.40
N VAL C 410 43.05 -5.14 -16.37
CA VAL C 410 43.00 -4.06 -15.41
C VAL C 410 41.61 -3.43 -15.36
N ALA C 411 41.11 -3.23 -14.14
CA ALA C 411 39.78 -2.68 -13.90
C ALA C 411 39.73 -1.16 -14.14
N ASP C 412 38.50 -0.64 -14.11
CA ASP C 412 38.23 0.80 -14.16
C ASP C 412 38.43 1.42 -12.79
N GLU C 413 38.20 0.64 -11.72
CA GLU C 413 38.44 1.08 -10.35
C GLU C 413 39.90 1.50 -10.14
N ALA C 414 40.79 0.77 -10.81
CA ALA C 414 42.20 1.08 -10.95
C ALA C 414 42.50 2.39 -11.69
N ASP C 415 41.63 2.73 -12.65
CA ASP C 415 41.87 3.84 -13.56
C ASP C 415 41.68 5.17 -12.86
N LEU C 416 41.22 5.15 -11.62
CA LEU C 416 41.40 6.28 -10.71
C LEU C 416 42.90 6.47 -10.37
N ILE C 417 43.42 5.44 -9.71
CA ILE C 417 44.68 5.47 -8.99
C ILE C 417 45.77 4.76 -9.80
N LYS C 418 45.68 4.86 -11.14
CA LYS C 418 46.45 4.01 -12.06
C LYS C 418 47.94 4.38 -11.97
N ASP C 419 48.20 5.68 -12.01
CA ASP C 419 49.57 6.18 -11.97
C ASP C 419 50.19 5.99 -10.59
N GLU C 420 49.40 5.93 -9.53
CA GLU C 420 49.90 5.71 -8.20
C GLU C 420 50.46 4.32 -8.02
N LEU C 421 49.75 3.37 -8.62
CA LEU C 421 50.06 1.96 -8.54
C LEU C 421 51.23 1.65 -9.45
N ILE C 422 51.27 2.31 -10.62
CA ILE C 422 52.41 2.19 -11.52
C ILE C 422 53.70 2.62 -10.80
N ASP C 423 53.62 3.72 -10.03
CA ASP C 423 54.78 4.26 -9.33
C ASP C 423 55.25 3.33 -8.20
N LEU C 424 54.30 2.68 -7.52
CA LEU C 424 54.64 1.67 -6.55
C LEU C 424 55.38 0.49 -7.20
N ASN C 425 54.91 0.06 -8.38
CA ASN C 425 55.50 -1.09 -9.05
C ASN C 425 56.91 -0.77 -9.51
N ARG C 426 57.10 0.44 -10.05
CA ARG C 426 58.38 0.86 -10.58
C ARG C 426 59.41 0.96 -9.46
N ARG C 427 58.96 1.12 -8.21
CA ARG C 427 59.83 1.17 -7.05
C ARG C 427 60.10 -0.21 -6.44
N GLY C 428 59.46 -1.26 -6.99
CA GLY C 428 59.67 -2.63 -6.54
C GLY C 428 58.61 -3.07 -5.53
N LEU C 429 57.63 -2.22 -5.21
CA LEU C 429 56.50 -2.64 -4.38
C LEU C 429 55.47 -3.24 -5.33
N ILE C 430 55.53 -4.54 -5.57
CA ILE C 430 54.76 -5.21 -6.60
C ILE C 430 53.33 -5.40 -6.09
N THR C 431 52.38 -4.64 -6.64
CA THR C 431 51.01 -4.53 -6.14
C THR C 431 50.13 -5.65 -6.73
N VAL C 432 49.56 -6.53 -5.89
CA VAL C 432 48.71 -7.63 -6.36
C VAL C 432 47.22 -7.24 -6.33
N ASN C 433 46.82 -6.33 -5.43
CA ASN C 433 45.43 -5.98 -5.27
C ASN C 433 45.27 -4.61 -4.60
N SER C 434 44.21 -3.87 -4.92
CA SER C 434 43.94 -2.58 -4.33
C SER C 434 42.51 -2.12 -4.57
N GLN C 435 42.07 -1.08 -3.84
CA GLN C 435 40.87 -0.35 -4.17
C GLN C 435 40.99 1.06 -3.59
N PRO C 436 40.49 2.08 -4.30
CA PRO C 436 40.54 3.45 -3.83
C PRO C 436 39.50 3.68 -2.75
N ALA C 437 39.69 4.74 -1.97
CA ALA C 437 38.69 5.12 -0.97
C ALA C 437 37.60 5.86 -1.70
N VAL C 438 36.34 5.65 -1.29
CA VAL C 438 35.18 6.35 -1.84
C VAL C 438 34.38 6.86 -0.65
N ASN C 439 33.98 8.14 -0.68
CA ASN C 439 33.22 8.74 0.39
C ASN C 439 31.86 9.16 -0.12
N GLY C 440 31.00 8.15 -0.42
CA GLY C 440 29.58 8.41 -0.64
C GLY C 440 29.30 8.79 -2.10
N ALA C 441 29.87 8.04 -3.04
CA ALA C 441 29.60 8.24 -4.45
C ALA C 441 28.20 7.72 -4.74
N LYS C 442 27.50 8.39 -5.66
CA LYS C 442 26.16 7.96 -6.03
C LYS C 442 26.23 6.53 -6.53
N SER C 443 25.23 5.74 -6.15
CA SER C 443 25.28 4.30 -6.37
C SER C 443 25.26 3.97 -7.87
N ASN C 444 24.99 4.98 -8.74
CA ASN C 444 25.06 4.82 -10.18
C ASN C 444 26.38 5.28 -10.78
N HIS C 445 27.41 5.53 -9.97
CA HIS C 445 28.70 5.95 -10.48
C HIS C 445 29.21 4.94 -11.52
N PRO C 446 29.73 5.38 -12.68
CA PRO C 446 30.17 4.45 -13.71
C PRO C 446 31.31 3.52 -13.26
N VAL C 447 32.12 4.01 -12.32
CA VAL C 447 33.26 3.29 -11.77
C VAL C 447 32.92 2.61 -10.45
N HIS C 448 32.38 3.35 -9.50
CA HIS C 448 32.21 2.91 -8.11
C HIS C 448 30.81 2.33 -7.85
N GLY C 449 29.88 2.56 -8.77
CA GLY C 449 28.50 2.26 -8.53
C GLY C 449 28.28 0.75 -8.44
N TRP C 450 27.36 0.39 -7.57
CA TRP C 450 26.79 -0.96 -7.49
C TRP C 450 25.48 -0.90 -6.71
N GLY C 451 24.68 -1.96 -6.77
CA GLY C 451 23.50 -2.04 -5.93
C GLY C 451 22.34 -1.18 -6.44
N PRO C 452 21.24 -1.07 -5.65
CA PRO C 452 20.06 -0.31 -6.04
C PRO C 452 20.28 1.13 -6.47
N SER C 453 19.29 1.69 -7.18
CA SER C 453 19.38 3.07 -7.64
C SER C 453 19.17 4.01 -6.46
N ASN C 454 19.75 5.20 -6.59
CA ASN C 454 19.61 6.30 -5.63
C ASN C 454 20.16 5.93 -4.28
N GLY C 455 21.30 5.23 -4.30
CA GLY C 455 22.05 4.91 -3.10
C GLY C 455 23.27 5.81 -3.00
N TYR C 456 24.07 5.51 -2.01
CA TYR C 456 25.40 6.08 -1.85
C TYR C 456 26.29 4.94 -1.43
N VAL C 457 27.45 4.81 -2.11
CA VAL C 457 28.41 3.76 -1.80
C VAL C 457 29.65 4.39 -1.16
N TYR C 458 30.35 3.60 -0.35
CA TYR C 458 31.55 3.99 0.38
C TYR C 458 32.57 2.85 0.34
N GLN C 459 33.86 3.22 0.37
CA GLN C 459 34.95 2.24 0.42
C GLN C 459 36.10 2.77 1.26
N LYS C 460 36.72 1.89 2.03
CA LYS C 460 37.99 2.19 2.65
C LYS C 460 39.09 1.86 1.65
N ALA C 461 40.18 2.63 1.62
CA ALA C 461 41.27 2.37 0.70
C ALA C 461 41.99 1.08 1.10
N TYR C 462 42.28 0.23 0.11
CA TYR C 462 42.99 -1.03 0.36
C TYR C 462 44.21 -1.11 -0.54
N LEU C 463 45.31 -1.70 -0.04
CA LEU C 463 46.53 -1.84 -0.83
C LEU C 463 47.26 -3.10 -0.38
N GLU C 464 47.69 -3.93 -1.33
CA GLU C 464 48.23 -5.26 -1.08
C GLU C 464 49.37 -5.49 -2.06
N PHE C 465 50.56 -5.79 -1.54
CA PHE C 465 51.75 -5.83 -2.38
C PHE C 465 52.82 -6.73 -1.78
N PHE C 466 53.68 -7.24 -2.66
CA PHE C 466 54.90 -7.94 -2.28
C PHE C 466 55.99 -6.92 -2.03
N VAL C 467 56.82 -7.16 -1.00
CA VAL C 467 57.98 -6.31 -0.80
C VAL C 467 59.15 -7.13 -0.32
N SER C 468 60.35 -6.69 -0.75
CA SER C 468 61.63 -7.27 -0.41
C SER C 468 61.75 -7.30 1.12
N PRO C 469 62.34 -8.35 1.73
CA PRO C 469 62.46 -8.40 3.19
C PRO C 469 63.43 -7.35 3.73
N GLU C 470 64.34 -6.84 2.87
CA GLU C 470 65.19 -5.74 3.28
C GLU C 470 64.38 -4.48 3.48
N LEU C 471 63.41 -4.22 2.62
CA LEU C 471 62.69 -2.96 2.70
C LEU C 471 61.55 -3.06 3.73
N TYR C 472 61.04 -4.28 3.94
CA TYR C 472 59.82 -4.49 4.72
C TYR C 472 59.88 -3.77 6.07
N PRO C 473 60.97 -3.88 6.83
CA PRO C 473 61.09 -3.13 8.09
C PRO C 473 60.71 -1.67 8.01
N GLU C 474 61.17 -0.98 6.96
CA GLU C 474 60.92 0.46 6.84
C GLU C 474 59.43 0.74 6.60
N ILE C 475 58.80 -0.14 5.81
CA ILE C 475 57.39 -0.08 5.48
C ILE C 475 56.57 -0.24 6.77
N LYS C 476 56.90 -1.27 7.55
CA LYS C 476 56.23 -1.57 8.80
C LYS C 476 56.32 -0.35 9.73
N ARG C 477 57.50 0.26 9.77
CA ARG C 477 57.73 1.36 10.68
C ARG C 477 56.78 2.49 10.31
N ARG C 478 56.74 2.80 9.01
CA ARG C 478 55.95 3.91 8.49
C ARG C 478 54.45 3.71 8.69
N ILE C 479 54.00 2.46 8.55
CA ILE C 479 52.59 2.10 8.70
C ILE C 479 52.17 2.27 10.16
N GLU C 480 53.00 1.78 11.10
CA GLU C 480 52.68 1.84 12.52
C GLU C 480 52.67 3.27 13.05
N SER C 481 53.42 4.16 12.36
CA SER C 481 53.48 5.57 12.65
C SER C 481 52.24 6.34 12.20
N HIS C 482 51.26 5.70 11.53
CA HIS C 482 49.97 6.25 11.23
C HIS C 482 48.84 5.54 11.96
N PRO C 483 48.03 6.24 12.77
CA PRO C 483 46.95 5.59 13.49
C PRO C 483 45.80 5.04 12.65
N ASP C 484 45.50 5.66 11.50
CA ASP C 484 44.34 5.23 10.72
C ASP C 484 44.58 3.96 9.93
N LEU C 485 45.85 3.56 9.79
CA LEU C 485 46.21 2.40 9.00
C LEU C 485 46.21 1.13 9.84
N THR C 486 45.65 0.05 9.31
CA THR C 486 45.81 -1.29 9.85
C THR C 486 46.43 -2.16 8.77
N TYR C 487 47.30 -3.08 9.17
CA TYR C 487 47.92 -3.94 8.18
C TYR C 487 47.94 -5.37 8.68
N HIS C 488 48.19 -6.27 7.74
CA HIS C 488 48.64 -7.63 8.02
C HIS C 488 49.77 -7.92 7.03
N ALA C 489 50.90 -8.39 7.54
CA ALA C 489 52.06 -8.72 6.72
C ALA C 489 52.39 -10.19 6.95
N VAL C 490 52.79 -10.90 5.90
CA VAL C 490 53.05 -12.31 6.09
C VAL C 490 54.12 -12.77 5.12
N THR C 491 54.82 -13.83 5.54
CA THR C 491 55.84 -14.50 4.73
C THR C 491 55.31 -15.88 4.29
N LYS C 492 55.89 -16.37 3.20
CA LYS C 492 55.56 -17.71 2.74
C LYS C 492 55.89 -18.70 3.85
N SER C 493 57.00 -18.39 4.56
CA SER C 493 57.47 -19.16 5.68
C SER C 493 56.37 -19.40 6.71
N GLY C 494 55.65 -18.35 7.09
CA GLY C 494 54.59 -18.53 8.08
C GLY C 494 54.34 -17.25 8.84
N ASN C 495 55.45 -16.61 9.29
CA ASN C 495 55.37 -15.51 10.24
C ASN C 495 54.34 -14.42 9.80
N LEU C 496 53.52 -13.96 10.76
CA LEU C 496 52.44 -13.02 10.53
C LEU C 496 52.62 -11.84 11.48
N GLU C 497 52.73 -10.62 10.96
CA GLU C 497 52.80 -9.41 11.76
C GLU C 497 51.55 -8.60 11.48
N THR C 498 51.10 -7.80 12.45
CA THR C 498 49.90 -6.98 12.29
C THR C 498 49.79 -5.97 13.44
N ASN C 499 49.03 -4.91 13.21
CA ASN C 499 48.72 -3.94 14.26
C ASN C 499 47.21 -3.96 14.55
N ALA C 500 46.55 -5.02 14.11
CA ALA C 500 45.11 -5.14 14.22
C ALA C 500 44.68 -5.19 15.68
N GLN C 501 43.50 -4.66 15.98
CA GLN C 501 42.94 -4.69 17.32
C GLN C 501 42.00 -5.88 17.51
N SER C 502 41.71 -6.69 16.48
CA SER C 502 40.88 -7.87 16.70
C SER C 502 41.03 -8.91 15.60
N ASP C 503 40.40 -10.08 15.77
CA ASP C 503 40.31 -11.06 14.69
C ASP C 503 39.19 -10.67 13.71
N GLY C 504 38.17 -10.00 14.25
CA GLY C 504 36.89 -9.86 13.59
C GLY C 504 36.97 -9.06 12.29
N PRO C 505 36.02 -9.26 11.35
CA PRO C 505 36.12 -8.68 10.01
C PRO C 505 35.98 -7.16 10.04
N ASN C 506 36.68 -6.49 9.13
CA ASN C 506 36.66 -5.05 8.99
C ASN C 506 35.99 -4.76 7.64
N ALA C 507 34.94 -3.93 7.69
CA ALA C 507 34.21 -3.58 6.48
C ALA C 507 35.01 -2.60 5.65
N VAL C 508 35.16 -2.87 4.36
CA VAL C 508 35.90 -1.96 3.47
C VAL C 508 35.07 -1.50 2.29
N THR C 509 33.89 -2.06 2.03
CA THR C 509 32.97 -1.52 1.06
C THR C 509 31.54 -1.65 1.62
N TRP C 510 30.78 -0.56 1.61
CA TRP C 510 29.40 -0.62 2.10
C TRP C 510 28.55 0.41 1.39
N GLY C 511 27.22 0.22 1.42
CA GLY C 511 26.29 1.04 0.66
C GLY C 511 25.02 1.30 1.45
N VAL C 512 24.52 2.53 1.38
CA VAL C 512 23.28 2.93 2.01
C VAL C 512 22.28 3.06 0.88
N PHE C 513 21.15 2.36 1.00
CA PHE C 513 20.12 2.41 -0.01
C PHE C 513 18.84 2.84 0.65
N PRO C 514 17.87 3.38 -0.14
CA PRO C 514 16.58 3.79 0.40
C PRO C 514 15.76 2.52 0.66
N GLY C 515 15.03 2.52 1.78
CA GLY C 515 14.18 1.40 2.16
C GLY C 515 14.95 0.12 2.51
N LYS C 516 16.25 0.20 2.73
CA LYS C 516 17.04 -0.99 2.89
C LYS C 516 18.01 -0.80 4.04
N GLU C 517 18.36 -1.95 4.65
CA GLU C 517 19.46 -2.05 5.59
C GLU C 517 20.78 -1.82 4.87
N ILE C 518 21.81 -1.56 5.65
CA ILE C 518 23.11 -1.26 5.10
C ILE C 518 23.61 -2.53 4.37
N PHE C 519 24.04 -2.34 3.14
CA PHE C 519 24.70 -3.40 2.38
C PHE C 519 26.19 -3.29 2.65
N GLN C 520 26.87 -4.43 2.84
CA GLN C 520 28.29 -4.43 3.18
C GLN C 520 28.97 -5.59 2.49
N PRO C 521 29.17 -5.56 1.16
CA PRO C 521 29.62 -6.74 0.41
C PRO C 521 31.10 -7.12 0.49
N THR C 522 31.98 -6.21 0.92
CA THR C 522 33.40 -6.46 0.89
C THR C 522 33.98 -6.24 2.29
N ILE C 523 34.73 -7.22 2.80
CA ILE C 523 35.35 -7.17 4.13
C ILE C 523 36.81 -7.54 4.00
N VAL C 524 37.54 -7.40 5.12
CA VAL C 524 38.91 -7.86 5.29
C VAL C 524 38.95 -8.62 6.61
N GLU C 525 39.64 -9.77 6.63
CA GLU C 525 39.58 -10.68 7.78
C GLU C 525 40.75 -11.65 7.77
N ARG C 526 41.24 -12.04 8.98
CA ARG C 526 42.48 -12.76 9.17
C ARG C 526 42.52 -14.15 8.51
N ILE C 527 41.55 -14.98 8.85
CA ILE C 527 41.52 -16.37 8.40
C ILE C 527 41.50 -16.40 6.86
N SER C 528 40.71 -15.50 6.28
CA SER C 528 40.58 -15.41 4.84
C SER C 528 41.88 -14.96 4.20
N PHE C 529 42.59 -14.03 4.88
CA PHE C 529 43.87 -13.54 4.39
C PHE C 529 44.92 -14.66 4.40
N LEU C 530 44.77 -15.56 5.37
CA LEU C 530 45.74 -16.64 5.49
C LEU C 530 45.48 -17.66 4.40
N ALA C 531 44.19 -17.85 4.05
CA ALA C 531 43.85 -18.67 2.91
C ALA C 531 44.40 -18.08 1.61
N TRP C 532 44.28 -16.74 1.50
CA TRP C 532 44.66 -16.01 0.31
C TRP C 532 46.18 -16.02 0.13
N LYS C 533 46.94 -15.70 1.20
CA LYS C 533 48.39 -15.63 1.07
C LYS C 533 48.96 -16.92 0.44
N ASP C 534 48.39 -18.11 0.79
CA ASP C 534 48.97 -19.33 0.27
C ASP C 534 48.71 -19.42 -1.22
N GLU C 535 47.50 -18.99 -1.65
CA GLU C 535 47.19 -18.92 -3.06
C GLU C 535 48.14 -17.95 -3.77
N ALA C 536 48.33 -16.78 -3.15
CA ALA C 536 49.12 -15.72 -3.76
C ALA C 536 50.55 -16.18 -4.00
N TYR C 537 51.19 -16.83 -3.02
CA TYR C 537 52.55 -17.32 -3.20
C TYR C 537 52.55 -18.48 -4.21
N HIS C 538 51.50 -19.31 -4.17
CA HIS C 538 51.42 -20.47 -5.04
C HIS C 538 51.35 -20.03 -6.50
N LEU C 539 50.62 -18.97 -6.77
CA LEU C 539 50.49 -18.45 -8.13
C LEU C 539 51.85 -17.97 -8.62
N GLY C 540 52.58 -17.21 -7.80
CA GLY C 540 53.92 -16.80 -8.17
C GLY C 540 54.88 -17.98 -8.37
N MET C 541 54.62 -19.09 -7.67
CA MET C 541 55.47 -20.27 -7.79
C MET C 541 55.12 -21.05 -9.04
N GLU C 542 53.82 -21.13 -9.37
CA GLU C 542 53.36 -21.72 -10.62
C GLU C 542 53.89 -20.95 -11.81
N TRP C 543 54.07 -19.61 -11.64
CA TRP C 543 54.68 -18.77 -12.65
C TRP C 543 56.13 -19.19 -12.88
N ALA C 544 56.86 -19.37 -11.78
CA ALA C 544 58.23 -19.84 -11.83
C ALA C 544 58.32 -21.19 -12.52
N ARG C 545 57.35 -22.07 -12.28
CA ARG C 545 57.35 -23.39 -12.87
C ARG C 545 57.09 -23.34 -14.38
N CYS C 546 56.62 -22.20 -14.92
CA CYS C 546 56.57 -22.05 -16.37
C CYS C 546 57.94 -22.14 -17.04
N TYR C 547 58.98 -21.73 -16.30
CA TYR C 547 60.34 -21.69 -16.80
C TYR C 547 61.07 -22.99 -16.48
N ASP C 548 62.15 -23.25 -17.23
CA ASP C 548 62.98 -24.42 -17.02
C ASP C 548 63.63 -24.37 -15.62
N ALA C 549 63.84 -25.54 -15.01
CA ALA C 549 64.46 -25.64 -13.70
C ALA C 549 65.89 -25.09 -13.77
N GLY C 550 66.25 -24.16 -12.88
CA GLY C 550 67.55 -23.52 -12.88
C GLY C 550 67.66 -22.25 -13.74
N SER C 551 66.55 -21.89 -14.41
CA SER C 551 66.45 -20.64 -15.17
C SER C 551 66.78 -19.42 -14.33
N PRO C 552 67.25 -18.31 -14.92
CA PRO C 552 67.23 -17.02 -14.23
C PRO C 552 65.80 -16.59 -13.87
N SER C 553 64.84 -16.87 -14.76
CA SER C 553 63.45 -16.53 -14.48
C SER C 553 62.93 -17.35 -13.31
N ARG C 554 63.22 -18.65 -13.36
CA ARG C 554 62.66 -19.58 -12.41
C ARG C 554 63.27 -19.33 -11.04
N VAL C 555 64.60 -19.17 -10.99
CA VAL C 555 65.22 -19.00 -9.71
C VAL C 555 64.86 -17.64 -9.13
N LEU C 556 64.71 -16.62 -9.98
CA LEU C 556 64.33 -15.29 -9.55
C LEU C 556 62.98 -15.34 -8.83
N LEU C 557 61.98 -15.92 -9.49
CA LEU C 557 60.62 -15.98 -8.96
C LEU C 557 60.52 -16.86 -7.72
N GLU C 558 61.18 -18.03 -7.74
CA GLU C 558 61.16 -18.89 -6.57
C GLU C 558 61.81 -18.21 -5.38
N GLU C 559 62.94 -17.58 -5.62
CA GLU C 559 63.57 -16.77 -4.59
C GLU C 559 62.58 -15.75 -4.05
N MET C 560 61.97 -15.00 -4.97
CA MET C 560 61.12 -13.88 -4.61
C MET C 560 60.01 -14.35 -3.66
N MET C 561 59.36 -15.46 -4.04
CA MET C 561 58.23 -15.95 -3.29
C MET C 561 58.67 -16.46 -1.94
N ASN C 562 59.84 -17.12 -1.88
CA ASN C 562 60.27 -17.68 -0.61
C ASN C 562 60.67 -16.62 0.40
N THR C 563 61.11 -15.46 -0.08
CA THR C 563 61.83 -14.51 0.74
C THR C 563 61.13 -13.17 0.89
N TRP C 564 60.14 -12.85 0.03
CA TRP C 564 59.47 -11.55 0.09
C TRP C 564 58.22 -11.66 0.97
N TRP C 565 57.93 -10.52 1.61
CA TRP C 565 56.71 -10.36 2.39
C TRP C 565 55.53 -10.05 1.49
N LEU C 566 54.33 -10.36 1.96
CA LEU C 566 53.07 -9.92 1.38
C LEU C 566 52.33 -9.05 2.41
N VAL C 567 52.15 -7.77 2.10
CA VAL C 567 51.59 -6.79 3.02
C VAL C 567 50.24 -6.34 2.45
N ASN C 568 49.17 -6.38 3.28
CA ASN C 568 47.90 -5.74 2.97
C ASN C 568 47.76 -4.56 3.93
N ILE C 569 47.08 -3.51 3.50
CA ILE C 569 46.90 -2.32 4.34
C ILE C 569 45.50 -1.78 4.08
N VAL C 570 44.75 -1.51 5.16
CA VAL C 570 43.47 -0.83 5.11
C VAL C 570 43.67 0.54 5.73
N ASN C 571 43.13 1.55 5.05
CA ASN C 571 43.11 2.91 5.54
C ASN C 571 41.69 3.13 6.01
N ASN C 572 41.52 3.11 7.34
CA ASN C 572 40.21 3.24 7.98
C ASN C 572 39.64 4.64 7.85
N ASP C 573 40.52 5.59 7.47
CA ASP C 573 40.07 6.86 6.96
C ASP C 573 39.61 6.69 5.51
N PHE C 574 38.34 6.94 5.27
CA PHE C 574 37.75 6.90 3.92
C PHE C 574 37.45 8.32 3.48
N HIS C 575 37.78 9.32 4.30
CA HIS C 575 37.65 10.72 3.92
C HIS C 575 38.84 11.13 3.05
N GLN C 576 40.01 10.60 3.39
CA GLN C 576 41.27 10.72 2.65
C GLN C 576 41.86 9.38 2.33
N GLY C 577 41.94 9.03 1.04
CA GLY C 577 42.30 7.68 0.61
C GLY C 577 43.76 7.53 0.23
N ASN C 578 44.25 8.52 -0.52
CA ASN C 578 45.63 8.61 -0.94
C ASN C 578 46.67 8.65 0.17
N THR C 579 46.25 8.88 1.45
CA THR C 579 47.10 8.72 2.61
C THR C 579 48.08 7.56 2.43
N LEU C 580 47.57 6.46 1.91
CA LEU C 580 48.25 5.19 1.79
C LEU C 580 49.43 5.22 0.81
N PHE C 581 49.18 5.86 -0.35
CA PHE C 581 50.15 6.02 -1.40
C PHE C 581 51.23 7.03 -1.04
N GLU C 582 50.83 8.06 -0.27
CA GLU C 582 51.73 9.11 0.20
C GLU C 582 52.71 8.55 1.21
N ILE C 583 52.24 7.72 2.18
CA ILE C 583 53.07 7.17 3.21
C ILE C 583 54.24 6.38 2.65
N LEU C 584 54.06 5.76 1.50
CA LEU C 584 55.04 4.92 0.89
C LEU C 584 55.90 5.63 -0.13
N LYS C 585 55.71 6.95 -0.36
CA LYS C 585 56.47 7.64 -1.37
C LYS C 585 57.95 7.73 -0.92
N GLY C 586 58.85 7.48 -1.88
CA GLY C 586 60.28 7.56 -1.65
C GLY C 586 60.92 6.21 -1.40
N LEU C 587 60.17 5.20 -0.99
CA LEU C 587 60.72 3.89 -0.75
C LEU C 587 60.89 3.15 -2.07
N GLU C 588 62.00 2.39 -2.14
CA GLU C 588 62.40 1.68 -3.33
C GLU C 588 63.15 0.42 -2.95
N VAL C 589 62.94 -0.68 -3.67
CA VAL C 589 63.66 -1.93 -3.42
C VAL C 589 65.06 -1.84 -4.03
N THR C 590 66.05 -2.43 -3.35
CA THR C 590 67.41 -2.41 -3.81
C THR C 590 67.64 -3.54 -4.81
N ASP C 591 68.57 -3.29 -5.74
CA ASP C 591 69.02 -4.27 -6.73
C ASP C 591 67.87 -4.71 -7.63
N LEU C 592 67.15 -3.70 -8.15
CA LEU C 592 66.05 -3.98 -9.07
C LEU C 592 66.57 -4.64 -10.34
N ASP C 593 67.80 -4.29 -10.76
CA ASP C 593 68.39 -4.80 -11.98
C ASP C 593 69.27 -6.03 -11.78
N LYS C 594 69.39 -6.51 -10.54
CA LYS C 594 70.30 -7.59 -10.24
C LYS C 594 69.78 -8.90 -10.83
N VAL C 595 70.68 -9.58 -11.58
CA VAL C 595 70.42 -10.91 -12.11
C VAL C 595 70.97 -11.92 -11.11
N PRO C 596 70.18 -12.94 -10.71
CA PRO C 596 70.69 -14.02 -9.86
C PRO C 596 71.58 -15.00 -10.66
N GLU C 597 72.88 -15.08 -10.28
CA GLU C 597 73.90 -15.75 -11.08
C GLU C 597 73.73 -17.28 -11.02
N THR C 598 73.85 -17.91 -12.20
CA THR C 598 73.45 -19.30 -12.43
C THR C 598 74.66 -20.08 -12.99
N GLN C 599 74.69 -21.40 -12.65
CA GLN C 599 75.85 -22.30 -12.78
C GLN C 599 75.70 -23.23 -14.01
N ASN D 2 -8.40 12.19 -15.20
CA ASN D 2 -7.16 12.68 -15.86
C ASN D 2 -6.42 13.62 -14.91
N ALA D 3 -5.09 13.51 -14.84
CA ALA D 3 -4.28 14.38 -13.95
C ALA D 3 -4.47 15.84 -14.37
N MET D 4 -4.67 16.73 -13.40
CA MET D 4 -4.83 18.18 -13.70
C MET D 4 -3.45 18.85 -13.67
N HIS D 5 -2.54 18.34 -12.84
CA HIS D 5 -1.22 18.89 -12.77
C HIS D 5 -0.35 18.29 -13.86
N ILE D 6 0.32 19.15 -14.62
CA ILE D 6 1.16 18.70 -15.72
C ILE D 6 2.27 17.75 -15.22
N ARG D 7 2.79 17.99 -14.02
CA ARG D 7 3.84 17.12 -13.52
C ARG D 7 3.38 15.67 -13.44
N ASP D 8 2.10 15.46 -13.09
CA ASP D 8 1.56 14.12 -12.96
C ASP D 8 1.35 13.50 -14.33
N MET D 9 0.89 14.30 -15.30
CA MET D 9 0.69 13.84 -16.66
C MET D 9 2.00 13.36 -17.28
N LEU D 10 3.04 14.19 -17.16
CA LEU D 10 4.37 13.86 -17.65
C LEU D 10 4.88 12.59 -17.00
N ALA D 11 4.52 12.38 -15.73
CA ALA D 11 5.06 11.25 -14.98
C ALA D 11 4.41 9.97 -15.43
N GLU D 12 3.12 10.01 -15.71
CA GLU D 12 2.38 8.83 -16.06
C GLU D 12 2.58 8.53 -17.54
N ALA D 13 2.93 9.57 -18.31
CA ALA D 13 3.38 9.42 -19.68
C ALA D 13 4.70 8.68 -19.74
N GLU D 14 5.65 9.12 -18.91
CA GLU D 14 6.93 8.45 -18.78
C GLU D 14 6.74 6.99 -18.33
N ARG D 15 5.63 6.71 -17.60
CA ARG D 15 5.37 5.37 -17.07
C ARG D 15 4.71 4.47 -18.10
N THR D 16 3.56 4.85 -18.68
CA THR D 16 2.85 4.02 -19.64
C THR D 16 3.65 3.92 -20.95
N GLY D 17 4.29 5.03 -21.34
CA GLY D 17 5.01 5.11 -22.58
C GLY D 17 4.13 5.60 -23.74
N GLU D 18 2.83 5.80 -23.49
CA GLU D 18 1.89 6.24 -24.49
C GLU D 18 2.26 7.56 -25.17
N PRO D 19 1.56 7.91 -26.28
CA PRO D 19 1.72 9.21 -26.92
C PRO D 19 1.22 10.37 -26.07
N SER D 20 2.14 11.26 -25.72
CA SER D 20 1.77 12.41 -24.90
C SER D 20 2.33 13.65 -25.56
N PHE D 21 1.49 14.63 -25.86
CA PHE D 21 1.99 15.86 -26.47
C PHE D 21 1.07 17.03 -26.19
N SER D 22 1.63 18.24 -26.34
CA SER D 22 0.98 19.50 -26.05
C SER D 22 1.19 20.50 -27.18
N PHE D 23 0.36 21.56 -27.19
CA PHE D 23 0.38 22.58 -28.23
C PHE D 23 0.52 23.94 -27.58
N GLN D 24 1.49 24.74 -28.06
CA GLN D 24 1.67 26.09 -27.59
C GLN D 24 1.03 27.03 -28.61
N TYR D 25 0.19 27.93 -28.11
CA TYR D 25 -0.35 28.98 -28.96
C TYR D 25 -0.04 30.35 -28.35
N PHE D 26 -0.16 31.40 -29.18
CA PHE D 26 0.06 32.78 -28.77
C PHE D 26 -1.17 33.63 -29.05
N PRO D 27 -1.42 34.73 -28.28
CA PRO D 27 -2.53 35.65 -28.53
C PRO D 27 -2.35 36.47 -29.83
N PRO D 28 -3.23 36.34 -30.86
CA PRO D 28 -3.18 37.20 -32.04
C PRO D 28 -3.73 38.61 -31.80
N LYS D 29 -3.39 39.53 -32.71
CA LYS D 29 -3.71 40.95 -32.56
C LYS D 29 -5.14 41.24 -33.00
N THR D 30 -5.54 40.72 -34.18
CA THR D 30 -6.91 40.82 -34.63
C THR D 30 -7.79 39.96 -33.73
N ALA D 31 -9.00 40.46 -33.40
CA ALA D 31 -10.02 39.66 -32.74
C ALA D 31 -10.48 38.53 -33.68
N GLN D 32 -10.35 38.75 -35.01
CA GLN D 32 -10.57 37.76 -36.03
C GLN D 32 -9.60 36.59 -35.91
N GLY D 33 -8.30 36.92 -35.85
CA GLY D 33 -7.26 35.92 -35.66
C GLY D 33 -7.51 35.10 -34.39
N VAL D 34 -8.13 35.73 -33.39
CA VAL D 34 -8.51 35.09 -32.14
C VAL D 34 -9.60 34.06 -32.38
N GLN D 35 -10.60 34.44 -33.16
CA GLN D 35 -11.64 33.50 -33.51
C GLN D 35 -11.16 32.35 -34.35
N ASN D 36 -10.25 32.65 -35.29
CA ASN D 36 -9.64 31.62 -36.12
C ASN D 36 -8.84 30.66 -35.26
N LEU D 37 -8.18 31.19 -34.24
CA LEU D 37 -7.33 30.41 -33.35
C LEU D 37 -8.21 29.52 -32.49
N TYR D 38 -9.34 30.03 -32.02
CA TYR D 38 -10.27 29.23 -31.23
C TYR D 38 -10.84 28.06 -32.01
N ASP D 39 -11.05 28.30 -33.31
CA ASP D 39 -11.51 27.26 -34.22
C ASP D 39 -10.41 26.23 -34.45
N ARG D 40 -9.17 26.73 -34.62
CA ARG D 40 -8.03 25.88 -34.91
C ARG D 40 -7.69 25.03 -33.69
N MET D 41 -7.73 25.66 -32.52
CA MET D 41 -7.60 24.99 -31.23
C MET D 41 -8.57 23.82 -31.12
N GLU D 42 -9.84 24.10 -31.47
CA GLU D 42 -10.93 23.14 -31.34
C GLU D 42 -10.80 21.97 -32.33
N ARG D 43 -10.14 22.21 -33.47
CA ARG D 43 -9.88 21.16 -34.43
C ARG D 43 -8.71 20.30 -33.94
N MET D 44 -7.67 20.98 -33.48
CA MET D 44 -6.46 20.33 -33.01
C MET D 44 -6.73 19.52 -31.74
N TYR D 45 -7.74 19.93 -30.97
CA TYR D 45 -8.26 19.14 -29.86
C TYR D 45 -8.47 17.67 -30.20
N ASN D 46 -8.89 17.40 -31.43
CA ASN D 46 -9.19 16.06 -31.85
C ASN D 46 -7.96 15.24 -32.17
N TYR D 47 -6.81 15.88 -32.34
CA TYR D 47 -5.53 15.18 -32.36
C TYR D 47 -5.29 14.51 -31.01
N GLY D 48 -5.77 15.13 -29.94
CA GLY D 48 -5.70 14.63 -28.59
C GLY D 48 -4.40 15.04 -27.90
N PRO D 49 -4.21 16.35 -27.59
CA PRO D 49 -3.11 16.76 -26.73
C PRO D 49 -3.49 16.45 -25.28
N LYS D 50 -2.49 16.44 -24.41
CA LYS D 50 -2.69 16.33 -22.96
C LYS D 50 -2.93 17.72 -22.39
N PHE D 51 -2.26 18.74 -22.94
CA PHE D 51 -2.52 20.12 -22.54
C PHE D 51 -2.12 21.08 -23.65
N ILE D 52 -2.36 22.37 -23.44
CA ILE D 52 -1.91 23.42 -24.32
C ILE D 52 -1.26 24.51 -23.50
N ASP D 53 -0.46 25.34 -24.15
CA ASP D 53 0.14 26.51 -23.51
C ASP D 53 -0.44 27.74 -24.18
N ILE D 54 -0.49 28.87 -23.44
CA ILE D 54 -0.77 30.17 -24.02
C ILE D 54 0.30 31.13 -23.52
N THR D 55 1.01 31.77 -24.47
CA THR D 55 2.15 32.62 -24.14
C THR D 55 1.66 33.97 -23.61
N TRP D 56 2.56 34.69 -22.95
CA TRP D 56 2.21 35.92 -22.23
C TRP D 56 3.12 37.04 -22.70
N GLY D 57 2.60 37.99 -23.50
CA GLY D 57 3.38 39.14 -23.93
C GLY D 57 3.35 40.27 -22.91
N ALA D 58 4.20 41.29 -23.10
CA ALA D 58 4.00 42.61 -22.53
C ALA D 58 2.90 43.31 -23.35
N GLY D 59 2.18 44.24 -22.72
CA GLY D 59 1.09 44.99 -23.34
C GLY D 59 -0.25 44.65 -22.66
N GLY D 60 -1.06 45.71 -22.47
CA GLY D 60 -2.21 45.66 -21.57
C GLY D 60 -3.30 44.75 -22.12
N ARG D 61 -3.68 44.98 -23.40
CA ARG D 61 -4.52 44.13 -24.22
C ARG D 61 -4.09 42.66 -24.25
N VAL D 62 -2.79 42.44 -24.39
CA VAL D 62 -2.21 41.12 -24.51
C VAL D 62 -2.54 40.37 -23.20
N ALA D 63 -2.34 41.06 -22.06
CA ALA D 63 -2.49 40.45 -20.74
C ALA D 63 -3.96 40.07 -20.51
N GLU D 64 -4.89 40.91 -20.97
CA GLU D 64 -6.30 40.66 -20.80
C GLU D 64 -6.77 39.57 -21.77
N LEU D 65 -6.34 39.66 -23.03
CA LEU D 65 -6.70 38.68 -24.05
C LEU D 65 -6.28 37.26 -23.62
N THR D 66 -5.06 37.16 -23.08
CA THR D 66 -4.52 35.88 -22.62
C THR D 66 -5.46 35.26 -21.60
N CYS D 67 -5.86 36.07 -20.61
CA CYS D 67 -6.74 35.63 -19.54
C CYS D 67 -8.11 35.20 -20.08
N GLU D 68 -8.64 35.94 -21.07
CA GLU D 68 -9.90 35.60 -21.70
C GLU D 68 -9.77 34.29 -22.50
N MET D 69 -8.60 34.10 -23.15
CA MET D 69 -8.33 32.94 -23.99
C MET D 69 -8.24 31.68 -23.13
N VAL D 70 -7.70 31.82 -21.91
CA VAL D 70 -7.56 30.72 -20.98
C VAL D 70 -8.96 30.25 -20.55
N VAL D 71 -9.85 31.20 -20.30
CA VAL D 71 -11.20 30.86 -19.88
C VAL D 71 -11.88 30.04 -20.98
N GLN D 72 -11.82 30.59 -22.20
CA GLN D 72 -12.32 29.95 -23.40
C GLN D 72 -11.82 28.52 -23.56
N ALA D 73 -10.52 28.37 -23.39
CA ALA D 73 -9.90 27.07 -23.63
C ALA D 73 -10.34 26.05 -22.58
N GLN D 74 -10.41 26.47 -21.31
CA GLN D 74 -10.69 25.55 -20.20
C GLN D 74 -12.18 25.19 -20.15
N ALA D 75 -13.05 26.19 -20.23
CA ALA D 75 -14.47 26.04 -19.99
C ALA D 75 -15.19 25.41 -21.20
N TYR D 76 -14.93 25.98 -22.39
CA TYR D 76 -15.74 25.70 -23.58
C TYR D 76 -15.04 24.70 -24.50
N LEU D 77 -13.78 24.95 -24.88
CA LEU D 77 -13.03 24.06 -25.76
C LEU D 77 -12.61 22.76 -25.05
N GLY D 78 -12.61 22.80 -23.71
CA GLY D 78 -12.38 21.62 -22.89
C GLY D 78 -10.91 21.18 -22.92
N LEU D 79 -9.99 22.15 -23.06
CA LEU D 79 -8.56 21.93 -23.23
C LEU D 79 -7.83 22.38 -21.97
N GLU D 80 -7.10 21.45 -21.32
CA GLU D 80 -6.34 21.75 -20.11
C GLU D 80 -5.20 22.70 -20.51
N THR D 81 -5.25 23.94 -19.97
CA THR D 81 -4.32 24.98 -20.36
C THR D 81 -3.27 25.23 -19.28
N CYS D 82 -2.08 25.65 -19.75
CA CYS D 82 -0.99 26.16 -18.97
C CYS D 82 -0.72 27.59 -19.41
N MET D 83 -1.04 28.56 -18.54
CA MET D 83 -0.88 29.97 -18.87
C MET D 83 0.55 30.36 -18.52
N HIS D 84 1.25 31.00 -19.45
CA HIS D 84 2.55 31.59 -19.20
C HIS D 84 2.36 32.88 -18.38
N LEU D 85 3.37 33.25 -17.58
CA LEU D 85 3.32 34.50 -16.83
C LEU D 85 4.73 35.02 -16.57
N THR D 86 5.00 36.29 -16.97
CA THR D 86 6.36 36.88 -16.90
C THR D 86 6.41 37.95 -15.80
N CYS D 87 7.59 38.57 -15.64
CA CYS D 87 7.80 39.70 -14.73
C CYS D 87 8.09 40.99 -15.51
N THR D 88 7.72 40.99 -16.80
CA THR D 88 8.00 42.05 -17.76
C THR D 88 6.82 43.04 -17.69
N ASP D 89 7.08 44.23 -17.13
CA ASP D 89 6.09 45.30 -16.99
C ASP D 89 5.06 44.94 -15.93
N MET D 90 5.44 44.10 -14.98
CA MET D 90 4.50 43.47 -14.08
C MET D 90 4.78 43.91 -12.64
N GLY D 91 3.98 44.86 -12.16
CA GLY D 91 3.77 45.07 -10.73
C GLY D 91 3.23 43.81 -10.10
N VAL D 92 3.34 43.69 -8.78
CA VAL D 92 2.80 42.58 -8.00
C VAL D 92 1.28 42.57 -8.08
N GLU D 93 0.64 43.73 -8.19
CA GLU D 93 -0.81 43.84 -8.30
C GLU D 93 -1.26 43.21 -9.64
N ARG D 94 -0.44 43.43 -10.67
CA ARG D 94 -0.65 42.90 -12.01
C ARG D 94 -0.56 41.37 -12.00
N ILE D 95 0.45 40.87 -11.25
CA ILE D 95 0.70 39.45 -11.13
C ILE D 95 -0.45 38.78 -10.38
N ASN D 96 -0.85 39.35 -9.23
CA ASN D 96 -1.93 38.81 -8.44
C ASN D 96 -3.27 38.79 -9.19
N ASP D 97 -3.47 39.81 -10.05
CA ASP D 97 -4.61 39.86 -10.95
C ASP D 97 -4.56 38.72 -11.97
N ALA D 98 -3.45 38.60 -12.70
CA ALA D 98 -3.28 37.55 -13.71
C ALA D 98 -3.53 36.17 -13.10
N LEU D 99 -2.95 35.93 -11.92
CA LEU D 99 -3.09 34.67 -11.23
C LEU D 99 -4.53 34.41 -10.80
N ARG D 100 -5.19 35.45 -10.29
CA ARG D 100 -6.57 35.28 -9.87
C ARG D 100 -7.49 34.97 -11.05
N LYS D 101 -7.18 35.55 -12.23
CA LYS D 101 -7.96 35.30 -13.43
C LYS D 101 -7.82 33.84 -13.82
N ALA D 102 -6.56 33.36 -13.84
CA ALA D 102 -6.26 31.99 -14.24
C ALA D 102 -6.90 31.01 -13.27
N TYR D 103 -6.93 31.44 -12.00
CA TYR D 103 -7.52 30.63 -10.95
C TYR D 103 -8.99 30.40 -11.28
N LYS D 104 -9.69 31.50 -11.51
CA LYS D 104 -11.13 31.48 -11.74
C LYS D 104 -11.47 30.87 -13.08
N ALA D 105 -10.51 30.82 -14.02
CA ALA D 105 -10.72 30.10 -15.28
C ALA D 105 -10.94 28.62 -15.03
N GLY D 106 -10.26 28.06 -14.02
CA GLY D 106 -10.19 26.64 -13.79
C GLY D 106 -8.78 26.12 -14.08
N CYS D 107 -7.83 27.05 -14.35
CA CYS D 107 -6.47 26.67 -14.68
C CYS D 107 -5.74 26.15 -13.43
N THR D 108 -4.88 25.14 -13.63
CA THR D 108 -4.09 24.53 -12.54
C THR D 108 -2.61 24.39 -12.92
N ASN D 109 -2.18 25.11 -13.96
CA ASN D 109 -0.84 25.00 -14.50
C ASN D 109 -0.33 26.37 -14.94
N ILE D 110 0.84 26.80 -14.43
CA ILE D 110 1.45 28.05 -14.83
C ILE D 110 2.88 27.80 -15.25
N LEU D 111 3.37 28.56 -16.25
CA LEU D 111 4.77 28.55 -16.62
C LEU D 111 5.38 29.85 -16.12
N ALA D 112 6.30 29.75 -15.13
CA ALA D 112 6.83 30.93 -14.45
C ALA D 112 8.11 31.37 -15.15
N LEU D 113 8.04 32.58 -15.72
CA LEU D 113 9.10 33.15 -16.54
C LEU D 113 9.52 34.51 -15.98
N ARG D 114 10.73 34.94 -16.33
CA ARG D 114 11.18 36.29 -16.06
C ARG D 114 10.67 37.16 -17.21
N GLY D 115 10.86 36.69 -18.44
CA GLY D 115 10.25 37.24 -19.63
C GLY D 115 11.24 38.04 -20.47
N ASP D 116 11.10 37.96 -21.81
CA ASP D 116 11.77 38.82 -22.75
C ASP D 116 11.32 40.27 -22.51
N PRO D 117 12.20 41.28 -22.68
CA PRO D 117 11.77 42.68 -22.61
C PRO D 117 10.74 43.09 -23.67
N PRO D 118 10.05 44.25 -23.53
CA PRO D 118 9.10 44.74 -24.52
C PRO D 118 9.72 45.16 -25.84
N ARG D 119 8.87 45.39 -26.84
CA ARG D 119 9.18 45.89 -28.18
C ARG D 119 9.72 47.32 -28.13
N ASP D 120 9.46 48.06 -27.04
CA ASP D 120 10.12 49.33 -26.77
C ASP D 120 11.59 49.14 -26.31
N LYS D 121 11.85 48.05 -25.58
CA LYS D 121 13.03 47.94 -24.73
C LYS D 121 14.03 46.93 -25.31
N GLU D 122 15.29 47.37 -25.43
CA GLU D 122 16.45 46.49 -25.57
C GLU D 122 16.66 45.70 -24.26
N LYS D 123 16.92 46.43 -23.16
CA LYS D 123 17.26 45.82 -21.87
C LYS D 123 16.00 45.44 -21.09
N TRP D 124 16.08 44.31 -20.37
CA TRP D 124 15.02 43.90 -19.45
C TRP D 124 15.13 44.65 -18.12
N GLU D 125 14.25 45.62 -17.91
CA GLU D 125 14.10 46.32 -16.64
C GLU D 125 12.89 45.78 -15.91
N ALA D 126 13.04 45.35 -14.64
CA ALA D 126 11.95 44.88 -13.82
C ALA D 126 10.99 46.06 -13.50
N ALA D 127 9.69 45.84 -13.76
CA ALA D 127 8.66 46.82 -13.43
C ALA D 127 8.48 46.98 -11.91
N LYS D 128 8.48 48.23 -11.45
CA LYS D 128 8.58 48.58 -10.04
C LYS D 128 7.50 47.90 -9.19
N ASP D 129 7.90 47.40 -8.02
CA ASP D 129 7.20 46.40 -7.22
C ASP D 129 6.87 45.17 -8.06
N GLY D 130 7.89 44.65 -8.75
CA GLY D 130 7.90 43.35 -9.39
C GLY D 130 9.11 42.53 -9.00
N PHE D 131 9.34 41.44 -9.75
CA PHE D 131 10.33 40.41 -9.46
C PHE D 131 11.54 40.58 -10.36
N ARG D 132 12.70 40.12 -9.87
CA ARG D 132 13.96 40.17 -10.60
C ARG D 132 14.12 38.93 -11.47
N TYR D 133 13.88 37.77 -10.85
CA TYR D 133 14.08 36.48 -11.50
C TYR D 133 12.78 35.67 -11.49
N ALA D 134 12.77 34.61 -12.27
CA ALA D 134 11.60 33.74 -12.37
C ALA D 134 11.53 32.87 -11.13
N LYS D 135 12.68 32.54 -10.51
CA LYS D 135 12.69 31.86 -9.22
C LYS D 135 11.78 32.59 -8.20
N ASP D 136 11.73 33.93 -8.27
CA ASP D 136 10.97 34.73 -7.32
C ASP D 136 9.47 34.58 -7.56
N LEU D 137 9.07 34.44 -8.83
CA LEU D 137 7.68 34.24 -9.21
C LEU D 137 7.21 32.82 -8.89
N VAL D 138 8.11 31.80 -9.01
CA VAL D 138 7.74 30.44 -8.71
C VAL D 138 7.38 30.37 -7.21
N ALA D 139 8.26 30.97 -6.39
CA ALA D 139 8.07 31.04 -4.95
C ALA D 139 6.84 31.89 -4.58
N HIS D 140 6.58 32.95 -5.37
CA HIS D 140 5.42 33.79 -5.16
C HIS D 140 4.13 32.99 -5.34
N ILE D 141 4.02 32.23 -6.43
CA ILE D 141 2.83 31.44 -6.75
C ILE D 141 2.66 30.40 -5.65
N ARG D 142 3.76 29.75 -5.29
CA ARG D 142 3.74 28.74 -4.27
C ARG D 142 3.23 29.27 -2.94
N LYS D 143 3.62 30.50 -2.59
CA LYS D 143 3.23 31.09 -1.34
C LYS D 143 1.77 31.52 -1.38
N GLU D 144 1.37 32.17 -2.51
CA GLU D 144 0.02 32.69 -2.66
C GLU D 144 -1.00 31.56 -2.70
N TYR D 145 -0.91 30.73 -3.75
CA TYR D 145 -1.93 29.73 -4.06
C TYR D 145 -1.51 28.34 -3.61
N GLY D 146 -0.49 28.21 -2.74
CA GLY D 146 -0.12 26.90 -2.23
C GLY D 146 0.29 25.97 -3.37
N ASP D 147 -0.34 24.78 -3.44
CA ASP D 147 -0.08 23.83 -4.50
C ASP D 147 -1.31 23.62 -5.38
N HIS D 148 -1.95 24.73 -5.75
CA HIS D 148 -3.11 24.73 -6.62
C HIS D 148 -2.59 24.70 -8.04
N PHE D 149 -1.67 25.66 -8.31
CA PHE D 149 -0.96 25.74 -9.56
C PHE D 149 0.28 24.87 -9.48
N ASP D 150 0.40 23.95 -10.45
CA ASP D 150 1.66 23.33 -10.79
C ASP D 150 2.47 24.31 -11.64
N ILE D 151 3.74 24.54 -11.27
CA ILE D 151 4.57 25.54 -11.89
C ILE D 151 5.63 24.85 -12.77
N GLY D 152 5.74 25.31 -14.02
CA GLY D 152 6.82 24.90 -14.92
C GLY D 152 7.78 26.08 -15.10
N VAL D 153 9.00 25.77 -15.57
CA VAL D 153 10.01 26.80 -15.83
C VAL D 153 10.73 26.54 -17.15
N ALA D 154 11.42 27.56 -17.65
CA ALA D 154 12.16 27.49 -18.89
C ALA D 154 13.46 26.71 -18.69
N GLY D 155 13.96 26.11 -19.77
CA GLY D 155 15.29 25.48 -19.82
C GLY D 155 15.97 25.74 -21.15
N TYR D 156 17.33 25.69 -21.17
CA TYR D 156 18.13 26.13 -22.31
C TYR D 156 19.26 25.15 -22.60
N PRO D 157 19.01 24.05 -23.35
CA PRO D 157 20.06 23.09 -23.72
C PRO D 157 21.23 23.62 -24.54
N GLU D 158 21.01 24.69 -25.32
CA GLU D 158 22.07 25.31 -26.12
C GLU D 158 22.56 26.61 -25.48
N GLY D 159 22.29 26.83 -24.19
CA GLY D 159 22.61 28.06 -23.51
C GLY D 159 21.57 29.15 -23.74
N CYS D 160 21.64 30.16 -22.87
CA CYS D 160 20.81 31.36 -22.97
C CYS D 160 21.46 32.23 -24.06
N ASP D 161 20.66 33.15 -24.65
CA ASP D 161 21.13 34.08 -25.68
C ASP D 161 22.30 34.93 -25.17
N ASP D 162 22.18 35.52 -23.96
CA ASP D 162 23.24 36.32 -23.36
C ASP D 162 24.25 35.47 -22.59
N ASN D 163 23.74 34.45 -21.86
CA ASN D 163 24.47 33.59 -20.93
C ASN D 163 25.03 32.34 -21.63
N LYS D 164 26.37 32.24 -21.75
CA LYS D 164 27.07 31.03 -22.14
C LYS D 164 28.10 30.75 -21.02
N ASP D 165 27.56 30.37 -19.86
CA ASP D 165 28.24 29.59 -18.83
C ASP D 165 27.31 28.44 -18.42
N GLU D 166 27.52 27.23 -19.00
CA GLU D 166 26.67 26.06 -18.79
C GLU D 166 26.43 25.77 -17.31
N ASP D 167 27.49 25.95 -16.51
CA ASP D 167 27.54 25.44 -15.16
C ASP D 167 26.70 26.27 -14.21
N LEU D 168 26.77 27.60 -14.38
CA LEU D 168 26.04 28.53 -13.52
C LEU D 168 24.58 28.61 -13.97
N LEU D 169 24.32 28.36 -15.27
CA LEU D 169 22.95 28.35 -15.74
C LEU D 169 22.20 27.18 -15.13
N LEU D 170 22.82 26.00 -15.11
CA LEU D 170 22.21 24.81 -14.49
C LEU D 170 22.05 25.01 -12.98
N ASP D 171 22.92 25.84 -12.36
CA ASP D 171 22.75 26.22 -10.96
C ASP D 171 21.51 27.03 -10.73
N HIS D 172 21.28 28.02 -11.60
CA HIS D 172 20.06 28.83 -11.46
C HIS D 172 18.82 28.03 -11.83
N LEU D 173 18.95 27.01 -12.72
CA LEU D 173 17.86 26.10 -13.00
C LEU D 173 17.51 25.31 -11.75
N LYS D 174 18.57 24.89 -11.02
CA LYS D 174 18.39 24.20 -9.74
C LYS D 174 17.63 25.12 -8.76
N GLU D 175 17.95 26.41 -8.74
CA GLU D 175 17.26 27.39 -7.92
C GLU D 175 15.76 27.48 -8.24
N LYS D 176 15.45 27.72 -9.52
CA LYS D 176 14.08 27.85 -10.00
C LYS D 176 13.25 26.61 -9.68
N VAL D 177 13.85 25.42 -9.89
CA VAL D 177 13.22 24.14 -9.61
C VAL D 177 13.01 23.98 -8.10
N ASP D 178 14.03 24.30 -7.31
CA ASP D 178 14.00 24.17 -5.86
C ASP D 178 12.98 25.10 -5.21
N MET D 179 12.61 26.20 -5.87
CA MET D 179 11.53 27.06 -5.38
C MET D 179 10.15 26.42 -5.49
N GLY D 180 10.02 25.30 -6.20
CA GLY D 180 8.83 24.46 -6.19
C GLY D 180 8.21 24.27 -7.58
N ALA D 181 9.07 24.18 -8.62
CA ALA D 181 8.62 23.92 -9.96
C ALA D 181 8.47 22.40 -10.11
N GLY D 182 7.47 21.98 -10.90
CA GLY D 182 7.14 20.56 -11.12
C GLY D 182 7.74 19.99 -12.39
N PHE D 183 8.15 20.88 -13.33
CA PHE D 183 8.64 20.46 -14.62
C PHE D 183 9.38 21.60 -15.34
N ILE D 184 10.19 21.19 -16.33
CA ILE D 184 10.97 22.09 -17.16
C ILE D 184 10.50 21.98 -18.60
N VAL D 185 10.26 23.10 -19.27
CA VAL D 185 9.98 23.12 -20.70
C VAL D 185 11.16 23.83 -21.35
N THR D 186 11.73 23.20 -22.40
CA THR D 186 12.98 23.70 -23.00
C THR D 186 12.67 24.62 -24.19
N GLN D 187 13.69 25.39 -24.58
CA GLN D 187 13.67 26.12 -25.83
C GLN D 187 13.71 25.12 -26.99
N MET D 188 13.32 25.57 -28.19
CA MET D 188 13.47 24.80 -29.42
C MET D 188 14.95 24.46 -29.65
N PHE D 189 15.23 23.24 -30.13
CA PHE D 189 16.57 22.87 -30.54
C PHE D 189 16.47 22.06 -31.82
N TYR D 190 17.60 21.97 -32.54
CA TYR D 190 17.77 21.10 -33.70
C TYR D 190 19.00 20.21 -33.54
N ASP D 191 19.87 20.43 -32.52
CA ASP D 191 20.95 19.50 -32.20
C ASP D 191 20.51 18.55 -31.07
N VAL D 192 20.27 17.30 -31.44
CA VAL D 192 19.61 16.35 -30.56
C VAL D 192 20.65 15.82 -29.58
N ASP D 193 21.81 15.42 -30.07
CA ASP D 193 22.89 14.90 -29.27
C ASP D 193 23.24 15.85 -28.13
N ASN D 194 23.28 17.16 -28.44
CA ASN D 194 23.51 18.20 -27.48
C ASN D 194 22.46 18.19 -26.37
N PHE D 195 21.19 18.00 -26.81
CA PHE D 195 20.06 17.97 -25.89
C PHE D 195 20.18 16.79 -24.89
N LEU D 196 20.41 15.58 -25.40
CA LEU D 196 20.38 14.37 -24.57
C LEU D 196 21.60 14.36 -23.65
N ARG D 197 22.66 15.04 -24.08
CA ARG D 197 23.82 15.30 -23.26
C ARG D 197 23.45 16.24 -22.11
N TRP D 198 22.80 17.33 -22.49
CA TRP D 198 22.37 18.34 -21.54
C TRP D 198 21.50 17.72 -20.44
N VAL D 199 20.61 16.78 -20.85
CA VAL D 199 19.66 16.15 -19.95
C VAL D 199 20.39 15.43 -18.82
N LYS D 200 21.50 14.76 -19.17
CA LYS D 200 22.30 14.06 -18.18
C LYS D 200 22.97 15.06 -17.24
N LYS D 201 23.39 16.21 -17.79
CA LYS D 201 24.05 17.25 -16.99
C LYS D 201 23.10 17.95 -16.02
N VAL D 202 21.82 17.97 -16.39
CA VAL D 202 20.76 18.49 -15.52
C VAL D 202 20.60 17.49 -14.37
N ARG D 203 20.42 16.20 -14.68
CA ARG D 203 20.24 15.16 -13.69
C ARG D 203 21.45 15.02 -12.78
N GLU D 204 22.64 15.22 -13.38
CA GLU D 204 23.90 15.25 -12.66
C GLU D 204 23.85 16.26 -11.50
N ARG D 205 23.18 17.40 -11.73
CA ARG D 205 23.10 18.45 -10.73
C ARG D 205 22.02 18.23 -9.68
N GLY D 206 21.35 17.06 -9.69
CA GLY D 206 20.30 16.76 -8.74
C GLY D 206 19.01 17.51 -9.05
N ILE D 207 18.71 17.65 -10.35
CA ILE D 207 17.49 18.25 -10.85
C ILE D 207 16.69 17.11 -11.46
N SER D 208 15.70 16.61 -10.73
CA SER D 208 15.04 15.35 -11.00
C SER D 208 13.74 15.53 -11.79
N VAL D 209 13.19 16.76 -11.87
CA VAL D 209 11.86 16.99 -12.43
C VAL D 209 11.74 16.50 -13.87
N PRO D 210 10.53 16.17 -14.38
CA PRO D 210 10.39 15.84 -15.81
C PRO D 210 10.79 16.97 -16.76
N ILE D 211 11.56 16.64 -17.79
CA ILE D 211 11.93 17.57 -18.84
C ILE D 211 10.97 17.37 -20.03
N VAL D 212 10.63 18.50 -20.66
CA VAL D 212 9.70 18.55 -21.78
C VAL D 212 10.41 19.29 -22.90
N PRO D 213 10.89 18.59 -23.96
CA PRO D 213 11.55 19.24 -25.09
C PRO D 213 10.63 20.18 -25.86
N GLY D 214 11.17 21.34 -26.26
CA GLY D 214 10.52 22.25 -27.16
C GLY D 214 10.74 21.82 -28.62
N ILE D 215 9.69 21.35 -29.27
CA ILE D 215 9.78 20.92 -30.66
C ILE D 215 9.13 22.03 -31.46
N MET D 216 9.86 22.60 -32.42
CA MET D 216 9.24 23.47 -33.41
C MET D 216 9.37 22.81 -34.78
N PRO D 217 8.24 22.32 -35.37
CA PRO D 217 8.26 21.64 -36.67
C PRO D 217 8.42 22.71 -37.76
N ILE D 218 8.63 22.27 -39.00
CA ILE D 218 8.95 23.14 -40.13
C ILE D 218 7.69 23.37 -40.97
N ALA D 219 7.40 24.65 -41.31
CA ALA D 219 6.25 25.07 -42.09
C ALA D 219 6.72 25.73 -43.39
N THR D 220 7.67 26.67 -43.32
CA THR D 220 8.33 27.22 -44.49
C THR D 220 9.83 27.18 -44.28
N TYR D 221 10.56 27.25 -45.41
CA TYR D 221 12.02 27.26 -45.37
C TYR D 221 12.50 28.57 -44.75
N ALA D 222 11.76 29.67 -45.03
CA ALA D 222 12.10 31.00 -44.54
C ALA D 222 11.93 31.10 -43.03
N SER D 223 10.73 30.81 -42.54
CA SER D 223 10.40 30.87 -41.12
C SER D 223 11.30 29.94 -40.29
N PHE D 224 11.66 28.79 -40.89
CA PHE D 224 12.51 27.81 -40.24
C PHE D 224 13.87 28.42 -39.95
N LEU D 225 14.52 28.92 -41.03
CA LEU D 225 15.86 29.45 -40.95
C LEU D 225 15.88 30.76 -40.14
N ARG D 226 14.81 31.58 -40.27
CA ARG D 226 14.78 32.90 -39.66
C ARG D 226 14.70 32.78 -38.15
N ARG D 227 13.74 31.98 -37.66
CA ARG D 227 13.55 31.74 -36.23
C ARG D 227 14.74 31.02 -35.62
N ALA D 228 15.26 30.00 -36.36
CA ALA D 228 16.38 29.22 -35.90
C ALA D 228 17.64 30.08 -35.72
N ASN D 229 17.90 30.98 -36.68
CA ASN D 229 19.07 31.87 -36.62
C ASN D 229 18.93 32.95 -35.56
N HIS D 230 17.70 33.43 -35.40
CA HIS D 230 17.38 34.43 -34.40
C HIS D 230 17.64 33.91 -32.98
N MET D 231 17.27 32.64 -32.74
CA MET D 231 17.48 32.00 -31.46
C MET D 231 18.85 31.36 -31.37
N LYS D 232 19.60 31.36 -32.49
CA LYS D 232 20.96 30.84 -32.56
C LYS D 232 20.95 29.34 -32.26
N CYS D 233 20.14 28.63 -33.06
CA CYS D 233 20.05 27.18 -33.03
C CYS D 233 21.15 26.59 -33.94
N LYS D 234 21.74 25.50 -33.45
CA LYS D 234 22.60 24.64 -34.28
C LYS D 234 21.70 23.81 -35.19
N ILE D 235 21.74 24.01 -36.53
CA ILE D 235 21.05 23.20 -37.51
C ILE D 235 22.10 22.28 -38.15
N PRO D 236 21.91 20.93 -38.15
CA PRO D 236 22.81 20.03 -38.86
C PRO D 236 22.94 20.30 -40.37
N GLU D 237 24.17 20.21 -40.88
CA GLU D 237 24.44 20.40 -42.30
C GLU D 237 23.71 19.35 -43.13
N GLU D 238 23.34 18.22 -42.53
CA GLU D 238 22.58 17.19 -43.21
C GLU D 238 21.14 17.62 -43.41
N TRP D 239 20.60 18.36 -42.42
CA TRP D 239 19.28 18.98 -42.54
C TRP D 239 19.28 20.02 -43.66
N MET D 240 20.31 20.86 -43.67
CA MET D 240 20.48 21.92 -44.65
C MET D 240 20.54 21.35 -46.06
N ALA D 241 21.39 20.31 -46.21
CA ALA D 241 21.64 19.68 -47.48
C ALA D 241 20.39 18.99 -48.00
N LYS D 242 19.53 18.45 -47.13
CA LYS D 242 18.32 17.76 -47.55
C LYS D 242 17.22 18.74 -47.96
N LEU D 243 17.18 19.91 -47.35
CA LEU D 243 16.19 20.95 -47.65
C LEU D 243 16.59 21.87 -48.79
N GLU D 244 17.90 21.87 -49.10
CA GLU D 244 18.50 22.76 -50.07
C GLU D 244 17.80 22.65 -51.42
N PRO D 245 17.73 21.44 -52.04
CA PRO D 245 17.22 21.30 -53.41
C PRO D 245 15.81 21.81 -53.68
N VAL D 246 14.92 21.70 -52.66
CA VAL D 246 13.52 22.10 -52.83
C VAL D 246 13.20 23.30 -51.97
N LYS D 247 14.18 24.18 -51.70
CA LYS D 247 14.05 25.28 -50.74
C LYS D 247 12.87 26.21 -51.09
N ASN D 248 12.62 26.47 -52.38
CA ASN D 248 11.53 27.34 -52.81
C ASN D 248 10.19 26.67 -52.58
N ASP D 249 10.10 25.36 -52.89
CA ASP D 249 8.89 24.60 -52.74
C ASP D 249 8.68 24.19 -51.28
N ASP D 250 7.75 24.88 -50.60
CA ASP D 250 7.49 24.66 -49.18
C ASP D 250 6.59 23.47 -48.96
N VAL D 251 5.99 22.90 -50.01
CA VAL D 251 5.28 21.63 -49.96
C VAL D 251 6.32 20.52 -49.78
N ALA D 252 7.37 20.55 -50.62
CA ALA D 252 8.46 19.59 -50.55
C ALA D 252 9.27 19.75 -49.25
N VAL D 253 9.44 21.03 -48.80
CA VAL D 253 10.17 21.33 -47.58
C VAL D 253 9.37 20.83 -46.37
N ARG D 254 8.03 20.93 -46.40
CA ARG D 254 7.19 20.48 -45.30
C ARG D 254 7.18 18.95 -45.22
N GLU D 255 7.20 18.26 -46.37
CA GLU D 255 7.16 16.80 -46.33
C GLU D 255 8.56 16.25 -46.02
N ILE D 256 9.60 17.08 -46.19
CA ILE D 256 10.96 16.74 -45.78
C ILE D 256 11.13 17.01 -44.27
N GLY D 257 10.80 18.24 -43.88
CA GLY D 257 10.93 18.65 -42.49
C GLY D 257 9.97 17.96 -41.53
N LYS D 258 8.92 17.32 -42.10
CA LYS D 258 8.12 16.34 -41.36
C LYS D 258 9.05 15.26 -40.80
N THR D 259 9.85 14.65 -41.68
CA THR D 259 10.63 13.47 -41.33
C THR D 259 11.92 13.86 -40.60
N LEU D 260 12.47 15.07 -40.84
CA LEU D 260 13.66 15.55 -40.16
C LEU D 260 13.38 15.73 -38.67
N VAL D 261 12.30 16.46 -38.37
CA VAL D 261 11.92 16.77 -36.99
C VAL D 261 11.50 15.50 -36.27
N ALA D 262 10.75 14.64 -36.98
CA ALA D 262 10.21 13.41 -36.42
C ALA D 262 11.32 12.42 -36.07
N ASP D 263 12.38 12.39 -36.88
CA ASP D 263 13.55 11.57 -36.55
C ASP D 263 14.19 12.06 -35.25
N MET D 264 14.23 13.39 -35.06
CA MET D 264 14.79 13.99 -33.85
C MET D 264 13.94 13.58 -32.64
N CYS D 265 12.62 13.66 -32.81
CA CYS D 265 11.65 13.24 -31.80
C CYS D 265 11.81 11.76 -31.43
N ARG D 266 12.02 10.89 -32.43
CA ARG D 266 12.19 9.47 -32.22
C ARG D 266 13.38 9.17 -31.32
N LYS D 267 14.47 9.96 -31.42
CA LYS D 267 15.64 9.75 -30.61
C LYS D 267 15.43 10.31 -29.19
N ILE D 268 14.63 11.36 -29.07
CA ILE D 268 14.26 11.90 -27.77
C ILE D 268 13.38 10.88 -27.03
N LEU D 269 12.43 10.29 -27.79
CA LEU D 269 11.51 9.30 -27.26
C LEU D 269 12.22 8.02 -26.86
N ASP D 270 13.14 7.56 -27.71
CA ASP D 270 14.01 6.42 -27.40
C ASP D 270 14.69 6.59 -26.06
N ALA D 271 15.16 7.82 -25.81
CA ALA D 271 15.93 8.11 -24.62
C ALA D 271 15.08 8.08 -23.34
N GLY D 272 13.76 7.87 -23.44
CA GLY D 272 12.88 7.75 -22.28
C GLY D 272 12.05 9.01 -22.05
N ILE D 273 12.42 10.14 -22.69
CA ILE D 273 11.67 11.38 -22.57
C ILE D 273 10.39 11.21 -23.38
N ARG D 274 9.22 11.25 -22.74
CA ARG D 274 7.98 10.80 -23.35
C ARG D 274 7.04 11.91 -23.78
N HIS D 275 7.23 13.16 -23.32
CA HIS D 275 6.33 14.23 -23.72
C HIS D 275 6.99 15.16 -24.71
N LEU D 276 6.22 15.58 -25.74
CA LEU D 276 6.69 16.51 -26.78
C LEU D 276 5.76 17.73 -26.79
N HIS D 277 6.35 18.93 -26.63
CA HIS D 277 5.64 20.19 -26.60
C HIS D 277 5.90 20.93 -27.92
N PHE D 278 4.82 21.10 -28.72
CA PHE D 278 4.94 21.63 -30.06
C PHE D 278 4.63 23.13 -30.07
N TYR D 279 5.53 23.92 -30.66
CA TYR D 279 5.30 25.34 -30.90
C TYR D 279 4.53 25.48 -32.20
N THR D 280 3.20 25.60 -32.13
CA THR D 280 2.34 25.55 -33.31
C THR D 280 2.48 26.83 -34.13
N MET D 281 2.79 27.95 -33.49
CA MET D 281 2.77 29.26 -34.12
C MET D 281 1.37 29.58 -34.64
N ASN D 282 0.34 29.04 -33.98
CA ASN D 282 -1.06 29.17 -34.35
C ASN D 282 -1.32 28.52 -35.72
N LEU D 283 -0.64 27.39 -36.01
CA LEU D 283 -0.77 26.67 -37.26
C LEU D 283 -0.83 25.16 -36.97
N ALA D 284 -1.81 24.48 -37.59
CA ALA D 284 -2.04 23.07 -37.35
C ALA D 284 -1.04 22.19 -38.14
N GLN D 285 -0.77 22.54 -39.41
CA GLN D 285 -0.32 21.57 -40.41
C GLN D 285 1.11 21.08 -40.13
N ALA D 286 1.97 22.00 -39.69
CA ALA D 286 3.37 21.67 -39.47
C ALA D 286 3.44 20.62 -38.37
N THR D 287 2.71 20.87 -37.28
CA THR D 287 2.68 19.95 -36.12
C THR D 287 2.00 18.64 -36.51
N ARG D 288 0.85 18.77 -37.17
CA ARG D 288 0.03 17.65 -37.60
C ARG D 288 0.82 16.64 -38.44
N MET D 289 1.63 17.13 -39.36
CA MET D 289 2.42 16.27 -40.24
C MET D 289 3.43 15.45 -39.43
N VAL D 290 4.00 16.05 -38.37
CA VAL D 290 4.96 15.35 -37.51
C VAL D 290 4.26 14.31 -36.66
N LEU D 291 3.08 14.67 -36.14
CA LEU D 291 2.30 13.74 -35.33
C LEU D 291 1.85 12.54 -36.16
N GLU D 292 1.50 12.76 -37.44
CA GLU D 292 1.18 11.69 -38.36
C GLU D 292 2.42 10.84 -38.65
N GLU D 293 3.57 11.49 -38.82
CA GLU D 293 4.84 10.80 -39.06
C GLU D 293 5.20 9.88 -37.92
N LEU D 294 4.76 10.24 -36.69
CA LEU D 294 5.00 9.43 -35.50
C LEU D 294 3.84 8.48 -35.25
N ASN D 295 2.85 8.41 -36.16
CA ASN D 295 1.59 7.71 -35.96
C ASN D 295 1.03 7.92 -34.55
N TRP D 296 1.16 9.15 -34.06
CA TRP D 296 0.60 9.60 -32.81
C TRP D 296 -0.78 10.22 -33.00
N LEU D 297 -1.17 10.51 -34.24
CA LEU D 297 -2.53 10.95 -34.47
C LEU D 297 -3.49 9.78 -34.29
N PRO D 298 -4.74 10.01 -33.84
CA PRO D 298 -5.66 8.92 -33.54
C PRO D 298 -6.04 8.17 -34.81
N SER D 299 -6.27 6.86 -34.65
CA SER D 299 -6.58 5.97 -35.77
C SER D 299 -7.72 5.10 -35.33
N PRO D 300 -8.27 4.22 -36.22
CA PRO D 300 -8.99 3.02 -35.79
C PRO D 300 -8.20 2.17 -34.79
N ASP D 301 -6.89 2.02 -35.07
CA ASP D 301 -5.98 1.18 -34.32
C ASP D 301 -5.77 1.72 -32.89
N ARG D 302 -5.58 3.05 -32.77
CA ARG D 302 -5.47 3.68 -31.47
C ARG D 302 -6.43 4.84 -31.46
N PRO D 303 -7.73 4.63 -31.22
CA PRO D 303 -8.73 5.71 -31.35
C PRO D 303 -8.56 6.73 -30.24
N LEU D 304 -9.27 7.86 -30.36
CA LEU D 304 -9.08 8.98 -29.46
C LEU D 304 -9.73 8.67 -28.13
N LYS D 305 -9.02 8.85 -27.02
CA LYS D 305 -9.64 8.58 -25.72
C LYS D 305 -10.58 9.72 -25.34
N HIS D 306 -11.80 9.40 -24.88
CA HIS D 306 -12.73 10.38 -24.33
C HIS D 306 -13.08 10.00 -22.89
N ALA D 307 -13.02 10.99 -21.98
CA ALA D 307 -13.36 10.79 -20.58
C ALA D 307 -14.80 10.34 -20.41
N LEU D 308 -15.72 10.98 -21.15
CA LEU D 308 -17.13 10.71 -21.04
C LEU D 308 -17.75 10.68 -22.43
N PRO D 309 -18.98 10.17 -22.58
CA PRO D 309 -19.67 10.25 -23.86
C PRO D 309 -19.95 11.66 -24.37
N TRP D 310 -19.66 12.70 -23.60
CA TRP D 310 -19.72 14.07 -24.10
C TRP D 310 -18.48 14.83 -23.70
N LYS D 311 -18.24 15.96 -24.38
CA LYS D 311 -17.06 16.78 -24.22
C LYS D 311 -17.13 17.42 -22.84
N GLN D 312 -16.19 16.99 -22.00
CA GLN D 312 -16.18 17.35 -20.60
C GLN D 312 -15.63 18.76 -20.49
N SER D 313 -16.24 19.57 -19.62
CA SER D 313 -15.74 20.90 -19.34
C SER D 313 -14.65 20.78 -18.27
N LEU D 314 -13.71 21.71 -18.34
CA LEU D 314 -12.67 21.90 -17.34
C LEU D 314 -12.79 23.30 -16.79
N GLY D 315 -14.03 23.84 -16.77
CA GLY D 315 -14.27 25.15 -16.23
C GLY D 315 -14.09 25.14 -14.71
N PHE D 316 -14.20 26.35 -14.14
CA PHE D 316 -14.08 26.52 -12.71
C PHE D 316 -15.22 25.82 -11.98
N GLY D 317 -14.90 24.73 -11.29
CA GLY D 317 -15.88 23.97 -10.53
C GLY D 317 -16.58 22.91 -11.36
N ARG D 318 -16.29 22.78 -12.66
CA ARG D 318 -16.86 21.71 -13.45
C ARG D 318 -15.96 20.50 -13.51
N ARG D 319 -14.94 20.38 -12.68
CA ARG D 319 -14.10 19.19 -12.70
C ARG D 319 -14.90 17.95 -12.28
N GLY D 320 -15.91 18.15 -11.42
CA GLY D 320 -16.73 17.08 -10.88
C GLY D 320 -17.99 16.75 -11.68
N GLU D 321 -18.20 17.47 -12.79
CA GLU D 321 -19.40 17.34 -13.59
C GLU D 321 -19.25 16.06 -14.42
N ASP D 322 -20.10 15.08 -14.16
CA ASP D 322 -20.09 13.82 -14.89
C ASP D 322 -21.48 13.26 -15.15
N VAL D 323 -22.49 14.10 -15.24
CA VAL D 323 -23.78 13.68 -15.77
C VAL D 323 -24.50 14.85 -16.42
N ARG D 324 -25.05 14.58 -17.60
CA ARG D 324 -25.77 15.58 -18.36
C ARG D 324 -26.98 14.94 -19.06
N PRO D 325 -27.99 15.74 -19.45
CA PRO D 325 -29.01 15.25 -20.38
C PRO D 325 -28.42 14.93 -21.76
N ILE D 326 -29.03 14.01 -22.50
CA ILE D 326 -28.54 13.62 -23.81
C ILE D 326 -28.69 14.79 -24.79
N PHE D 327 -29.51 15.81 -24.47
CA PHE D 327 -30.07 16.68 -25.49
C PHE D 327 -29.03 17.61 -26.08
N TRP D 328 -28.00 17.95 -25.30
CA TRP D 328 -26.87 18.76 -25.73
C TRP D 328 -25.67 17.87 -26.00
N ARG D 329 -25.90 16.63 -26.46
CA ARG D 329 -24.87 15.76 -26.96
C ARG D 329 -24.06 16.46 -28.06
N ASN D 330 -24.69 17.34 -28.84
CA ASN D 330 -24.05 17.90 -30.01
C ASN D 330 -23.97 19.41 -29.88
N ARG D 331 -24.28 19.94 -28.69
CA ARG D 331 -24.18 21.35 -28.39
C ARG D 331 -23.58 21.48 -27.00
N ASN D 332 -22.29 21.15 -26.94
CA ASN D 332 -21.57 21.16 -25.67
C ASN D 332 -21.43 22.58 -25.11
N LYS D 333 -20.80 23.40 -25.91
CA LYS D 333 -20.56 24.80 -25.61
C LYS D 333 -21.86 25.44 -25.15
N SER D 334 -22.97 25.10 -25.81
CA SER D 334 -24.26 25.62 -25.42
C SER D 334 -24.63 25.26 -23.97
N TYR D 335 -24.50 23.98 -23.62
CA TYR D 335 -24.90 23.50 -22.31
C TYR D 335 -24.05 24.23 -21.25
N VAL D 336 -22.76 24.41 -21.56
CA VAL D 336 -21.84 25.11 -20.68
C VAL D 336 -22.33 26.54 -20.47
N ALA D 337 -22.67 27.20 -21.57
CA ALA D 337 -23.17 28.56 -21.52
C ALA D 337 -24.39 28.67 -20.62
N ARG D 338 -25.29 27.69 -20.73
CA ARG D 338 -26.60 27.78 -20.09
C ARG D 338 -26.48 27.48 -18.60
N THR D 339 -25.64 26.51 -18.28
CA THR D 339 -25.46 26.05 -16.91
C THR D 339 -24.34 26.77 -16.15
N GLN D 340 -23.71 27.80 -16.76
CA GLN D 340 -22.50 28.42 -16.23
C GLN D 340 -22.69 28.96 -14.80
N ASP D 341 -23.90 29.46 -14.47
CA ASP D 341 -24.11 30.09 -13.19
C ASP D 341 -24.57 29.06 -12.16
N TRP D 342 -24.29 27.78 -12.34
CA TRP D 342 -24.73 26.77 -11.39
C TRP D 342 -23.75 26.69 -10.24
N ASP D 343 -24.28 26.59 -9.01
CA ASP D 343 -23.51 26.53 -7.79
C ASP D 343 -22.91 25.13 -7.59
N GLU D 344 -23.72 24.11 -7.87
CA GLU D 344 -23.34 22.71 -7.80
C GLU D 344 -23.60 22.07 -9.17
N PHE D 345 -22.61 21.37 -9.71
CA PHE D 345 -22.79 20.57 -10.92
C PHE D 345 -23.23 19.19 -10.53
N PRO D 346 -24.05 18.51 -11.35
CA PRO D 346 -24.51 17.17 -11.02
C PRO D 346 -23.34 16.18 -11.12
N ASN D 347 -23.37 15.18 -10.24
CA ASN D 347 -22.23 14.32 -10.03
C ASN D 347 -22.68 12.94 -9.62
N GLY D 348 -22.39 11.93 -10.42
CA GLY D 348 -22.64 10.54 -10.09
C GLY D 348 -24.06 10.12 -10.47
N ARG D 349 -25.05 10.93 -10.07
CA ARG D 349 -26.42 10.74 -10.49
C ARG D 349 -27.11 12.10 -10.63
N TRP D 350 -28.13 12.16 -11.47
CA TRP D 350 -28.89 13.40 -11.64
C TRP D 350 -29.81 13.58 -10.44
N GLY D 351 -30.52 12.53 -10.06
CA GLY D 351 -31.34 12.51 -8.86
C GLY D 351 -32.74 13.11 -9.11
N ASP D 352 -33.67 12.80 -8.22
CA ASP D 352 -35.09 13.02 -8.47
C ASP D 352 -35.49 14.44 -8.13
N SER D 353 -34.96 15.00 -7.04
CA SER D 353 -35.43 16.29 -6.58
C SER D 353 -34.90 17.44 -7.46
N ARG D 354 -33.75 17.22 -8.13
CA ARG D 354 -33.03 18.23 -8.88
C ARG D 354 -33.95 19.05 -9.81
N SER D 355 -34.05 20.35 -9.57
CA SER D 355 -34.76 21.29 -10.40
C SER D 355 -33.78 22.29 -10.99
N PRO D 356 -33.37 22.04 -12.25
CA PRO D 356 -32.36 22.86 -12.91
C PRO D 356 -32.92 24.12 -13.57
N ALA D 357 -32.03 25.08 -13.71
CA ALA D 357 -32.34 26.42 -14.17
C ALA D 357 -32.21 26.64 -15.70
N PHE D 358 -30.99 26.50 -16.26
CA PHE D 358 -30.86 26.41 -17.70
C PHE D 358 -30.84 27.72 -18.48
N GLY D 359 -30.59 28.86 -17.82
CA GLY D 359 -29.99 30.01 -18.51
C GLY D 359 -31.06 30.71 -19.37
N GLU D 360 -30.65 31.55 -20.32
CA GLU D 360 -31.47 32.19 -21.32
C GLU D 360 -30.72 32.24 -22.65
N LEU D 361 -31.45 32.12 -23.75
CA LEU D 361 -30.88 31.63 -25.01
C LEU D 361 -29.95 32.71 -25.58
N ASP D 362 -30.54 33.89 -25.71
CA ASP D 362 -29.91 35.05 -26.32
C ASP D 362 -28.73 35.51 -25.49
N ALA D 363 -29.03 35.74 -24.19
CA ALA D 363 -28.14 36.51 -23.35
C ALA D 363 -26.90 35.67 -23.01
N TYR D 364 -26.87 34.38 -23.44
CA TYR D 364 -25.72 33.50 -23.26
C TYR D 364 -25.00 33.09 -24.55
N GLY D 365 -25.55 33.49 -25.71
CA GLY D 365 -24.91 33.11 -26.97
C GLY D 365 -24.96 31.60 -27.22
N VAL D 366 -26.22 31.08 -27.26
CA VAL D 366 -26.56 29.79 -27.82
C VAL D 366 -27.42 30.05 -29.04
N GLY D 367 -26.75 30.53 -30.11
CA GLY D 367 -27.36 30.95 -31.37
C GLY D 367 -26.59 30.36 -32.57
N LEU D 368 -26.75 31.02 -33.73
CA LEU D 368 -26.14 30.61 -34.98
C LEU D 368 -24.66 30.96 -34.99
N THR D 369 -23.86 30.15 -35.71
CA THR D 369 -22.44 30.37 -35.93
C THR D 369 -22.26 31.05 -37.30
N GLY D 370 -21.40 32.06 -37.38
CA GLY D 370 -21.10 32.72 -38.65
C GLY D 370 -22.22 33.66 -39.12
N SER D 371 -21.93 34.37 -40.22
CA SER D 371 -22.82 35.34 -40.84
C SER D 371 -24.06 34.70 -41.41
N ASN D 372 -25.14 35.45 -41.57
CA ASN D 372 -26.28 35.01 -42.36
C ASN D 372 -25.83 34.73 -43.80
N GLU D 373 -25.06 35.65 -44.39
CA GLU D 373 -24.55 35.50 -45.74
C GLU D 373 -23.86 34.15 -45.93
N GLN D 374 -23.07 33.77 -44.93
CA GLN D 374 -22.35 32.52 -44.95
C GLN D 374 -23.27 31.29 -44.77
N ASN D 375 -24.25 31.39 -43.86
CA ASN D 375 -25.15 30.29 -43.55
C ASN D 375 -26.10 30.01 -44.70
N ARG D 376 -26.46 31.04 -45.44
CA ARG D 376 -27.17 30.90 -46.70
C ARG D 376 -26.30 30.19 -47.72
N GLU D 377 -24.99 30.47 -47.70
CA GLU D 377 -24.08 29.79 -48.60
C GLU D 377 -24.06 28.28 -48.29
N ARG D 378 -23.95 27.96 -46.99
CA ARG D 378 -23.93 26.58 -46.51
C ARG D 378 -25.22 25.85 -46.87
N TRP D 379 -26.35 26.43 -46.47
CA TRP D 379 -27.63 25.75 -46.43
C TRP D 379 -28.48 26.06 -47.65
N GLY D 380 -28.11 27.07 -48.46
CA GLY D 380 -28.95 27.45 -49.60
C GLY D 380 -30.26 28.12 -49.16
N GLU D 381 -31.27 28.02 -50.04
CA GLU D 381 -32.56 28.65 -49.88
C GLU D 381 -33.66 27.61 -50.05
N PRO D 382 -34.09 26.93 -48.97
CA PRO D 382 -35.12 25.89 -49.05
C PRO D 382 -36.50 26.52 -49.30
N LYS D 383 -37.25 25.97 -50.23
CA LYS D 383 -38.58 26.46 -50.57
C LYS D 383 -39.64 25.52 -50.03
N CYS D 384 -39.27 24.24 -49.84
CA CYS D 384 -40.20 23.22 -49.35
C CYS D 384 -39.49 22.31 -48.35
N ILE D 385 -40.25 21.40 -47.74
CA ILE D 385 -39.76 20.53 -46.66
C ILE D 385 -38.75 19.50 -47.21
N ARG D 386 -38.89 19.13 -48.49
CA ARG D 386 -37.98 18.19 -49.12
C ARG D 386 -36.55 18.70 -49.21
N ASP D 387 -36.42 20.04 -49.38
CA ASP D 387 -35.12 20.67 -49.47
C ASP D 387 -34.39 20.56 -48.14
N ILE D 388 -35.15 20.69 -47.04
CA ILE D 388 -34.60 20.54 -45.71
C ILE D 388 -34.16 19.09 -45.52
N ALA D 389 -35.04 18.16 -45.90
CA ALA D 389 -34.72 16.74 -45.84
C ALA D 389 -33.36 16.46 -46.51
N ASN D 390 -33.19 17.00 -47.73
CA ASN D 390 -31.99 16.84 -48.54
C ASN D 390 -30.73 17.30 -47.79
N LEU D 391 -30.89 18.44 -47.11
CA LEU D 391 -29.80 19.09 -46.42
C LEU D 391 -29.30 18.21 -45.28
N PHE D 392 -30.27 17.63 -44.55
CA PHE D 392 -29.96 16.71 -43.45
C PHE D 392 -29.30 15.44 -43.97
N ILE D 393 -29.74 14.94 -45.12
CA ILE D 393 -29.16 13.75 -45.70
C ILE D 393 -27.70 14.04 -46.12
N ARG D 394 -27.47 15.25 -46.64
CA ARG D 394 -26.14 15.69 -47.02
C ARG D 394 -25.20 15.77 -45.81
N TYR D 395 -25.74 16.22 -44.66
CA TYR D 395 -24.95 16.29 -43.43
C TYR D 395 -24.52 14.89 -42.99
N MET D 396 -25.49 13.96 -43.06
CA MET D 396 -25.34 12.56 -42.69
C MET D 396 -24.33 11.84 -43.56
N ARG D 397 -24.20 12.29 -44.81
CA ARG D 397 -23.22 11.73 -45.73
C ARG D 397 -21.93 12.53 -45.72
N LYS D 398 -21.71 13.40 -44.72
CA LYS D 398 -20.50 14.19 -44.58
C LYS D 398 -20.30 15.16 -45.76
N GLU D 399 -21.34 15.52 -46.48
CA GLU D 399 -21.21 16.37 -47.65
C GLU D 399 -21.20 17.85 -47.25
N ILE D 400 -22.02 18.20 -46.26
CA ILE D 400 -21.94 19.48 -45.58
C ILE D 400 -21.58 19.21 -44.13
N ASP D 401 -21.04 20.20 -43.46
CA ASP D 401 -20.33 20.03 -42.20
C ASP D 401 -21.09 20.59 -41.01
N TYR D 402 -22.13 21.41 -41.23
CA TYR D 402 -22.85 22.06 -40.15
C TYR D 402 -24.34 22.10 -40.45
N LEU D 403 -25.12 21.86 -39.39
CA LEU D 403 -26.54 22.12 -39.37
C LEU D 403 -26.84 22.84 -38.07
N PRO D 404 -27.95 23.61 -38.03
CA PRO D 404 -28.29 24.38 -36.84
C PRO D 404 -28.21 23.66 -35.49
N TRP D 405 -28.57 22.37 -35.46
CA TRP D 405 -28.72 21.63 -34.22
C TRP D 405 -27.44 20.88 -33.81
N SER D 406 -26.32 21.14 -34.49
CA SER D 406 -25.05 20.52 -34.16
C SER D 406 -23.91 21.54 -34.25
N GLU D 407 -23.10 21.64 -33.16
CA GLU D 407 -21.86 22.40 -33.19
C GLU D 407 -20.87 21.92 -34.25
N ALA D 408 -20.92 20.63 -34.60
CA ALA D 408 -19.92 19.94 -35.37
C ALA D 408 -20.53 19.11 -36.51
N PRO D 409 -19.67 18.54 -37.39
CA PRO D 409 -20.13 17.53 -38.35
C PRO D 409 -20.59 16.21 -37.75
N VAL D 410 -21.20 15.42 -38.63
CA VAL D 410 -21.84 14.16 -38.31
C VAL D 410 -20.86 13.26 -37.58
N ALA D 411 -21.35 12.65 -36.49
CA ALA D 411 -20.57 11.76 -35.66
C ALA D 411 -20.30 10.42 -36.35
N ASP D 412 -19.34 9.67 -35.79
CA ASP D 412 -19.06 8.29 -36.21
C ASP D 412 -20.07 7.35 -35.56
N GLU D 413 -20.59 7.72 -34.37
CA GLU D 413 -21.63 6.94 -33.71
C GLU D 413 -22.90 6.86 -34.54
N ALA D 414 -23.16 7.93 -35.29
CA ALA D 414 -24.18 7.96 -36.35
C ALA D 414 -23.90 7.05 -37.55
N ASP D 415 -22.61 6.84 -37.84
CA ASP D 415 -22.19 6.11 -39.04
C ASP D 415 -22.48 4.63 -38.92
N LEU D 416 -22.91 4.20 -37.74
CA LEU D 416 -23.54 2.89 -37.57
C LEU D 416 -24.93 2.90 -38.22
N ILE D 417 -25.77 3.83 -37.74
CA ILE D 417 -27.20 3.87 -38.03
C ILE D 417 -27.50 4.91 -39.10
N LYS D 418 -26.54 5.13 -40.01
CA LYS D 418 -26.50 6.29 -40.90
C LYS D 418 -27.66 6.21 -41.88
N ASP D 419 -27.84 5.04 -42.49
CA ASP D 419 -28.86 4.88 -43.52
C ASP D 419 -30.24 4.84 -42.89
N GLU D 420 -30.38 4.49 -41.60
CA GLU D 420 -31.66 4.50 -40.95
C GLU D 420 -32.19 5.93 -40.77
N LEU D 421 -31.25 6.81 -40.42
CA LEU D 421 -31.53 8.21 -40.14
C LEU D 421 -31.75 8.94 -41.46
N ILE D 422 -30.97 8.59 -42.51
CA ILE D 422 -31.18 9.15 -43.84
C ILE D 422 -32.61 8.85 -44.33
N ASP D 423 -33.08 7.62 -44.10
CA ASP D 423 -34.40 7.20 -44.51
C ASP D 423 -35.52 7.94 -43.77
N LEU D 424 -35.29 8.20 -42.48
CA LEU D 424 -36.19 9.01 -41.68
C LEU D 424 -36.28 10.43 -42.25
N ASN D 425 -35.15 11.01 -42.64
CA ASN D 425 -35.13 12.39 -43.12
C ASN D 425 -35.82 12.49 -44.47
N ARG D 426 -35.61 11.49 -45.34
CA ARG D 426 -36.19 11.55 -46.66
C ARG D 426 -37.72 11.42 -46.60
N ARG D 427 -38.23 10.86 -45.48
CA ARG D 427 -39.66 10.74 -45.25
C ARG D 427 -40.25 11.95 -44.53
N GLY D 428 -39.42 12.95 -44.18
CA GLY D 428 -39.84 14.18 -43.57
C GLY D 428 -39.74 14.16 -42.05
N LEU D 429 -39.25 13.06 -41.46
CA LEU D 429 -39.00 13.00 -40.03
C LEU D 429 -37.60 13.54 -39.83
N ILE D 430 -37.47 14.86 -39.59
CA ILE D 430 -36.21 15.56 -39.58
C ILE D 430 -35.51 15.28 -38.24
N THR D 431 -34.44 14.49 -38.27
CA THR D 431 -33.78 13.94 -37.08
C THR D 431 -32.72 14.93 -36.56
N VAL D 432 -32.88 15.43 -35.32
CA VAL D 432 -31.90 16.39 -34.76
C VAL D 432 -30.81 15.66 -33.95
N ASN D 433 -31.12 14.51 -33.34
CA ASN D 433 -30.24 13.89 -32.36
C ASN D 433 -30.61 12.41 -32.20
N SER D 434 -29.61 11.56 -31.93
CA SER D 434 -29.80 10.13 -31.78
C SER D 434 -28.58 9.45 -31.15
N GLN D 435 -28.76 8.20 -30.71
CA GLN D 435 -27.65 7.32 -30.38
C GLN D 435 -28.12 5.88 -30.52
N PRO D 436 -27.24 4.98 -30.99
CA PRO D 436 -27.57 3.55 -31.10
C PRO D 436 -27.53 2.90 -29.73
N ALA D 437 -28.17 1.74 -29.63
CA ALA D 437 -28.12 0.96 -28.40
C ALA D 437 -26.78 0.23 -28.38
N VAL D 438 -26.17 0.10 -27.20
CA VAL D 438 -24.92 -0.63 -27.01
C VAL D 438 -25.12 -1.56 -25.82
N ASN D 439 -24.78 -2.85 -25.96
CA ASN D 439 -24.96 -3.81 -24.90
C ASN D 439 -23.61 -4.33 -24.45
N GLY D 440 -22.82 -3.48 -23.78
CA GLY D 440 -21.64 -3.93 -23.04
C GLY D 440 -20.38 -3.99 -23.91
N ALA D 441 -20.18 -2.96 -24.75
CA ALA D 441 -19.00 -2.86 -25.59
C ALA D 441 -17.82 -2.55 -24.70
N LYS D 442 -16.66 -3.09 -25.07
CA LYS D 442 -15.43 -2.82 -24.31
C LYS D 442 -15.20 -1.31 -24.28
N SER D 443 -14.76 -0.80 -23.14
CA SER D 443 -14.73 0.63 -22.93
C SER D 443 -13.71 1.31 -23.86
N ASN D 444 -12.88 0.51 -24.56
CA ASN D 444 -11.96 0.99 -25.59
C ASN D 444 -12.50 0.91 -27.01
N HIS D 445 -13.79 0.68 -27.19
CA HIS D 445 -14.39 0.59 -28.51
C HIS D 445 -14.07 1.88 -29.31
N PRO D 446 -13.66 1.80 -30.58
CA PRO D 446 -13.30 3.00 -31.35
C PRO D 446 -14.46 3.97 -31.53
N VAL D 447 -15.68 3.44 -31.55
CA VAL D 447 -16.90 4.21 -31.74
C VAL D 447 -17.58 4.51 -30.41
N HIS D 448 -17.82 3.50 -29.59
CA HIS D 448 -18.67 3.59 -28.39
C HIS D 448 -17.85 3.82 -27.11
N GLY D 449 -16.51 3.70 -27.20
CA GLY D 449 -15.68 3.67 -26.02
C GLY D 449 -15.70 5.04 -25.35
N TRP D 450 -15.64 5.00 -24.02
CA TRP D 450 -15.35 6.18 -23.21
C TRP D 450 -14.90 5.72 -21.83
N GLY D 451 -14.31 6.66 -21.06
CA GLY D 451 -14.01 6.36 -19.66
C GLY D 451 -12.82 5.44 -19.45
N PRO D 452 -12.58 4.99 -18.20
CA PRO D 452 -11.42 4.15 -17.87
C PRO D 452 -11.23 2.89 -18.70
N SER D 453 -10.00 2.38 -18.72
CA SER D 453 -9.69 1.21 -19.54
C SER D 453 -10.22 -0.02 -18.83
N ASN D 454 -10.54 -1.04 -19.63
CA ASN D 454 -11.02 -2.33 -19.15
C ASN D 454 -12.36 -2.19 -18.45
N GLY D 455 -13.20 -1.36 -19.07
CA GLY D 455 -14.58 -1.22 -18.66
C GLY D 455 -15.48 -1.92 -19.67
N TYR D 456 -16.77 -1.78 -19.42
CA TYR D 456 -17.81 -2.15 -20.35
C TYR D 456 -18.82 -1.03 -20.32
N VAL D 457 -19.20 -0.54 -21.52
CA VAL D 457 -20.15 0.57 -21.65
C VAL D 457 -21.46 0.04 -22.25
N TYR D 458 -22.56 0.74 -21.95
CA TYR D 458 -23.91 0.41 -22.36
C TYR D 458 -24.66 1.68 -22.74
N GLN D 459 -25.62 1.56 -23.67
CA GLN D 459 -26.49 2.67 -24.06
C GLN D 459 -27.88 2.17 -24.43
N LYS D 460 -28.89 2.95 -24.08
CA LYS D 460 -30.23 2.75 -24.59
C LYS D 460 -30.33 3.49 -25.92
N ALA D 461 -31.08 2.97 -26.88
CA ALA D 461 -31.24 3.64 -28.17
C ALA D 461 -32.07 4.91 -27.99
N TYR D 462 -31.63 6.03 -28.58
CA TYR D 462 -32.33 7.29 -28.49
C TYR D 462 -32.59 7.85 -29.88
N LEU D 463 -33.74 8.51 -30.06
CA LEU D 463 -34.07 9.13 -31.35
C LEU D 463 -34.92 10.37 -31.09
N GLU D 464 -34.59 11.49 -31.78
CA GLU D 464 -35.19 12.79 -31.53
C GLU D 464 -35.33 13.49 -32.87
N PHE D 465 -36.57 13.90 -33.19
CA PHE D 465 -36.86 14.43 -34.52
C PHE D 465 -38.06 15.36 -34.50
N PHE D 466 -38.11 16.26 -35.50
CA PHE D 466 -39.26 17.09 -35.78
C PHE D 466 -40.22 16.30 -36.66
N VAL D 467 -41.53 16.45 -36.41
CA VAL D 467 -42.50 15.86 -37.32
C VAL D 467 -43.71 16.76 -37.49
N SER D 468 -44.26 16.73 -38.71
CA SER D 468 -45.45 17.45 -39.09
C SER D 468 -46.59 17.10 -38.14
N PRO D 469 -47.45 18.07 -37.75
CA PRO D 469 -48.54 17.77 -36.82
C PRO D 469 -49.60 16.86 -37.43
N GLU D 470 -49.64 16.80 -38.77
CA GLU D 470 -50.48 15.87 -39.50
C GLU D 470 -50.07 14.45 -39.18
N LEU D 471 -48.77 14.16 -39.22
CA LEU D 471 -48.31 12.80 -39.08
C LEU D 471 -48.24 12.39 -37.62
N TYR D 472 -47.99 13.38 -36.74
CA TYR D 472 -47.64 13.12 -35.34
C TYR D 472 -48.57 12.10 -34.68
N PRO D 473 -49.91 12.28 -34.82
CA PRO D 473 -50.85 11.30 -34.26
C PRO D 473 -50.51 9.84 -34.52
N GLU D 474 -50.13 9.53 -35.78
CA GLU D 474 -49.88 8.14 -36.16
C GLU D 474 -48.63 7.61 -35.47
N ILE D 475 -47.62 8.50 -35.33
CA ILE D 475 -46.38 8.19 -34.66
C ILE D 475 -46.64 7.87 -33.19
N LYS D 476 -47.42 8.73 -32.53
CA LYS D 476 -47.79 8.55 -31.13
C LYS D 476 -48.47 7.19 -30.93
N ARG D 477 -49.35 6.87 -31.87
CA ARG D 477 -50.14 5.66 -31.76
C ARG D 477 -49.18 4.47 -31.78
N ARG D 478 -48.29 4.50 -32.77
CA ARG D 478 -47.34 3.41 -33.00
C ARG D 478 -46.36 3.23 -31.84
N ILE D 479 -45.93 4.35 -31.25
CA ILE D 479 -44.97 4.31 -30.15
C ILE D 479 -45.63 3.67 -28.93
N GLU D 480 -46.89 4.06 -28.65
CA GLU D 480 -47.60 3.52 -27.51
C GLU D 480 -47.89 2.02 -27.61
N SER D 481 -47.98 1.56 -28.87
CA SER D 481 -48.18 0.17 -29.23
C SER D 481 -46.94 -0.69 -29.05
N HIS D 482 -45.78 -0.12 -28.68
CA HIS D 482 -44.61 -0.86 -28.26
C HIS D 482 -44.27 -0.62 -26.80
N PRO D 483 -44.29 -1.63 -25.93
CA PRO D 483 -44.09 -1.40 -24.50
C PRO D 483 -42.72 -0.93 -24.06
N ASP D 484 -41.65 -1.24 -24.81
CA ASP D 484 -40.31 -0.87 -24.36
C ASP D 484 -39.99 0.60 -24.58
N LEU D 485 -40.80 1.29 -25.40
CA LEU D 485 -40.52 2.65 -25.81
C LEU D 485 -41.17 3.64 -24.84
N THR D 486 -40.41 4.69 -24.46
CA THR D 486 -40.92 5.84 -23.76
C THR D 486 -40.63 7.06 -24.62
N TYR D 487 -41.55 8.02 -24.62
CA TYR D 487 -41.35 9.20 -25.43
C TYR D 487 -41.72 10.43 -24.62
N HIS D 488 -41.26 11.57 -25.15
CA HIS D 488 -41.79 12.88 -24.81
C HIS D 488 -41.95 13.62 -26.13
N ALA D 489 -43.11 14.24 -26.34
CA ALA D 489 -43.40 15.00 -27.54
C ALA D 489 -43.80 16.39 -27.11
N VAL D 490 -43.40 17.41 -27.88
CA VAL D 490 -43.73 18.76 -27.48
C VAL D 490 -43.88 19.67 -28.69
N THR D 491 -44.68 20.73 -28.53
CA THR D 491 -44.89 21.75 -29.55
C THR D 491 -44.26 23.06 -29.08
N LYS D 492 -43.94 23.92 -30.06
CA LYS D 492 -43.44 25.25 -29.76
C LYS D 492 -44.47 25.97 -28.89
N SER D 493 -45.75 25.69 -29.18
CA SER D 493 -46.87 26.23 -28.46
C SER D 493 -46.80 26.00 -26.97
N GLY D 494 -46.41 24.79 -26.56
CA GLY D 494 -46.20 24.51 -25.15
C GLY D 494 -46.55 23.06 -24.81
N ASN D 495 -47.70 22.63 -25.35
CA ASN D 495 -48.25 21.29 -25.21
C ASN D 495 -47.19 20.18 -25.08
N LEU D 496 -47.30 19.32 -24.06
CA LEU D 496 -46.34 18.25 -23.81
C LEU D 496 -47.09 16.93 -23.62
N GLU D 497 -46.79 15.92 -24.43
CA GLU D 497 -47.35 14.58 -24.30
C GLU D 497 -46.23 13.62 -23.93
N THR D 498 -46.57 12.55 -23.21
CA THR D 498 -45.58 11.55 -22.81
C THR D 498 -46.28 10.30 -22.26
N ASN D 499 -45.58 9.19 -22.26
CA ASN D 499 -46.07 7.94 -21.67
C ASN D 499 -45.17 7.55 -20.49
N ALA D 500 -44.40 8.52 -20.00
CA ALA D 500 -43.41 8.28 -18.98
C ALA D 500 -44.08 7.84 -17.68
N GLN D 501 -43.40 6.98 -16.92
CA GLN D 501 -43.93 6.48 -15.64
C GLN D 501 -43.51 7.33 -14.46
N SER D 502 -42.62 8.33 -14.64
CA SER D 502 -42.40 9.33 -13.58
C SER D 502 -41.76 10.58 -14.16
N ASP D 503 -41.47 11.61 -13.33
CA ASP D 503 -40.71 12.77 -13.73
C ASP D 503 -39.21 12.42 -13.75
N GLY D 504 -38.79 11.49 -12.88
CA GLY D 504 -37.40 11.28 -12.57
C GLY D 504 -36.55 10.86 -13.77
N PRO D 505 -35.21 11.05 -13.73
CA PRO D 505 -34.35 10.86 -14.91
C PRO D 505 -34.27 9.38 -15.30
N ASN D 506 -34.13 9.12 -16.61
CA ASN D 506 -33.95 7.79 -17.13
C ASN D 506 -32.52 7.73 -17.67
N ALA D 507 -31.78 6.71 -17.23
CA ALA D 507 -30.40 6.52 -17.65
C ALA D 507 -30.37 5.96 -19.08
N VAL D 508 -29.59 6.56 -19.95
CA VAL D 508 -29.47 6.10 -21.33
C VAL D 508 -28.04 5.79 -21.75
N THR D 509 -27.02 6.16 -20.95
CA THR D 509 -25.66 5.71 -21.17
C THR D 509 -25.03 5.42 -19.81
N TRP D 510 -24.41 4.26 -19.62
CA TRP D 510 -23.77 3.93 -18.35
C TRP D 510 -22.62 2.98 -18.56
N GLY D 511 -21.69 2.95 -17.59
CA GLY D 511 -20.45 2.19 -17.74
C GLY D 511 -20.04 1.54 -16.42
N VAL D 512 -19.55 0.31 -16.51
CA VAL D 512 -19.04 -0.43 -15.36
C VAL D 512 -17.52 -0.41 -15.51
N PHE D 513 -16.82 0.06 -14.47
CA PHE D 513 -15.38 0.16 -14.51
C PHE D 513 -14.80 -0.49 -13.28
N PRO D 514 -13.50 -0.90 -13.32
CA PRO D 514 -12.87 -1.62 -12.24
C PRO D 514 -12.60 -0.65 -11.10
N GLY D 515 -12.86 -1.11 -9.87
CA GLY D 515 -12.57 -0.33 -8.68
C GLY D 515 -13.47 0.88 -8.50
N LYS D 516 -14.55 1.01 -9.26
CA LYS D 516 -15.31 2.23 -9.29
C LYS D 516 -16.79 1.90 -9.23
N GLU D 517 -17.54 2.90 -8.73
CA GLU D 517 -18.99 2.92 -8.81
C GLU D 517 -19.42 3.05 -10.27
N ILE D 518 -20.70 2.76 -10.51
CA ILE D 518 -21.23 2.77 -11.86
C ILE D 518 -21.19 4.23 -12.33
N PHE D 519 -20.63 4.44 -13.53
CA PHE D 519 -20.71 5.73 -14.19
C PHE D 519 -21.99 5.77 -14.99
N GLN D 520 -22.71 6.90 -14.96
CA GLN D 520 -23.94 7.05 -15.71
C GLN D 520 -24.00 8.45 -16.27
N PRO D 521 -23.21 8.78 -17.30
CA PRO D 521 -23.04 10.17 -17.72
C PRO D 521 -24.16 10.81 -18.51
N THR D 522 -25.05 10.02 -19.12
CA THR D 522 -26.07 10.55 -20.00
C THR D 522 -27.43 10.07 -19.50
N ILE D 523 -28.36 11.04 -19.33
CA ILE D 523 -29.72 10.78 -18.87
C ILE D 523 -30.71 11.44 -19.80
N VAL D 524 -31.99 11.17 -19.57
CA VAL D 524 -33.11 11.82 -20.23
C VAL D 524 -34.09 12.21 -19.12
N GLU D 525 -34.62 13.44 -19.19
CA GLU D 525 -35.39 14.01 -18.08
C GLU D 525 -36.22 15.19 -18.56
N ARG D 526 -37.43 15.35 -17.99
CA ARG D 526 -38.48 16.23 -18.49
C ARG D 526 -38.11 17.71 -18.47
N ILE D 527 -37.70 18.21 -17.32
CA ILE D 527 -37.38 19.63 -17.17
C ILE D 527 -36.25 20.02 -18.15
N SER D 528 -35.28 19.15 -18.28
CA SER D 528 -34.16 19.35 -19.19
C SER D 528 -34.60 19.38 -20.64
N PHE D 529 -35.57 18.51 -20.96
CA PHE D 529 -36.12 18.44 -22.30
C PHE D 529 -36.90 19.70 -22.64
N LEU D 530 -37.51 20.29 -21.61
CA LEU D 530 -38.30 21.48 -21.82
C LEU D 530 -37.36 22.66 -22.03
N ALA D 531 -36.20 22.63 -21.36
CA ALA D 531 -35.16 23.62 -21.61
C ALA D 531 -34.63 23.49 -23.03
N TRP D 532 -34.45 22.23 -23.47
CA TRP D 532 -33.88 21.91 -24.76
C TRP D 532 -34.84 22.31 -25.88
N LYS D 533 -36.12 21.91 -25.78
CA LYS D 533 -37.08 22.22 -26.84
C LYS D 533 -37.04 23.70 -27.20
N ASP D 534 -36.90 24.62 -26.19
CA ASP D 534 -36.96 26.03 -26.52
C ASP D 534 -35.74 26.42 -27.35
N GLU D 535 -34.58 25.85 -26.97
CA GLU D 535 -33.38 26.06 -27.75
C GLU D 535 -33.56 25.50 -29.17
N ALA D 536 -34.12 24.29 -29.26
CA ALA D 536 -34.23 23.62 -30.53
C ALA D 536 -35.13 24.40 -31.50
N TYR D 537 -36.25 24.94 -31.03
CA TYR D 537 -37.12 25.75 -31.87
C TYR D 537 -36.43 27.07 -32.20
N HIS D 538 -35.72 27.62 -31.20
CA HIS D 538 -35.06 28.91 -31.38
C HIS D 538 -33.99 28.83 -32.48
N LEU D 539 -33.27 27.72 -32.52
CA LEU D 539 -32.24 27.52 -33.53
C LEU D 539 -32.89 27.47 -34.91
N GLY D 540 -33.97 26.70 -35.05
CA GLY D 540 -34.68 26.69 -36.33
C GLY D 540 -35.24 28.06 -36.73
N MET D 541 -35.54 28.89 -35.73
CA MET D 541 -36.09 30.22 -35.98
C MET D 541 -34.98 31.19 -36.36
N GLU D 542 -33.82 31.08 -35.71
CA GLU D 542 -32.63 31.83 -36.08
C GLU D 542 -32.19 31.48 -37.49
N TRP D 543 -32.42 30.23 -37.91
CA TRP D 543 -32.16 29.79 -39.27
C TRP D 543 -33.07 30.54 -40.26
N ALA D 544 -34.35 30.61 -39.91
CA ALA D 544 -35.31 31.37 -40.70
C ALA D 544 -34.92 32.84 -40.82
N ARG D 545 -34.39 33.39 -39.73
CA ARG D 545 -33.99 34.80 -39.70
C ARG D 545 -32.76 35.04 -40.57
N CYS D 546 -32.04 33.99 -41.00
CA CYS D 546 -30.99 34.18 -41.98
C CYS D 546 -31.49 34.71 -43.31
N TYR D 547 -32.73 34.38 -43.65
CA TYR D 547 -33.36 34.76 -44.90
C TYR D 547 -34.13 36.06 -44.76
N ASP D 548 -34.41 36.68 -45.91
CA ASP D 548 -35.13 37.95 -45.94
C ASP D 548 -36.57 37.72 -45.47
N ALA D 549 -37.14 38.75 -44.82
CA ALA D 549 -38.52 38.71 -44.34
C ALA D 549 -39.47 38.52 -45.51
N GLY D 550 -40.37 37.53 -45.40
CA GLY D 550 -41.31 37.17 -46.45
C GLY D 550 -40.80 36.16 -47.48
N SER D 551 -39.55 35.71 -47.31
CA SER D 551 -38.94 34.67 -48.13
C SER D 551 -39.77 33.40 -48.16
N PRO D 552 -39.69 32.58 -49.22
CA PRO D 552 -40.17 31.19 -49.14
C PRO D 552 -39.42 30.39 -48.08
N SER D 553 -38.10 30.63 -47.96
CA SER D 553 -37.29 29.96 -46.95
C SER D 553 -37.71 30.36 -45.56
N ARG D 554 -37.89 31.67 -45.38
CA ARG D 554 -38.16 32.22 -44.08
C ARG D 554 -39.55 31.80 -43.61
N VAL D 555 -40.53 31.92 -44.50
CA VAL D 555 -41.90 31.56 -44.17
C VAL D 555 -41.99 30.07 -43.87
N LEU D 556 -41.28 29.27 -44.67
CA LEU D 556 -41.28 27.82 -44.54
C LEU D 556 -40.81 27.41 -43.15
N LEU D 557 -39.64 27.92 -42.76
CA LEU D 557 -39.01 27.56 -41.50
C LEU D 557 -39.81 28.07 -40.31
N GLU D 558 -40.29 29.33 -40.37
CA GLU D 558 -41.10 29.86 -39.29
C GLU D 558 -42.38 29.07 -39.10
N GLU D 559 -43.03 28.77 -40.22
CA GLU D 559 -44.19 27.88 -40.20
C GLU D 559 -43.84 26.58 -39.49
N MET D 560 -42.74 25.97 -39.95
CA MET D 560 -42.35 24.64 -39.51
C MET D 560 -42.24 24.63 -37.99
N MET D 561 -41.50 25.63 -37.47
CA MET D 561 -41.19 25.66 -36.06
C MET D 561 -42.46 25.92 -35.25
N ASN D 562 -43.35 26.78 -35.77
CA ASN D 562 -44.54 27.09 -34.99
C ASN D 562 -45.50 25.92 -34.85
N THR D 563 -45.47 25.03 -35.85
CA THR D 563 -46.54 24.08 -36.06
C THR D 563 -46.10 22.63 -35.93
N TRP D 564 -44.77 22.33 -35.99
CA TRP D 564 -44.31 20.95 -35.93
C TRP D 564 -44.03 20.52 -34.48
N TRP D 565 -44.20 19.23 -34.24
CA TRP D 565 -43.84 18.61 -32.98
C TRP D 565 -42.35 18.30 -32.95
N LEU D 566 -41.80 18.21 -31.73
CA LEU D 566 -40.48 17.65 -31.47
C LEU D 566 -40.65 16.43 -30.58
N VAL D 567 -40.27 15.26 -31.08
CA VAL D 567 -40.46 13.99 -30.39
C VAL D 567 -39.09 13.41 -30.05
N ASN D 568 -38.89 13.01 -28.78
CA ASN D 568 -37.75 12.19 -28.37
C ASN D 568 -38.28 10.81 -28.01
N ILE D 569 -37.48 9.77 -28.19
CA ILE D 569 -37.92 8.40 -27.90
C ILE D 569 -36.71 7.64 -27.35
N VAL D 570 -36.93 6.97 -26.21
CA VAL D 570 -35.95 6.08 -25.60
C VAL D 570 -36.49 4.66 -25.75
N ASN D 571 -35.61 3.77 -26.16
CA ASN D 571 -35.92 2.35 -26.23
C ASN D 571 -35.20 1.74 -25.03
N ASN D 572 -36.00 1.41 -24.01
CA ASN D 572 -35.51 0.86 -22.76
C ASN D 572 -34.96 -0.55 -22.91
N ASP D 573 -35.30 -1.20 -24.04
CA ASP D 573 -34.57 -2.34 -24.49
C ASP D 573 -33.24 -1.92 -25.11
N PHE D 574 -32.14 -2.35 -24.49
CA PHE D 574 -30.81 -2.09 -25.01
C PHE D 574 -30.21 -3.39 -25.56
N HIS D 575 -31.00 -4.47 -25.56
CA HIS D 575 -30.59 -5.71 -26.18
C HIS D 575 -30.83 -5.62 -27.70
N GLN D 576 -31.93 -4.97 -28.09
CA GLN D 576 -32.32 -4.72 -29.47
C GLN D 576 -32.65 -3.23 -29.65
N GLY D 577 -31.84 -2.50 -30.45
CA GLY D 577 -31.92 -1.05 -30.56
C GLY D 577 -32.81 -0.56 -31.70
N ASN D 578 -32.68 -1.24 -32.86
CA ASN D 578 -33.38 -0.90 -34.08
C ASN D 578 -34.91 -0.93 -33.99
N THR D 579 -35.48 -1.53 -32.92
CA THR D 579 -36.92 -1.57 -32.77
C THR D 579 -37.52 -0.20 -33.08
N LEU D 580 -36.81 0.88 -32.71
CA LEU D 580 -37.36 2.20 -32.87
C LEU D 580 -37.32 2.70 -34.31
N PHE D 581 -36.34 2.31 -35.13
CA PHE D 581 -36.29 2.64 -36.54
C PHE D 581 -37.34 1.86 -37.35
N GLU D 582 -37.61 0.63 -36.88
CA GLU D 582 -38.56 -0.26 -37.54
C GLU D 582 -39.97 0.24 -37.32
N ILE D 583 -40.30 0.66 -36.08
CA ILE D 583 -41.64 1.11 -35.71
C ILE D 583 -42.09 2.28 -36.57
N LEU D 584 -41.15 3.09 -37.06
CA LEU D 584 -41.46 4.26 -37.83
C LEU D 584 -41.44 4.03 -39.33
N LYS D 585 -41.14 2.82 -39.79
CA LYS D 585 -40.98 2.58 -41.22
C LYS D 585 -42.35 2.65 -41.90
N GLY D 586 -42.39 3.31 -43.06
CA GLY D 586 -43.60 3.45 -43.87
C GLY D 586 -44.29 4.79 -43.68
N LEU D 587 -44.03 5.51 -42.59
CA LEU D 587 -44.65 6.80 -42.39
C LEU D 587 -43.88 7.85 -43.17
N GLU D 588 -44.63 8.83 -43.68
CA GLU D 588 -44.07 9.93 -44.46
C GLU D 588 -44.88 11.20 -44.24
N VAL D 589 -44.24 12.37 -44.23
CA VAL D 589 -44.93 13.64 -44.09
C VAL D 589 -45.57 14.05 -45.43
N THR D 590 -46.74 14.71 -45.35
CA THR D 590 -47.48 15.17 -46.51
C THR D 590 -46.88 16.46 -47.03
N ASP D 591 -46.97 16.67 -48.36
CA ASP D 591 -46.62 17.93 -49.00
C ASP D 591 -45.16 18.29 -48.80
N LEU D 592 -44.29 17.30 -49.04
CA LEU D 592 -42.86 17.51 -48.92
C LEU D 592 -42.37 18.54 -49.94
N ASP D 593 -43.03 18.59 -51.11
CA ASP D 593 -42.65 19.49 -52.19
C ASP D 593 -43.41 20.78 -52.21
N LYS D 594 -44.33 20.97 -51.24
CA LYS D 594 -45.19 22.14 -51.24
C LYS D 594 -44.39 23.38 -50.87
N VAL D 595 -44.52 24.42 -51.72
CA VAL D 595 -44.00 25.74 -51.45
C VAL D 595 -45.11 26.55 -50.81
N PRO D 596 -44.85 27.24 -49.67
CA PRO D 596 -45.86 28.14 -49.09
C PRO D 596 -45.92 29.47 -49.87
N GLU D 597 -47.04 29.77 -50.53
CA GLU D 597 -47.09 30.82 -51.57
C GLU D 597 -47.10 32.22 -50.95
N THR D 598 -46.25 33.12 -51.43
CA THR D 598 -46.41 34.57 -51.27
C THR D 598 -46.55 35.10 -52.71
N GLN D 599 -47.60 35.91 -52.99
CA GLN D 599 -48.15 36.16 -54.32
C GLN D 599 -47.83 37.60 -54.78
#